data_3DW5
# 
_entry.id   3DW5 
# 
_audit_conform.dict_name       mmcif_pdbx.dic 
_audit_conform.dict_version    5.377 
_audit_conform.dict_location   http://mmcif.pdb.org/dictionaries/ascii/mmcif_pdbx.dic 
# 
loop_
_database_2.database_id 
_database_2.database_code 
_database_2.pdbx_database_accession 
_database_2.pdbx_DOI 
PDB   3DW5         pdb_00003dw5 10.2210/pdb3dw5/pdb 
NDB   UR0163       ?            ?                   
RCSB  RCSB048563   ?            ?                   
WWPDB D_1000048563 ?            ?                   
# 
loop_
_pdbx_database_related.db_name 
_pdbx_database_related.db_id 
_pdbx_database_related.details 
_pdbx_database_related.content_type 
PDB 1q9a . unspecified 
PDB 3DVZ . unspecified 
PDB 3DW4 . unspecified 
PDB 3DW6 . unspecified 
PDB 3DW7 . unspecified 
PDB 483D . unspecified 
# 
_pdbx_database_status.entry_id                        3DW5 
_pdbx_database_status.deposit_site                    RCSB 
_pdbx_database_status.process_site                    RCSB 
_pdbx_database_status.recvd_initial_deposition_date   2008-07-21 
_pdbx_database_status.status_code                     REL 
_pdbx_database_status.status_code_sf                  REL 
_pdbx_database_status.status_code_mr                  ? 
_pdbx_database_status.SG_entry                        ? 
_pdbx_database_status.pdb_format_compatible           Y 
_pdbx_database_status.status_code_cs                  ? 
_pdbx_database_status.methods_development_category    ? 
_pdbx_database_status.status_code_nmr_data            ? 
# 
loop_
_audit_author.name 
_audit_author.pdbx_ordinal 
'Olieric, V.'        1 
'Rieder, U.'         2 
'Lang, K.'           3 
'Serganov, A.'       4 
'Schulze-Briese, C.' 5 
'Micura, R.'         6 
'Dumas, P.'          7 
'Ennifar, E.'        8 
# 
_citation.id                        primary 
_citation.title                     'A fast selenium derivatization strategy for crystallization and phasing of RNA structures.' 
_citation.journal_abbrev            Rna 
_citation.journal_volume            15 
_citation.page_first                707 
_citation.page_last                 715 
_citation.year                      2009 
_citation.journal_id_ASTM           RNARFU 
_citation.country                   UK 
_citation.journal_id_ISSN           1355-8382 
_citation.journal_id_CSD            2122 
_citation.book_publisher            ? 
_citation.pdbx_database_id_PubMed   19228585 
_citation.pdbx_database_id_DOI      10.1261/rna.1499309 
# 
loop_
_citation_author.citation_id 
_citation_author.name 
_citation_author.ordinal 
_citation_author.identifier_ORCID 
primary 'Olieric, V.'        1 ? 
primary 'Rieder, U.'         2 ? 
primary 'Lang, K.'           3 ? 
primary 'Serganov, A.'       4 ? 
primary 'Schulze-Briese, C.' 5 ? 
primary 'Micura, R.'         6 ? 
primary 'Dumas, P.'          7 ? 
primary 'Ennifar, E.'        8 ? 
# 
_cell.length_a           29.560 
_cell.length_b           29.560 
_cell.length_c           76.160 
_cell.angle_alpha        90.000 
_cell.angle_beta         90.000 
_cell.angle_gamma        90.000 
_cell.entry_id           3DW5 
_cell.pdbx_unique_axis   ? 
_cell.Z_PDB              4 
_cell.length_a_esd       ? 
_cell.length_b_esd       ? 
_cell.length_c_esd       ? 
_cell.angle_alpha_esd    ? 
_cell.angle_beta_esd     ? 
_cell.angle_gamma_esd    ? 
# 
_symmetry.space_group_name_H-M             'P 43' 
_symmetry.entry_id                         3DW5 
_symmetry.Int_Tables_number                78 
_symmetry.pdbx_full_space_group_name_H-M   ? 
_symmetry.cell_setting                     ? 
_symmetry.space_group_name_Hall            ? 
# 
loop_
_entity.id 
_entity.type 
_entity.src_method 
_entity.pdbx_description 
_entity.formula_weight 
_entity.pdbx_number_of_molecules 
_entity.pdbx_ec 
_entity.pdbx_mutation 
_entity.pdbx_fragment 
_entity.details 
1 polymer syn 'Sarcin/Ricin Domain from E. Coli 23 S rRNA' 8758.282 1   ? ? ? ? 
2 water   nat water                                        18.015   146 ? ? ? ? 
# 
_entity_poly.entity_id                      1 
_entity_poly.type                           polyribonucleotide 
_entity_poly.nstd_linkage                   no 
_entity_poly.nstd_monomer                   yes 
_entity_poly.pdbx_seq_one_letter_code       'UGCUCCUAG(OMU)ACGAGAGGACCGGAGUG' 
_entity_poly.pdbx_seq_one_letter_code_can   UGCUCCUAGUACGAGAGGACCGGAGUG 
_entity_poly.pdbx_strand_id                 A 
_entity_poly.pdbx_target_identifier         ? 
# 
loop_
_entity_poly_seq.entity_id 
_entity_poly_seq.num 
_entity_poly_seq.mon_id 
_entity_poly_seq.hetero 
1 1  U   n 
1 2  G   n 
1 3  C   n 
1 4  U   n 
1 5  C   n 
1 6  C   n 
1 7  U   n 
1 8  A   n 
1 9  G   n 
1 10 OMU n 
1 11 A   n 
1 12 C   n 
1 13 G   n 
1 14 A   n 
1 15 G   n 
1 16 A   n 
1 17 G   n 
1 18 G   n 
1 19 A   n 
1 20 C   n 
1 21 C   n 
1 22 G   n 
1 23 G   n 
1 24 A   n 
1 25 G   n 
1 26 U   n 
1 27 G   n 
# 
_struct_ref.id                         1 
_struct_ref.db_name                    PDB 
_struct_ref.db_code                    3DW5 
_struct_ref.pdbx_db_accession          3DW5 
_struct_ref.entity_id                  1 
_struct_ref.pdbx_align_begin           2647 
_struct_ref.pdbx_seq_one_letter_code   UGCUCCUAGUACGAGAGGACCGGAGUG 
_struct_ref.pdbx_db_isoform            ? 
# 
_struct_ref_seq.align_id                      1 
_struct_ref_seq.ref_id                        1 
_struct_ref_seq.pdbx_PDB_id_code              3DW5 
_struct_ref_seq.pdbx_strand_id                A 
_struct_ref_seq.seq_align_beg                 1 
_struct_ref_seq.pdbx_seq_align_beg_ins_code   ? 
_struct_ref_seq.seq_align_end                 27 
_struct_ref_seq.pdbx_seq_align_end_ins_code   ? 
_struct_ref_seq.pdbx_db_accession             3DW5 
_struct_ref_seq.db_align_beg                  2647 
_struct_ref_seq.pdbx_db_align_beg_ins_code    ? 
_struct_ref_seq.db_align_end                  2673 
_struct_ref_seq.pdbx_db_align_end_ins_code    ? 
_struct_ref_seq.pdbx_auth_seq_align_beg       2647 
_struct_ref_seq.pdbx_auth_seq_align_end       2673 
# 
loop_
_chem_comp.id 
_chem_comp.type 
_chem_comp.mon_nstd_flag 
_chem_comp.name 
_chem_comp.pdbx_synonyms 
_chem_comp.formula 
_chem_comp.formula_weight 
A   'RNA linking' y "ADENOSINE-5'-MONOPHOSPHATE"         ? 'C10 H14 N5 O7 P' 347.221 
C   'RNA linking' y "CYTIDINE-5'-MONOPHOSPHATE"          ? 'C9 H14 N3 O8 P'  323.197 
G   'RNA linking' y "GUANOSINE-5'-MONOPHOSPHATE"         ? 'C10 H14 N5 O8 P' 363.221 
HOH non-polymer   . WATER                                ? 'H2 O'            18.015  
OMU 'RNA linking' n 
;O2'-METHYLURIDINE 5'-MONOPHOSPHATE
;
? 'C10 H15 N2 O9 P' 338.208 
U   'RNA linking' y "URIDINE-5'-MONOPHOSPHATE"           ? 'C9 H13 N2 O9 P'  324.181 
# 
_exptl.crystals_number   1 
_exptl.entry_id          3DW5 
_exptl.method            'X-RAY DIFFRACTION' 
# 
_exptl_crystal.id                    1 
_exptl_crystal.density_Matthews      1.90 
_exptl_crystal.density_meas          ? 
_exptl_crystal.density_percent_sol   35.25 
_exptl_crystal.description           ? 
_exptl_crystal.F_000                 ? 
_exptl_crystal.preparation           ? 
# 
_exptl_crystal_grow.crystal_id      1 
_exptl_crystal_grow.method          'VAPOR DIFFUSION, HANGING DROP' 
_exptl_crystal_grow.pH              7.0 
_exptl_crystal_grow.temp            293 
_exptl_crystal_grow.pdbx_details    
'3.2 M (NH4)2SO4, 50 mM K-MOPS pH 7.0, 10 mM MgCl2, 10 mM MnCl2, vapor diffusion, hanging drop, temperature 293K' 
_exptl_crystal_grow.temp_details    ? 
_exptl_crystal_grow.pdbx_pH_range   . 
# 
loop_
_exptl_crystal_grow_comp.crystal_id 
_exptl_crystal_grow_comp.id 
_exptl_crystal_grow_comp.sol_id 
_exptl_crystal_grow_comp.name 
_exptl_crystal_grow_comp.conc 
_exptl_crystal_grow_comp.volume 
_exptl_crystal_grow_comp.details 
1 1  1 '(NH4)2SO4' ? ? ? 
1 2  1 K-MOPS      ? ? ? 
1 3  1 MgCl2       ? ? ? 
1 4  1 MnCl2       ? ? ? 
1 5  1 H2O         ? ? ? 
1 6  2 '(NH4)2SO4' ? ? ? 
1 7  2 K-MOPS      ? ? ? 
1 8  2 MgCl2       ? ? ? 
1 9  2 MnCl2       ? ? ? 
1 10 2 H2O         ? ? ? 
# 
_diffrn.id                     1 
_diffrn.ambient_temp           90 
_diffrn.ambient_temp_details   ? 
_diffrn.crystal_id             1 
# 
_diffrn_detector.diffrn_id              1 
_diffrn_detector.detector               PIXEL 
_diffrn_detector.type                   'PSI PILATUS 6M' 
_diffrn_detector.pdbx_collection_date   2008-04-22 
_diffrn_detector.details                ? 
# 
_diffrn_radiation.diffrn_id                        1 
_diffrn_radiation.pdbx_diffrn_protocol             'SINGLE WAVELENGTH' 
_diffrn_radiation.monochromator                    ? 
_diffrn_radiation.wavelength_id                    1 
_diffrn_radiation.pdbx_monochromatic_or_laue_m_l   M 
_diffrn_radiation.pdbx_scattering_type             x-ray 
# 
_diffrn_radiation_wavelength.id           1 
_diffrn_radiation_wavelength.wavelength   0.85 
_diffrn_radiation_wavelength.wt           1.0 
# 
_diffrn_source.diffrn_id                   1 
_diffrn_source.source                      SYNCHROTRON 
_diffrn_source.type                        'SLS BEAMLINE X06SA' 
_diffrn_source.pdbx_wavelength_list        0.85 
_diffrn_source.pdbx_wavelength             ? 
_diffrn_source.pdbx_synchrotron_site       SLS 
_diffrn_source.pdbx_synchrotron_beamline   X06SA 
# 
_reflns.entry_id                     3DW5 
_reflns.d_resolution_high            0.960 
_reflns.number_obs                   39656 
_reflns.pdbx_Rmerge_I_obs            ? 
_reflns.pdbx_netI_over_sigmaI        34.500 
_reflns.percent_possible_obs         99.800 
_reflns.B_iso_Wilson_estimate        12.625 
_reflns.observed_criterion_sigma_I   ? 
_reflns.observed_criterion_sigma_F   ? 
_reflns.d_resolution_low             ? 
_reflns.number_all                   ? 
_reflns.pdbx_Rsym_value              0.032 
_reflns.pdbx_redundancy              11.9 
_reflns.R_free_details               ? 
_reflns.limit_h_max                  ? 
_reflns.limit_h_min                  ? 
_reflns.limit_k_max                  ? 
_reflns.limit_k_min                  ? 
_reflns.limit_l_max                  ? 
_reflns.limit_l_min                  ? 
_reflns.observed_criterion_F_max     ? 
_reflns.observed_criterion_F_min     ? 
_reflns.pdbx_chi_squared             ? 
_reflns.pdbx_scaling_rejects         ? 
_reflns.pdbx_diffrn_id               1 
_reflns.pdbx_ordinal                 1 
# 
_reflns_shell.d_res_high             0.96 
_reflns_shell.d_res_low              0.97 
_reflns_shell.number_measured_obs    9571 
_reflns_shell.number_measured_all    ? 
_reflns_shell.number_unique_obs      1123 
_reflns_shell.Rmerge_I_obs           ? 
_reflns_shell.meanI_over_sigI_obs    3.1 
_reflns_shell.pdbx_Rsym_value        0.634 
_reflns_shell.pdbx_chi_squared       ? 
_reflns_shell.pdbx_redundancy        ? 
_reflns_shell.percent_possible_obs   ? 
_reflns_shell.number_unique_all      ? 
_reflns_shell.percent_possible_all   92.90 
_reflns_shell.pdbx_diffrn_id         ? 
_reflns_shell.pdbx_ordinal           1 
# 
_refine.entry_id                                 3DW5 
_refine.ls_d_res_high                            0.960 
_refine.ls_d_res_low                             27.557 
_refine.pdbx_ls_sigma_F                          2.00 
_refine.ls_percent_reflns_obs                    99.770 
_refine.ls_number_reflns_obs                     39656 
_refine.ls_R_factor_obs                          0.150 
_refine.ls_R_factor_R_work                       0.149 
_refine.ls_R_factor_R_free                       0.165 
_refine.ls_percent_reflns_R_free                 5.030 
_refine.ls_number_reflns_R_free                  1995 
_refine.B_iso_mean                               14.204 
_refine.solvent_model_param_bsol                 39.753 
_refine.solvent_model_param_ksol                 0.436 
_refine.aniso_B[1][1]                            -0.250 
_refine.aniso_B[2][2]                            -0.250 
_refine.aniso_B[3][3]                            0.500 
_refine.aniso_B[1][2]                            -0.000 
_refine.aniso_B[1][3]                            0.000 
_refine.aniso_B[2][3]                            -0.000 
_refine.overall_SU_ML                            0.090 
_refine.solvent_model_details                    'FLAT BULK SOLVENT MODEL' 
_refine.pdbx_solvent_vdw_probe_radii             1.110 
_refine.pdbx_solvent_shrinkage_radii             0.900 
_refine.pdbx_method_to_determine_struct          ? 
_refine.pdbx_stereochemistry_target_values       ML 
_refine.B_iso_max                                35.27 
_refine.B_iso_min                                7.01 
_refine.occupancy_max                            1.00 
_refine.occupancy_min                            0.25 
_refine.pdbx_ls_sigma_I                          ? 
_refine.ls_number_reflns_all                     ? 
_refine.ls_R_factor_all                          ? 
_refine.ls_redundancy_reflns_obs                 ? 
_refine.pdbx_data_cutoff_high_absF               ? 
_refine.pdbx_data_cutoff_low_absF                ? 
_refine.ls_number_parameters                     ? 
_refine.ls_number_restraints                     ? 
_refine.ls_R_factor_R_free_error                 ? 
_refine.ls_R_factor_R_free_error_details         ? 
_refine.pdbx_starting_model                      1q9a 
_refine.pdbx_ls_cross_valid_method               ? 
_refine.pdbx_R_Free_selection_details            random 
_refine.pdbx_stereochem_target_val_spec_case     ? 
_refine.pdbx_isotropic_thermal_model             ? 
_refine.details                                  ? 
_refine.correlation_coeff_Fo_to_Fc               ? 
_refine.correlation_coeff_Fo_to_Fc_free          ? 
_refine.pdbx_solvent_ion_probe_radii             ? 
_refine.overall_SU_R_Cruickshank_DPI             ? 
_refine.overall_SU_R_free                        ? 
_refine.overall_SU_B                             ? 
_refine.pdbx_overall_ESU_R_Free                  ? 
_refine.pdbx_data_cutoff_high_rms_absF           ? 
_refine.pdbx_overall_ESU_R                       ? 
_refine.ls_wR_factor_R_free                      ? 
_refine.ls_wR_factor_R_work                      ? 
_refine.overall_FOM_free_R_set                   ? 
_refine.overall_FOM_work_R_set                   ? 
_refine.pdbx_overall_phase_error                 ? 
_refine.pdbx_refine_id                           'X-RAY DIFFRACTION' 
_refine.pdbx_diffrn_id                           1 
_refine.pdbx_TLS_residual_ADP_flag               ? 
_refine.pdbx_overall_SU_R_free_Cruickshank_DPI   ? 
_refine.pdbx_overall_SU_R_Blow_DPI               ? 
_refine.pdbx_overall_SU_R_free_Blow_DPI          ? 
# 
_refine_hist.pdbx_refine_id                   'X-RAY DIFFRACTION' 
_refine_hist.cycle_id                         LAST 
_refine_hist.pdbx_number_atoms_protein        0 
_refine_hist.pdbx_number_atoms_nucleic_acid   580 
_refine_hist.pdbx_number_atoms_ligand         0 
_refine_hist.number_atoms_solvent             146 
_refine_hist.number_atoms_total               726 
_refine_hist.d_res_high                       0.960 
_refine_hist.d_res_low                        27.557 
# 
loop_
_refine_ls_restr.type 
_refine_ls_restr.number 
_refine_ls_restr.dev_ideal 
_refine_ls_restr.dev_ideal_target 
_refine_ls_restr.weight 
_refine_ls_restr.pdbx_refine_id 
_refine_ls_restr.pdbx_restraint_function 
f_bond_d           704  0.004  ? ? 'X-RAY DIFFRACTION' ? 
f_angle_d          1099 1.141  ? ? 'X-RAY DIFFRACTION' ? 
f_chiral_restr     142  0.054  ? ? 'X-RAY DIFFRACTION' ? 
f_plane_restr      29   0.006  ? ? 'X-RAY DIFFRACTION' ? 
f_dihedral_angle_d 309  31.317 ? ? 'X-RAY DIFFRACTION' ? 
# 
loop_
_refine_ls_shell.d_res_high 
_refine_ls_shell.d_res_low 
_refine_ls_shell.pdbx_total_number_of_bins_used 
_refine_ls_shell.percent_reflns_obs 
_refine_ls_shell.number_reflns_R_work 
_refine_ls_shell.R_factor_all 
_refine_ls_shell.R_factor_R_work 
_refine_ls_shell.R_factor_R_free 
_refine_ls_shell.percent_reflns_R_free 
_refine_ls_shell.number_reflns_R_free 
_refine_ls_shell.R_factor_R_free_error 
_refine_ls_shell.number_reflns_all 
_refine_ls_shell.number_reflns_obs 
_refine_ls_shell.redundancy_reflns_obs 
_refine_ls_shell.pdbx_refine_id 
0.960 0.984  14 97.000  2623 . 0.200 0.241 . 136 . 2759 . . 'X-RAY DIFFRACTION' 
0.984 1.011  14 100.000 2664 . 0.176 0.190 . 136 . 2800 . . 'X-RAY DIFFRACTION' 
1.011 1.040  14 100.000 2682 . 0.160 0.181 . 143 . 2825 . . 'X-RAY DIFFRACTION' 
1.040 1.074  14 100.000 2729 . 0.151 0.158 . 131 . 2860 . . 'X-RAY DIFFRACTION' 
1.074 1.112  14 100.000 2652 . 0.141 0.163 . 151 . 2803 . . 'X-RAY DIFFRACTION' 
1.112 1.157  14 100.000 2710 . 0.139 0.165 . 137 . 2847 . . 'X-RAY DIFFRACTION' 
1.157 1.209  14 100.000 2673 . 0.140 0.147 . 146 . 2819 . . 'X-RAY DIFFRACTION' 
1.209 1.273  14 100.000 2725 . 0.140 0.139 . 139 . 2864 . . 'X-RAY DIFFRACTION' 
1.273 1.353  14 100.000 2702 . 0.142 0.143 . 140 . 2842 . . 'X-RAY DIFFRACTION' 
1.353 1.457  14 100.000 2672 . 0.147 0.170 . 144 . 2816 . . 'X-RAY DIFFRACTION' 
1.457 1.604  14 100.000 2710 . 0.141 0.146 . 137 . 2847 . . 'X-RAY DIFFRACTION' 
1.604 1.836  14 100.000 2708 . 0.131 0.154 . 155 . 2863 . . 'X-RAY DIFFRACTION' 
1.836 2.313  14 100.000 2682 . 0.159 0.168 . 155 . 2837 . . 'X-RAY DIFFRACTION' 
2.313 27.569 14 100.000 2729 . 0.149 0.168 . 145 . 2874 . . 'X-RAY DIFFRACTION' 
# 
_struct.entry_id                  3DW5 
_struct.title                     'Crystal Structure of the Sarcin/Ricin Domain from E. COLI 23S rRNA, U2656-OCH3 modified' 
_struct.pdbx_model_details        ? 
_struct.pdbx_CASP_flag            ? 
_struct.pdbx_model_type_details   ? 
# 
_struct_keywords.entry_id        3DW5 
_struct_keywords.text            'RNA, Sarcin Ricin Loop' 
_struct_keywords.pdbx_keywords   RNA 
# 
loop_
_struct_asym.id 
_struct_asym.pdbx_blank_PDB_chainid_flag 
_struct_asym.pdbx_modified 
_struct_asym.entity_id 
_struct_asym.details 
A N N 1 ? 
B N N 2 ? 
# 
_struct_biol.id        1 
_struct_biol.details   ? 
# 
loop_
_struct_conn.id 
_struct_conn.conn_type_id 
_struct_conn.pdbx_leaving_atom_flag 
_struct_conn.pdbx_PDB_id 
_struct_conn.ptnr1_label_asym_id 
_struct_conn.ptnr1_label_comp_id 
_struct_conn.ptnr1_label_seq_id 
_struct_conn.ptnr1_label_atom_id 
_struct_conn.pdbx_ptnr1_label_alt_id 
_struct_conn.pdbx_ptnr1_PDB_ins_code 
_struct_conn.pdbx_ptnr1_standard_comp_id 
_struct_conn.ptnr1_symmetry 
_struct_conn.ptnr2_label_asym_id 
_struct_conn.ptnr2_label_comp_id 
_struct_conn.ptnr2_label_seq_id 
_struct_conn.ptnr2_label_atom_id 
_struct_conn.pdbx_ptnr2_label_alt_id 
_struct_conn.pdbx_ptnr2_PDB_ins_code 
_struct_conn.ptnr1_auth_asym_id 
_struct_conn.ptnr1_auth_comp_id 
_struct_conn.ptnr1_auth_seq_id 
_struct_conn.ptnr2_auth_asym_id 
_struct_conn.ptnr2_auth_comp_id 
_struct_conn.ptnr2_auth_seq_id 
_struct_conn.ptnr2_symmetry 
_struct_conn.pdbx_ptnr3_label_atom_id 
_struct_conn.pdbx_ptnr3_label_seq_id 
_struct_conn.pdbx_ptnr3_label_comp_id 
_struct_conn.pdbx_ptnr3_label_asym_id 
_struct_conn.pdbx_ptnr3_label_alt_id 
_struct_conn.pdbx_ptnr3_PDB_ins_code 
_struct_conn.details 
_struct_conn.pdbx_dist_value 
_struct_conn.pdbx_value_order 
_struct_conn.pdbx_role 
covale1  covale both ? A G   9  "O3'" ? ? ? 1_555 A OMU 10 P  ? ? A G   2655 A OMU 2656 1_555 ? ? ? ? ? ? ?                    
1.596 ? ? 
covale2  covale both ? A OMU 10 "O3'" ? ? ? 1_555 A A   11 P  ? ? A OMU 2656 A A   2657 1_555 ? ? ? ? ? ? ?                    
1.599 ? ? 
hydrog1  hydrog ?    ? A G   2  N1    A ? ? 1_555 A U   26 O2 ? ? A G   2648 A U   2672 1_555 ? ? ? ? ? ? TYPE_28_PAIR         ? ? 
? 
hydrog2  hydrog ?    ? A G   2  O6    A ? ? 1_555 A U   26 N3 ? ? A G   2648 A U   2672 1_555 ? ? ? ? ? ? TYPE_28_PAIR         ? ? 
? 
hydrog3  hydrog ?    ? A C   3  O2    A ? ? 1_555 A G   25 N2 ? ? A C   2649 A G   2671 1_555 ? ? ? ? ? ? 'C-G PAIR'           ? ? 
? 
hydrog4  hydrog ?    ? A U   4  N3    ? ? ? 1_555 A A   24 N1 ? ? A U   2650 A A   2670 1_555 ? ? ? ? ? ? WATSON-CRICK         ? ? 
? 
hydrog5  hydrog ?    ? A U   4  O4    ? ? ? 1_555 A A   24 N6 ? ? A U   2650 A A   2670 1_555 ? ? ? ? ? ? WATSON-CRICK         ? ? 
? 
hydrog6  hydrog ?    ? A C   5  N3    ? ? ? 1_555 A G   23 N1 ? ? A C   2651 A G   2669 1_555 ? ? ? ? ? ? WATSON-CRICK         ? ? 
? 
hydrog7  hydrog ?    ? A C   5  N4    ? ? ? 1_555 A G   23 O6 ? ? A C   2651 A G   2669 1_555 ? ? ? ? ? ? WATSON-CRICK         ? ? 
? 
hydrog8  hydrog ?    ? A C   5  O2    ? ? ? 1_555 A G   23 N2 ? ? A C   2651 A G   2669 1_555 ? ? ? ? ? ? WATSON-CRICK         ? ? 
? 
hydrog9  hydrog ?    ? A C   6  N3    ? ? ? 1_555 A G   22 N1 ? ? A C   2652 A G   2668 1_555 ? ? ? ? ? ? WATSON-CRICK         ? ? 
? 
hydrog10 hydrog ?    ? A C   6  N4    ? ? ? 1_555 A G   22 O6 ? ? A C   2652 A G   2668 1_555 ? ? ? ? ? ? WATSON-CRICK         ? ? 
? 
hydrog11 hydrog ?    ? A C   6  O2    ? ? ? 1_555 A G   22 N2 ? ? A C   2652 A G   2668 1_555 ? ? ? ? ? ? WATSON-CRICK         ? ? 
? 
hydrog12 hydrog ?    ? A U   7  O2    ? ? ? 1_555 A C   21 N4 ? ? A U   2653 A C   2667 1_555 ? ? ? ? ? ? 'U-C MISPAIR'        ? ? 
? 
hydrog13 hydrog ?    ? A G   9  N2    ? ? ? 1_555 A OMU 10 O4 ? ? A G   2655 A OMU 2656 1_555 ? ? ? ? ? ? 'G-OMU MISPAIR'      ? ? 
? 
hydrog14 hydrog ?    ? A OMU 10 N3    ? ? ? 1_555 A A   19 N7 ? ? A OMU 2656 A A   2665 1_555 ? ? ? ? ? ? 'REVERSED HOOGSTEEN' ? ? 
? 
hydrog15 hydrog ?    ? A OMU 10 O2    ? ? ? 1_555 A A   19 N6 ? ? A OMU 2656 A A   2665 1_555 ? ? ? ? ? ? 'REVERSED HOOGSTEEN' ? ? 
? 
hydrog16 hydrog ?    ? A A   11 N6    ? ? ? 1_555 A G   18 N3 ? ? A A   2657 A G   2664 1_555 ? ? ? ? ? ? TYPE_11_PAIR         ? ? 
? 
hydrog17 hydrog ?    ? A A   11 N7    ? ? ? 1_555 A G   18 N2 ? ? A A   2657 A G   2664 1_555 ? ? ? ? ? ? TYPE_11_PAIR         ? ? 
? 
hydrog18 hydrog ?    ? A C   12 N3    ? ? ? 1_555 A G   17 N1 ? ? A C   2658 A G   2663 1_555 ? ? ? ? ? ? WATSON-CRICK         ? ? 
? 
hydrog19 hydrog ?    ? A C   12 N4    ? ? ? 1_555 A G   17 O6 ? ? A C   2658 A G   2663 1_555 ? ? ? ? ? ? WATSON-CRICK         ? ? 
? 
hydrog20 hydrog ?    ? A C   12 O2    ? ? ? 1_555 A G   17 N2 ? ? A C   2658 A G   2663 1_555 ? ? ? ? ? ? WATSON-CRICK         ? ? 
? 
hydrog21 hydrog ?    ? A G   13 N2    ? ? ? 1_555 A A   16 N7 ? ? A G   2659 A A   2662 1_555 ? ? ? ? ? ? 'G-A MISPAIR'        ? ? 
? 
# 
loop_
_struct_conn_type.id 
_struct_conn_type.criteria 
_struct_conn_type.reference 
covale ? ? 
hydrog ? ? 
# 
_atom_sites.entry_id                    3DW5 
_atom_sites.fract_transf_matrix[1][1]   -0.00793136 
_atom_sites.fract_transf_matrix[1][2]   0.00500567 
_atom_sites.fract_transf_matrix[1][3]   0.03250289 
_atom_sites.fract_transf_matrix[2][1]   -0.01495609 
_atom_sites.fract_transf_matrix[2][2]   -0.03032613 
_atom_sites.fract_transf_matrix[2][3]   0.00102085 
_atom_sites.fract_transf_matrix[3][1]   0.01136766 
_atom_sites.fract_transf_matrix[3][2]   -0.00548444 
_atom_sites.fract_transf_matrix[3][3]   0.00361858 
_atom_sites.fract_transf_vector[1]      -0.362108 
_atom_sites.fract_transf_vector[2]      1.660559 
_atom_sites.fract_transf_vector[3]      -0.175990 
# 
loop_
_atom_type.symbol 
C 
N 
O 
P 
# 
loop_
_atom_site.group_PDB 
_atom_site.id 
_atom_site.type_symbol 
_atom_site.label_atom_id 
_atom_site.label_alt_id 
_atom_site.label_comp_id 
_atom_site.label_asym_id 
_atom_site.label_entity_id 
_atom_site.label_seq_id 
_atom_site.pdbx_PDB_ins_code 
_atom_site.Cartn_x 
_atom_site.Cartn_y 
_atom_site.Cartn_z 
_atom_site.occupancy 
_atom_site.B_iso_or_equiv 
_atom_site.pdbx_formal_charge 
_atom_site.auth_seq_id 
_atom_site.auth_comp_id 
_atom_site.auth_asym_id 
_atom_site.auth_atom_id 
_atom_site.pdbx_PDB_model_num 
ATOM   1   O "O5'" . U   A 1 1  ? 8.156   -6.743  -15.808 1.00 23.51 ? 2647 U   A "O5'" 1 
ATOM   2   C "C5'" . U   A 1 1  ? 7.804   -8.123  -15.780 1.00 23.20 ? 2647 U   A "C5'" 1 
ATOM   3   C "C4'" . U   A 1 1  ? 6.624   -8.352  -14.854 1.00 22.31 ? 2647 U   A "C4'" 1 
ATOM   4   O "O4'" . U   A 1 1  ? 6.145   -9.712  -15.023 1.00 22.72 ? 2647 U   A "O4'" 1 
ATOM   5   C "C3'" . U   A 1 1  ? 6.932   -8.223  -13.371 1.00 21.24 ? 2647 U   A "C3'" 1 
ATOM   6   O "O3'" A U   A 1 1  ? 5.698   -7.921  -12.715 0.50 21.56 ? 2647 U   A "O3'" 1 
ATOM   7   O "O3'" B U   A 1 1  ? 5.786   -7.911  -12.612 0.50 19.59 ? 2647 U   A "O3'" 1 
ATOM   8   C "C2'" . U   A 1 1  ? 7.413   -9.635  -13.057 1.00 21.46 ? 2647 U   A "C2'" 1 
ATOM   9   O "O2'" . U   A 1 1  ? 7.340   -9.957  -11.682 1.00 21.48 ? 2647 U   A "O2'" 1 
ATOM   10  C "C1'" . U   A 1 1  ? 6.388   -10.448 -13.841 1.00 22.08 ? 2647 U   A "C1'" 1 
ATOM   11  N N1    . U   A 1 1  ? 6.875   -11.805 -14.210 1.00 22.41 ? 2647 U   A N1    1 
ATOM   12  C C2    . U   A 1 1  ? 6.440   -12.899 -13.490 1.00 22.60 ? 2647 U   A C2    1 
ATOM   13  O O2    . U   A 1 1  ? 5.663   -12.819 -12.556 1.00 23.21 ? 2647 U   A O2    1 
ATOM   14  N N3    . U   A 1 1  ? 6.952   -14.101 -13.909 1.00 23.28 ? 2647 U   A N3    1 
ATOM   15  C C4    . U   A 1 1  ? 7.833   -14.314 -14.953 1.00 23.15 ? 2647 U   A C4    1 
ATOM   16  O O4    . U   A 1 1  ? 8.205   -15.453 -15.212 1.00 24.32 ? 2647 U   A O4    1 
ATOM   17  C C5    . U   A 1 1  ? 8.241   -13.124 -15.653 1.00 22.94 ? 2647 U   A C5    1 
ATOM   18  C C6    . U   A 1 1  ? 7.756   -11.940 -15.262 1.00 22.45 ? 2647 U   A C6    1 
ATOM   19  P P     A G   A 1 2  ? 5.488   -6.594  -11.840 0.50 20.92 ? 2648 G   A P     1 
ATOM   20  P P     B G   A 1 2  ? 5.956   -7.043  -11.281 0.50 16.84 ? 2648 G   A P     1 
ATOM   21  O OP1   A G   A 1 2  ? 6.725   -5.789  -11.947 0.50 21.43 ? 2648 G   A OP1   1 
ATOM   22  O OP1   B G   A 1 2  ? 7.368   -6.609  -11.176 0.50 16.98 ? 2648 G   A OP1   1 
ATOM   23  O OP2   A G   A 1 2  ? 5.001   -7.017  -10.508 0.50 21.25 ? 2648 G   A OP2   1 
ATOM   24  O OP2   B G   A 1 2  ? 5.319   -7.775  -10.163 0.50 17.91 ? 2648 G   A OP2   1 
ATOM   25  O "O5'" A G   A 1 2  ? 4.295   -5.808  -12.571 0.50 18.70 ? 2648 G   A "O5'" 1 
ATOM   26  O "O5'" B G   A 1 2  ? 5.046   -5.777  -11.626 0.50 15.05 ? 2648 G   A "O5'" 1 
ATOM   27  C "C5'" A G   A 1 2  ? 4.576   -4.681  -13.410 0.52 16.36 ? 2648 G   A "C5'" 1 
ATOM   28  C "C5'" B G   A 1 2  ? 5.410   -4.948  -12.723 0.48 14.18 ? 2648 G   A "C5'" 1 
ATOM   29  C "C4'" A G   A 1 2  ? 3.433   -4.360  -14.364 0.50 14.06 ? 2648 G   A "C4'" 1 
ATOM   30  C "C4'" B G   A 1 2  ? 4.179   -4.455  -13.457 0.50 13.21 ? 2648 G   A "C4'" 1 
ATOM   31  O "O4'" A G   A 1 2  ? 2.831   -5.599  -14.809 0.58 13.62 ? 2648 G   A "O4'" 1 
ATOM   32  O "O4'" B G   A 1 2  ? 3.538   -5.557  -14.146 0.42 12.88 ? 2648 G   A "O4'" 1 
ATOM   33  C "C3'" A G   A 1 2  ? 2.277   -3.537  -13.803 0.45 12.68 ? 2648 G   A "C3'" 1 
ATOM   34  C "C3'" B G   A 1 2  ? 3.076   -3.913  -12.566 0.55 12.65 ? 2648 G   A "C3'" 1 
ATOM   35  O "O3'" A G   A 1 2  ? 2.514   -2.143  -13.974 0.34 11.45 ? 2648 G   A "O3'" 1 
ATOM   36  O "O3'" B G   A 1 2  ? 3.374   -2.591  -12.147 0.66 13.45 ? 2648 G   A "O3'" 1 
ATOM   37  C "C2'" A G   A 1 2  ? 1.119   -3.965  -14.693 0.42 12.83 ? 2648 G   A "C2'" 1 
ATOM   38  C "C2'" B G   A 1 2  ? 1.904   -3.966  -13.537 0.58 12.98 ? 2648 G   A "C2'" 1 
ATOM   39  O "O2'" A G   A 1 2  ? 1.115   -3.269  -15.925 0.51 13.58 ? 2648 G   A "O2'" 1 
ATOM   40  O "O2'" B G   A 1 2  ? 1.976   -2.968  -14.536 0.49 13.38 ? 2648 G   A "O2'" 1 
ATOM   41  C "C1'" A G   A 1 2  ? 1.432   -5.437  -14.938 0.56 12.98 ? 2648 G   A "C1'" 1 
ATOM   42  C "C1'" B G   A 1 2  ? 2.136   -5.343  -14.150 0.44 12.72 ? 2648 G   A "C1'" 1 
ATOM   43  N N9    A G   A 1 2  ? 0.775   -6.367  -14.025 0.51 12.73 ? 2648 G   A N9    1 
ATOM   44  N N9    B G   A 1 2  ? 1.484   -6.415  -13.402 0.49 12.55 ? 2648 G   A N9    1 
ATOM   45  C C8    A G   A 1 2  ? 1.377   -7.193  -13.107 0.39 12.26 ? 2648 G   A C8    1 
ATOM   46  C C8    B G   A 1 2  ? 2.079   -7.347  -12.586 0.61 13.36 ? 2648 G   A C8    1 
ATOM   47  N N7    A G   A 1 2  ? 0.532   -7.925  -12.437 0.50 12.50 ? 2648 G   A N7    1 
ATOM   48  N N7    B G   A 1 2  ? 1.233   -8.183  -12.050 0.50 13.33 ? 2648 G   A N7    1 
ATOM   49  C C5    A G   A 1 2  ? -0.709  -7.562  -12.945 0.37 11.75 ? 2648 G   A C5    1 
ATOM   50  C C5    B G   A 1 2  ? -0.003  -7.780  -12.540 0.63 12.00 ? 2648 G   A C5    1 
ATOM   51  C C6    A G   A 1 2  ? -2.002  -8.021  -12.607 0.55 12.14 ? 2648 G   A C6    1 
ATOM   52  C C6    B G   A 1 2  ? -1.296  -8.309  -12.311 0.45 11.20 ? 2648 G   A C6    1 
ATOM   53  O O6    A G   A 1 2  ? -2.320  -8.870  -11.762 0.56 12.65 ? 2648 G   A O6    1 
ATOM   54  O O6    B G   A 1 2  ? -1.621  -9.273  -11.604 0.44 10.71 ? 2648 G   A O6    1 
ATOM   55  N N1    A G   A 1 2  ? -2.983  -7.390  -13.365 0.46 11.80 ? 2648 G   A N1    1 
ATOM   56  N N1    B G   A 1 2  ? -2.273  -7.600  -13.004 0.54 11.06 ? 2648 G   A N1    1 
ATOM   57  C C2    A G   A 1 2  ? -2.748  -6.438  -14.328 0.75 12.47 ? 2648 G   A C2    1 
ATOM   58  C C2    B G   A 1 2  ? -2.032  -6.519  -13.817 0.25 10.62 ? 2648 G   A C2    1 
ATOM   59  N N2    A G   A 1 2  ? -3.824  -5.944  -14.955 0.37 11.84 ? 2648 G   A N2    1 
ATOM   60  N N2    B G   A 1 2  ? -3.102  -5.963  -14.404 0.63 11.87 ? 2648 G   A N2    1 
ATOM   61  N N3    A G   A 1 2  ? -1.541  -6.001  -14.655 0.53 12.31 ? 2648 G   A N3    1 
ATOM   62  N N3    B G   A 1 2  ? -0.826  -6.013  -14.041 0.47 10.49 ? 2648 G   A N3    1 
ATOM   63  C C4    A G   A 1 2  ? -0.574  -6.605  -13.924 0.56 12.26 ? 2648 G   A C4    1 
ATOM   64  C C4    B G   A 1 2  ? 0.136   -6.693  -13.374 0.44 11.61 ? 2648 G   A C4    1 
ATOM   65  P P     A C   A 1 3  ? 1.974   -1.088  -12.899 0.44 11.69 ? 2649 C   A P     1 
ATOM   66  P P     B C   A 1 3  ? 2.908   -2.114  -10.691 0.56 13.49 ? 2649 C   A P     1 
ATOM   67  O OP1   A C   A 1 3  ? 2.408   0.257   -13.338 0.52 13.40 ? 2649 C   A OP1   1 
ATOM   68  O OP1   B C   A 1 3  ? 3.537   -0.803  -10.422 0.48 13.55 ? 2649 C   A OP1   1 
ATOM   69  O OP2   A C   A 1 3  ? 2.365   -1.586  -11.562 0.31 11.11 ? 2649 C   A OP2   1 
ATOM   70  O OP2   B C   A 1 3  ? 3.115   -3.238  -9.754  0.69 15.57 ? 2649 C   A OP2   1 
ATOM   71  O "O5'" A C   A 1 3  ? 0.382   -1.180  -13.013 0.37 10.69 ? 2649 C   A "O5'" 1 
ATOM   72  O "O5'" B C   A 1 3  ? 1.331   -1.915  -10.875 0.63 12.78 ? 2649 C   A "O5'" 1 
ATOM   73  C "C5'" A C   A 1 3  ? -0.285  -0.647  -14.148 0.47 10.53 ? 2649 C   A "C5'" 1 
ATOM   74  C "C5'" B C   A 1 3  ? 0.837   -1.100  -11.930 0.53 12.68 ? 2649 C   A "C5'" 1 
ATOM   75  C "C4'" A C   A 1 3  ? -1.782  -0.818  -13.993 0.58 10.82 ? 2649 C   A "C4'" 1 
ATOM   76  C "C4'" B C   A 1 3  ? -0.639  -1.363  -12.173 0.42 11.59 ? 2649 C   A "C4'" 1 
ATOM   77  O "O4'" A C   A 1 3  ? -2.113  -2.225  -14.077 0.51 10.87 ? 2649 C   A "O4'" 1 
ATOM   78  O "O4'" B C   A 1 3  ? -0.846  -2.732  -12.599 0.49 11.18 ? 2649 C   A "O4'" 1 
ATOM   79  C "C3'" A C   A 1 3  ? -2.330  -0.396  -12.640 0.37 9.72  ? 2649 C   A "C3'" 1 
ATOM   80  C "C3'" B C   A 1 3  ? -1.523  -1.223  -10.947 0.63 11.24 ? 2649 C   A "C3'" 1 
ATOM   81  O "O3'" A C   A 1 3  ? -2.526  1.014   -12.593 0.45 9.77  ? 2649 C   A "O3'" 1 
ATOM   82  O "O3'" B C   A 1 3  ? -1.865  0.133   -10.774 0.55 11.00 ? 2649 C   A "O3'" 1 
ATOM   83  C "C2'" A C   A 1 3  ? -3.635  -1.188  -12.596 0.53 10.15 ? 2649 C   A "C2'" 1 
ATOM   84  C "C2'" B C   A 1 3  ? -2.736  -2.036  -11.369 0.47 10.66 ? 2649 C   A "C2'" 1 
ATOM   85  O "O2'" A C   A 1 3  ? -4.672  -0.611  -13.366 0.64 11.88 ? 2649 C   A "O2'" 1 
ATOM   86  O "O2'" B C   A 1 3  ? -3.533  -1.346  -12.310 0.36 11.20 ? 2649 C   A "O2'" 1 
ATOM   87  C "C1'" A C   A 1 3  ? -3.212  -2.509  -13.230 0.28 10.03 ? 2649 C   A "C1'" 1 
ATOM   88  C "C1'" B C   A 1 3  ? -2.055  -3.219  -12.045 0.72 11.05 ? 2649 C   A "C1'" 1 
ATOM   89  N N1    A C   A 1 3  ? -2.800  -3.550  -12.247 0.40 10.36 ? 2649 C   A N1    1 
ATOM   90  N N1    B C   A 1 3  ? -1.740  -4.366  -11.145 0.60 10.20 ? 2649 C   A N1    1 
ATOM   91  C C2    A C   A 1 3  ? -3.779  -4.313  -11.606 0.59 10.77 ? 2649 C   A C2    1 
ATOM   92  C C2    B C   A 1 3  ? -2.757  -5.260  -10.795 0.41 8.94  ? 2649 C   A C2    1 
ATOM   93  O O2    A C   A 1 3  ? -4.970  -4.104  -11.865 0.50 11.49 ? 2649 C   A O2    1 
ATOM   94  O O2    B C   A 1 3  ? -3.899  -5.067  -11.231 0.50 9.38  ? 2649 C   A O2    1 
ATOM   95  N N3    A C   A 1 3  ? -3.392  -5.259  -10.716 0.43 9.63  ? 2649 C   A N3    1 
ATOM   96  N N3    B C   A 1 3  ? -2.464  -6.307  -9.988  0.57 9.14  ? 2649 C   A N3    1 
ATOM   97  C C4    A C   A 1 3  ? -2.096  -5.451  -10.467 0.45 10.41 ? 2649 C   A C4    1 
ATOM   98  C C4    B C   A 1 3  ? -1.219  -6.477  -9.540  0.55 10.36 ? 2649 C   A C4    1 
ATOM   99  N N4    A C   A 1 3  ? -1.762  -6.397  -9.581  0.48 11.60 ? 2649 C   A N4    1 
ATOM   100 N N4    B C   A 1 3  ? -0.977  -7.525  -8.747  0.52 10.80 ? 2649 C   A N4    1 
ATOM   101 C C5    A C   A 1 3  ? -1.083  -4.681  -11.112 0.25 10.44 ? 2649 C   A C5    1 
ATOM   102 C C5    B C   A 1 3  ? -0.167  -5.578  -9.887  0.75 11.37 ? 2649 C   A C5    1 
ATOM   103 C C6    A C   A 1 3  ? -1.477  -3.751  -11.987 0.37 10.53 ? 2649 C   A C6    1 
ATOM   104 C C6    B C   A 1 3  ? -0.470  -4.549  -10.685 0.63 10.50 ? 2649 C   A C6    1 
ATOM   105 P P     A U   A 1 4  ? -2.781  1.721   -11.181 0.46 10.04 ? 2650 U   A P     1 
ATOM   106 P P     B U   A 1 4  ? -2.144  0.690   -9.304  0.54 11.29 ? 2650 U   A P     1 
ATOM   107 O OP1   A U   A 1 4  ? -3.000  3.161   -11.456 0.59 11.31 ? 2650 U   A OP1   1 
ATOM   108 O OP1   B U   A 1 4  ? -2.226  2.166   -9.397  0.41 11.52 ? 2650 U   A OP1   1 
ATOM   109 O OP2   A U   A 1 4  ? -1.725  1.302   -10.230 0.44 12.40 ? 2650 U   A OP2   1 
ATOM   110 O OP2   B U   A 1 4  ? -1.190  0.054   -8.374  0.56 12.68 ? 2650 U   A OP2   1 
ATOM   111 O "O5'" A U   A 1 4  ? -4.183  1.023   -10.772 0.41 11.59 ? 2650 U   A "O5'" 1 
ATOM   112 O "O5'" B U   A 1 4  ? -3.580  0.131   -8.945  0.59 10.89 ? 2650 U   A "O5'" 1 
ATOM   113 C "C5'" A U   A 1 4  ? -4.580  0.730   -9.417  0.52 13.07 ? 2650 U   A "C5'" 1 
ATOM   114 C "C5'" B U   A 1 4  ? -4.661  0.745   -9.560  0.48 12.82 ? 2650 U   A "C5'" 1 
ATOM   115 C "C4'" . U   A 1 4  ? -5.847  -0.117  -9.247  1.00 12.98 ? 2650 U   A "C4'" 1 
ATOM   116 O "O4'" . U   A 1 4  ? -5.600  -1.486  -9.651  1.00 13.13 ? 2650 U   A "O4'" 1 
ATOM   117 C "C3'" . U   A 1 4  ? -6.183  -0.277  -7.778  1.00 12.70 ? 2650 U   A "C3'" 1 
ATOM   118 O "O3'" . U   A 1 4  ? -6.896  0.842   -7.337  1.00 13.84 ? 2650 U   A "O3'" 1 
ATOM   119 C "C2'" . U   A 1 4  ? -7.069  -1.507  -7.795  1.00 13.39 ? 2650 U   A "C2'" 1 
ATOM   120 O "O2'" . U   A 1 4  ? -8.333  -1.233  -8.368  1.00 15.51 ? 2650 U   A "O2'" 1 
ATOM   121 C "C1'" . U   A 1 4  ? -6.264  -2.368  -8.751  1.00 12.81 ? 2650 U   A "C1'" 1 
ATOM   122 N N1    . U   A 1 4  ? -5.268  -3.301  -8.127  1.00 11.08 ? 2650 U   A N1    1 
ATOM   123 C C2    . U   A 1 4  ? -5.720  -4.419  -7.453  1.00 10.74 ? 2650 U   A C2    1 
ATOM   124 O O2    . U   A 1 4  ? -6.901  -4.677  -7.304  1.00 11.03 ? 2650 U   A O2    1 
ATOM   125 N N3    . U   A 1 4  ? -4.732  -5.228  -6.946  1.00 10.65 ? 2650 U   A N3    1 
ATOM   126 C C4    . U   A 1 4  ? -3.366  -5.034  -7.049  1.00 10.69 ? 2650 U   A C4    1 
ATOM   127 O O4    . U   A 1 4  ? -2.594  -5.846  -6.551  1.00 11.26 ? 2650 U   A O4    1 
ATOM   128 C C5    . U   A 1 4  ? -2.976  -3.848  -7.765  1.00 11.48 ? 2650 U   A C5    1 
ATOM   129 C C6    . U   A 1 4  ? -3.921  -3.048  -8.272  1.00 11.73 ? 2650 U   A C6    1 
ATOM   130 P P     . C   A 1 5  ? -6.661  1.371   -5.852  1.00 14.31 ? 2651 C   A P     1 
ATOM   131 O OP1   . C   A 1 5  ? -7.408  2.640   -5.723  1.00 16.45 ? 2651 C   A OP1   1 
ATOM   132 O OP2   . C   A 1 5  ? -5.209  1.339   -5.577  1.00 16.54 ? 2651 C   A OP2   1 
ATOM   133 O "O5'" . C   A 1 5  ? -7.360  0.265   -4.936  1.00 11.56 ? 2651 C   A "O5'" 1 
ATOM   134 C "C5'" . C   A 1 5  ? -8.765  0.071   -5.001  1.00 9.87  ? 2651 C   A "C5'" 1 
ATOM   135 C "C4'" . C   A 1 5  ? -9.121  -1.242  -4.340  1.00 9.49  ? 2651 C   A "C4'" 1 
ATOM   136 O "O4'" . C   A 1 5  ? -8.408  -2.306  -5.010  1.00 9.25  ? 2651 C   A "O4'" 1 
ATOM   137 C "C3'" . C   A 1 5  ? -8.674  -1.368  -2.892  1.00 9.42  ? 2651 C   A "C3'" 1 
ATOM   138 O "O3'" . C   A 1 5  ? -9.596  -0.740  -2.016  1.00 9.50  ? 2651 C   A "O3'" 1 
ATOM   139 C "C2'" . C   A 1 5  ? -8.661  -2.880  -2.717  1.00 9.62  ? 2651 C   A "C2'" 1 
ATOM   140 O "O2'" . C   A 1 5  ? -9.947  -3.442  -2.548  1.00 10.57 ? 2651 C   A "O2'" 1 
ATOM   141 C "C1'" . C   A 1 5  ? -8.088  -3.303  -4.060  1.00 9.09  ? 2651 C   A "C1'" 1 
ATOM   142 N N1    . C   A 1 5  ? -6.619  -3.516  -4.023  1.00 8.62  ? 2651 C   A N1    1 
ATOM   143 C C2    . C   A 1 5  ? -6.188  -4.703  -3.443  1.00 8.33  ? 2651 C   A C2    1 
ATOM   144 O O2    . C   A 1 5  ? -7.045  -5.477  -2.999  1.00 8.57  ? 2651 C   A O2    1 
ATOM   145 N N3    . C   A 1 5  ? -4.861  -4.970  -3.383  1.00 8.09  ? 2651 C   A N3    1 
ATOM   146 C C4    . C   A 1 5  ? -3.984  -4.096  -3.875  1.00 8.61  ? 2651 C   A C4    1 
ATOM   147 N N4    . C   A 1 5  ? -2.685  -4.404  -3.798  1.00 9.14  ? 2651 C   A N4    1 
ATOM   148 C C5    . C   A 1 5  ? -4.407  -2.865  -4.465  1.00 9.21  ? 2651 C   A C5    1 
ATOM   149 C C6    . C   A 1 5  ? -5.724  -2.614  -4.520  1.00 8.84  ? 2651 C   A C6    1 
ATOM   150 P P     . C   A 1 6  ? -9.089  -0.248  -0.580  1.00 9.37  ? 2652 C   A P     1 
ATOM   151 O OP1   . C   A 1 6  ? -10.192 0.538   0.015   1.00 10.65 ? 2652 C   A OP1   1 
ATOM   152 O OP2   . C   A 1 6  ? -7.751  0.366   -0.724  1.00 10.92 ? 2652 C   A OP2   1 
ATOM   153 O "O5'" . C   A 1 6  ? -8.897  -1.601  0.245   1.00 8.33  ? 2652 C   A "O5'" 1 
ATOM   154 C "C5'" . C   A 1 6  ? -10.034 -2.377  0.587   1.00 8.50  ? 2652 C   A "C5'" 1 
ATOM   155 C "C4'" . C   A 1 6  ? -9.613  -3.609  1.363   1.00 7.80  ? 2652 C   A "C4'" 1 
ATOM   156 O "O4'" . C   A 1 6  ? -8.768  -4.441  0.537   1.00 7.87  ? 2652 C   A "O4'" 1 
ATOM   157 C "C3'" . C   A 1 6  ? -8.751  -3.338  2.586   1.00 7.42  ? 2652 C   A "C3'" 1 
ATOM   158 O "O3'" . C   A 1 6  ? -9.573  -2.979  3.674   1.00 7.62  ? 2652 C   A "O3'" 1 
ATOM   159 C "C2'" . C   A 1 6  ? -8.130  -4.704  2.812   1.00 7.72  ? 2652 C   A "C2'" 1 
ATOM   160 O "O2'" . C   A 1 6  ? -9.080  -5.604  3.342   1.00 8.59  ? 2652 C   A "O2'" 1 
ATOM   161 C "C1'" . C   A 1 6  ? -7.819  -5.085  1.376   1.00 7.55  ? 2652 C   A "C1'" 1 
ATOM   162 N N1    . C   A 1 6  ? -6.451  -4.757  0.890   1.00 7.15  ? 2652 C   A N1    1 
ATOM   163 C C2    . C   A 1 6  ? -5.414  -5.615  1.249   1.00 7.22  ? 2652 C   A C2    1 
ATOM   164 O O2    . C   A 1 6  ? -5.670  -6.579  1.982   1.00 7.52  ? 2652 C   A O2    1 
ATOM   165 N N3    . C   A 1 6  ? -4.165  -5.365  0.793   1.00 7.01  ? 2652 C   A N3    1 
ATOM   166 C C4    . C   A 1 6  ? -3.944  -4.309  0.008   1.00 7.01  ? 2652 C   A C4    1 
ATOM   167 N N4    . C   A 1 6  ? -2.698  -4.104  -0.428  1.00 7.88  ? 2652 C   A N4    1 
ATOM   168 C C5    . C   A 1 6  ? -4.991  -3.415  -0.367  1.00 7.47  ? 2652 C   A C5    1 
ATOM   169 C C6    . C   A 1 6  ? -6.222  -3.677  0.089   1.00 7.34  ? 2652 C   A C6    1 
ATOM   170 P P     . U   A 1 7  ? -9.040  -1.955  4.777   1.00 8.34  ? 2653 U   A P     1 
ATOM   171 O OP1   . U   A 1 7  ? -10.099 -1.882  5.808   1.00 10.86 ? 2653 U   A OP1   1 
ATOM   172 O OP2   . U   A 1 7  ? -8.573  -0.722  4.109   1.00 9.13  ? 2653 U   A OP2   1 
ATOM   173 O "O5'" . U   A 1 7  ? -7.743  -2.670  5.381   1.00 7.74  ? 2653 U   A "O5'" 1 
ATOM   174 C "C5'" . U   A 1 7  ? -7.858  -3.843  6.169   1.00 8.32  ? 2653 U   A "C5'" 1 
ATOM   175 C "C4'" . U   A 1 7  ? -6.475  -4.401  6.438   1.00 7.92  ? 2653 U   A "C4'" 1 
ATOM   176 O "O4'" . U   A 1 7  ? -5.872  -4.799  5.184   1.00 7.50  ? 2653 U   A "O4'" 1 
ATOM   177 C "C3'" . U   A 1 7  ? -5.482  -3.408  7.026   1.00 7.57  ? 2653 U   A "C3'" 1 
ATOM   178 O "O3'" . U   A 1 7  ? -5.648  -3.313  8.440   1.00 8.38  ? 2653 U   A "O3'" 1 
ATOM   179 C "C2'" . U   A 1 7  ? -4.161  -4.068  6.646   1.00 7.59  ? 2653 U   A "C2'" 1 
ATOM   180 O "O2'" . U   A 1 7  ? -3.832  -5.147  7.495   1.00 8.26  ? 2653 U   A "O2'" 1 
ATOM   181 C "C1'" . U   A 1 7  ? -4.474  -4.601  5.250   1.00 7.45  ? 2653 U   A "C1'" 1 
ATOM   182 N N1    . U   A 1 7  ? -4.055  -3.660  4.180   1.00 7.18  ? 2653 U   A N1    1 
ATOM   183 C C2    . U   A 1 7  ? -2.807  -3.834  3.626   1.00 7.78  ? 2653 U   A C2    1 
ATOM   184 O O2    . U   A 1 7  ? -2.056  -4.722  3.976   1.00 8.74  ? 2653 U   A O2    1 
ATOM   185 N N3    . U   A 1 7  ? -2.472  -2.935  2.649   1.00 7.85  ? 2653 U   A N3    1 
ATOM   186 C C4    . U   A 1 7  ? -3.247  -1.888  2.190   1.00 7.66  ? 2653 U   A C4    1 
ATOM   187 O O4    . U   A 1 7  ? -2.809  -1.158  1.308   1.00 9.00  ? 2653 U   A O4    1 
ATOM   188 C C5    . U   A 1 7  ? -4.536  -1.761  2.825   1.00 7.30  ? 2653 U   A C5    1 
ATOM   189 C C6    . U   A 1 7  ? -4.885  -2.637  3.775   1.00 7.20  ? 2653 U   A C6    1 
ATOM   190 P P     . A   A 1 8  ? -5.198  -2.000  9.255   1.00 10.68 ? 2654 A   A P     1 
ATOM   191 O OP1   . A   A 1 8  ? -3.750  -1.782  9.053   1.00 12.30 ? 2654 A   A OP1   1 
ATOM   192 O OP2   . A   A 1 8  ? -5.766  -2.137  10.613  1.00 12.51 ? 2654 A   A OP2   1 
ATOM   193 O "O5'" . A   A 1 8  ? -5.974  -0.836  8.497   1.00 9.67  ? 2654 A   A "O5'" 1 
ATOM   194 C "C5'" . A   A 1 8  ? -5.995  0.462   9.069   1.00 9.87  ? 2654 A   A "C5'" 1 
ATOM   195 C "C4'" . A   A 1 8  ? -5.913  1.517   7.983   1.00 9.41  ? 2654 A   A "C4'" 1 
ATOM   196 O "O4'" . A   A 1 8  ? -4.577  1.523   7.417   1.00 8.05  ? 2654 A   A "O4'" 1 
ATOM   197 C "C3'" . A   A 1 8  ? -6.858  1.321   6.801   1.00 10.33 ? 2654 A   A "C3'" 1 
ATOM   198 O "O3'" . A   A 1 8  ? -7.261  2.574   6.277   1.00 13.56 ? 2654 A   A "O3'" 1 
ATOM   199 C "C2'" . A   A 1 8  ? -5.962  0.622   5.786   1.00 8.74  ? 2654 A   A "C2'" 1 
ATOM   200 O "O2'" . A   A 1 8  ? -6.404  0.787   4.451   1.00 9.55  ? 2654 A   A "O2'" 1 
ATOM   201 C "C1'" . A   A 1 8  ? -4.657  1.371   6.019   1.00 8.14  ? 2654 A   A "C1'" 1 
ATOM   202 N N9    . A   A 1 8  ? -3.489  0.620   5.584   1.00 7.72  ? 2654 A   A N9    1 
ATOM   203 C C8    . A   A 1 8  ? -3.006  -0.524  6.155   1.00 7.89  ? 2654 A   A C8    1 
ATOM   204 N N7    . A   A 1 8  ? -1.940  -1.001  5.560   1.00 8.05  ? 2654 A   A N7    1 
ATOM   205 C C5    . A   A 1 8  ? -1.714  -0.108  4.526   1.00 8.10  ? 2654 A   A C5    1 
ATOM   206 C C6    . A   A 1 8  ? -0.727  -0.061  3.525   1.00 8.59  ? 2654 A   A C6    1 
ATOM   207 N N6    . A   A 1 8  ? 0.242   -0.975  3.416   1.00 9.28  ? 2654 A   A N6    1 
ATOM   208 N N1    . A   A 1 8  ? -0.777  0.964   2.648   1.00 9.39  ? 2654 A   A N1    1 
ATOM   209 C C2    . A   A 1 8  ? -1.753  1.873   2.771   1.00 9.56  ? 2654 A   A C2    1 
ATOM   210 N N3    . A   A 1 8  ? -2.735  1.930   3.668   1.00 8.92  ? 2654 A   A N3    1 
ATOM   211 C C4    . A   A 1 8  ? -2.658  0.901   4.526   1.00 7.83  ? 2654 A   A C4    1 
ATOM   212 P P     . G   A 1 9  ? -8.490  3.418   6.846   1.00 14.40 ? 2655 G   A P     1 
ATOM   213 O OP1   . G   A 1 9  ? -8.523  3.312   8.319   1.00 18.82 ? 2655 G   A OP1   1 
ATOM   214 O OP2   . G   A 1 9  ? -9.695  3.100   6.057   1.00 16.65 ? 2655 G   A OP2   1 
ATOM   215 O "O5'" . G   A 1 9  ? -8.063  4.894   6.380   1.00 16.61 ? 2655 G   A "O5'" 1 
ATOM   216 C "C5'" . G   A 1 9  ? -7.388  5.821   7.212   1.00 16.46 ? 2655 G   A "C5'" 1 
ATOM   217 C "C4'" . G   A 1 9  ? -5.884  5.636   7.262   1.00 13.85 ? 2655 G   A "C4'" 1 
ATOM   218 O "O4'" . G   A 1 9  ? -5.237  5.971   5.998   1.00 13.28 ? 2655 G   A "O4'" 1 
ATOM   219 C "C3'" . G   A 1 9  ? -5.267  6.584   8.274   1.00 13.27 ? 2655 G   A "C3'" 1 
ATOM   220 O "O3'" . G   A 1 9  ? -4.077  5.993   8.733   1.00 11.80 ? 2655 G   A "O3'" 1 
ATOM   221 C "C2'" . G   A 1 9  ? -4.993  7.792   7.388   1.00 13.86 ? 2655 G   A "C2'" 1 
ATOM   222 O "O2'" . G   A 1 9  ? -4.096  8.716   7.970   1.00 15.80 ? 2655 G   A "O2'" 1 
ATOM   223 C "C1'" . G   A 1 9  ? -4.349  7.051   6.224   1.00 12.45 ? 2655 G   A "C1'" 1 
ATOM   224 N N9    . G   A 1 9  ? -4.141  7.812   4.989   1.00 13.89 ? 2655 G   A N9    1 
ATOM   225 C C8    . G   A 1 9  ? -4.811  8.921   4.531   1.00 15.77 ? 2655 G   A C8    1 
ATOM   226 N N7    . G   A 1 9  ? -4.365  9.352   3.379   1.00 16.28 ? 2655 G   A N7    1 
ATOM   227 C C5    . G   A 1 9  ? -3.336  8.476   3.053   1.00 15.25 ? 2655 G   A C5    1 
ATOM   228 C C6    . G   A 1 9  ? -2.477  8.431   1.925   1.00 15.13 ? 2655 G   A C6    1 
ATOM   229 O O6    . G   A 1 9  ? -2.454  9.190   0.948   1.00 17.61 ? 2655 G   A O6    1 
ATOM   230 N N1    . G   A 1 9  ? -1.572  7.372   1.995   1.00 14.49 ? 2655 G   A N1    1 
ATOM   231 C C2    . G   A 1 9  ? -1.506  6.471   3.027   1.00 12.69 ? 2655 G   A C2    1 
ATOM   232 N N2    . G   A 1 9  ? -0.571  5.516   2.924   1.00 12.90 ? 2655 G   A N2    1 
ATOM   233 N N3    . G   A 1 9  ? -2.305  6.502   4.087   1.00 12.22 ? 2655 G   A N3    1 
ATOM   234 C C4    . G   A 1 9  ? -3.190  7.526   4.035   1.00 13.17 ? 2655 G   A C4    1 
HETATM 235 N N1    . OMU A 1 10 ? -1.829  2.273   8.417   1.00 10.11 ? 2656 OMU A N1    1 
HETATM 236 C C2    . OMU A 1 10 ? -0.669  1.587   7.762   1.00 10.29 ? 2656 OMU A C2    1 
HETATM 237 N N3    . OMU A 1 10 ? -0.099  2.157   6.514   1.00 10.66 ? 2656 OMU A N3    1 
HETATM 238 C C4    . OMU A 1 10 ? -0.667  3.390   5.930   1.00 10.93 ? 2656 OMU A C4    1 
HETATM 239 C C5    . OMU A 1 10 ? -1.843  4.083   6.582   1.00 10.38 ? 2656 OMU A C5    1 
HETATM 240 C C6    . OMU A 1 10 ? -2.418  3.497   7.841   1.00 10.44 ? 2656 OMU A C6    1 
HETATM 241 O O2    . OMU A 1 10 ? -0.179  0.427   8.334   1.00 11.12 ? 2656 OMU A O2    1 
HETATM 242 O O4    . OMU A 1 10 ? -0.106  3.904   4.771   1.00 12.50 ? 2656 OMU A O4    1 
HETATM 243 C "C1'" . OMU A 1 10 ? -2.398  1.667   9.608   1.00 10.43 ? 2656 OMU A "C1'" 1 
HETATM 244 C "C2'" . OMU A 1 10 ? -1.390  1.606   10.753  1.00 11.01 ? 2656 OMU A "C2'" 1 
HETATM 245 O "O2'" . OMU A 1 10 ? -1.591  0.448   11.544  1.00 14.05 ? 2656 OMU A "O2'" 1 
HETATM 246 C CM2   . OMU A 1 10 ? -1.389  -0.826  10.982  1.00 17.04 ? 2656 OMU A CM2   1 
HETATM 247 C "C3'" . OMU A 1 10 ? -1.724  2.834   11.558  1.00 11.11 ? 2656 OMU A "C3'" 1 
HETATM 248 C "C4'" . OMU A 1 10 ? -3.243  2.957   11.372  1.00 10.82 ? 2656 OMU A "C4'" 1 
HETATM 249 O "O3'" . OMU A 1 10 ? -1.402  2.642   12.911  1.00 13.12 ? 2656 OMU A "O3'" 1 
HETATM 250 O "O4'" . OMU A 1 10 ? -3.489  2.541   9.993   1.00 10.36 ? 2656 OMU A "O4'" 1 
HETATM 251 C "C5'" . OMU A 1 10 ? -3.676  4.422   11.504  1.00 11.50 ? 2656 OMU A "C5'" 1 
HETATM 252 O "O5'" . OMU A 1 10 ? -2.772  5.199   10.763  1.00 11.66 ? 2656 OMU A "O5'" 1 
HETATM 253 P P     . OMU A 1 10 ? -3.283  6.562   9.995   1.00 12.11 ? 2656 OMU A P     1 
HETATM 254 O OP1   . OMU A 1 10 ? -4.282  7.450   10.948  1.00 13.66 ? 2656 OMU A OP1   1 
HETATM 255 O OP2   . OMU A 1 10 ? -2.118  7.321   9.538   1.00 13.20 ? 2656 OMU A OP2   1 
ATOM   256 P P     . A   A 1 11 ? -0.133  3.383   13.540  1.00 13.44 ? 2657 A   A P     1 
ATOM   257 O OP1   . A   A 1 11 ? -0.147  3.123   14.997  1.00 16.20 ? 2657 A   A OP1   1 
ATOM   258 O OP2   . A   A 1 11 ? -0.111  4.770   13.037  1.00 12.97 ? 2657 A   A OP2   1 
ATOM   259 O "O5'" . A   A 1 11 ? 1.108   2.626   12.879  1.00 11.34 ? 2657 A   A "O5'" 1 
ATOM   260 C "C5'" . A   A 1 11 ? 1.394   1.296   13.262  1.00 11.72 ? 2657 A   A "C5'" 1 
ATOM   261 C "C4'" . A   A 1 11 ? 2.611   0.822   12.501  1.00 10.62 ? 2657 A   A "C4'" 1 
ATOM   262 O "O4'" . A   A 1 11 ? 2.296   0.776   11.091  1.00 10.16 ? 2657 A   A "O4'" 1 
ATOM   263 C "C3'" . A   A 1 11 ? 3.808   1.757   12.554  1.00 10.63 ? 2657 A   A "C3'" 1 
ATOM   264 O "O3'" . A   A 1 11 ? 4.528   1.583   13.759  1.00 12.20 ? 2657 A   A "O3'" 1 
ATOM   265 C "C2'" . A   A 1 11 ? 4.604   1.254   11.361  1.00 10.56 ? 2657 A   A "C2'" 1 
ATOM   266 O "O2'" . A   A 1 11 ? 5.251   0.024   11.619  1.00 12.96 ? 2657 A   A "O2'" 1 
ATOM   267 C "C1'" . A   A 1 11 ? 3.482   1.028   10.360  1.00 9.77  ? 2657 A   A "C1'" 1 
ATOM   268 N N9    . A   A 1 11 ? 3.258   2.131   9.431   1.00 8.80  ? 2657 A   A N9    1 
ATOM   269 C C8    . A   A 1 11 ? 2.178   2.967   9.355   1.00 8.89  ? 2657 A   A C8    1 
ATOM   270 N N7    . A   A 1 11 ? 2.265   3.846   8.383   1.00 8.37  ? 2657 A   A N7    1 
ATOM   271 C C5    . A   A 1 11 ? 3.478   3.560   7.781   1.00 8.15  ? 2657 A   A C5    1 
ATOM   272 C C6    . A   A 1 11 ? 4.156   4.127   6.684   1.00 8.39  ? 2657 A   A C6    1 
ATOM   273 N N6    . A   A 1 11 ? 3.680   5.150   5.969   1.00 9.48  ? 2657 A   A N6    1 
ATOM   274 N N1    . A   A 1 11 ? 5.350   3.599   6.349   1.00 8.91  ? 2657 A   A N1    1 
ATOM   275 C C2    . A   A 1 11 ? 5.828   2.574   7.065   1.00 8.73  ? 2657 A   A C2    1 
ATOM   276 N N3    . A   A 1 11 ? 5.284   1.958   8.111   1.00 8.73  ? 2657 A   A N3    1 
ATOM   277 C C4    . A   A 1 11 ? 4.100   2.506   8.417   1.00 8.57  ? 2657 A   A C4    1 
ATOM   278 P P     . C   A 1 12 ? 5.193   2.857   14.456  1.00 13.77 ? 2658 C   A P     1 
ATOM   279 O OP1   . C   A 1 12 ? 6.066   2.343   15.532  1.00 15.44 ? 2658 C   A OP1   1 
ATOM   280 O OP2   . C   A 1 12 ? 4.125   3.828   14.777  1.00 16.26 ? 2658 C   A OP2   1 
ATOM   281 O "O5'" . C   A 1 12 ? 6.098   3.505   13.307  1.00 11.05 ? 2658 C   A "O5'" 1 
ATOM   282 C "C5'" . C   A 1 12 ? 7.273   2.856   12.841  1.00 10.20 ? 2658 C   A "C5'" 1 
ATOM   283 C "C4'" . C   A 1 12 ? 7.814   3.579   11.621  1.00 8.56  ? 2658 C   A "C4'" 1 
ATOM   284 O "O4'" . C   A 1 12 ? 6.837   3.540   10.551  1.00 8.50  ? 2658 C   A "O4'" 1 
ATOM   285 C "C3'" . C   A 1 12 ? 8.062   5.063   11.820  1.00 8.62  ? 2658 C   A "C3'" 1 
ATOM   286 O "O3'" . C   A 1 12 ? 9.293   5.269   12.497  1.00 9.01  ? 2658 C   A "O3'" 1 
ATOM   287 C "C2'" . C   A 1 12 ? 8.084   5.545   10.374  1.00 8.86  ? 2658 C   A "C2'" 1 
ATOM   288 O "O2'" . C   A 1 12 ? 9.294   5.254   9.704   1.00 9.70  ? 2658 C   A "O2'" 1 
ATOM   289 C "C1'" . C   A 1 12 ? 6.939   4.723   9.783   1.00 8.55  ? 2658 C   A "C1'" 1 
ATOM   290 N N1    . C   A 1 12 ? 5.660   5.477   9.845   1.00 8.09  ? 2658 C   A N1    1 
ATOM   291 C C2    . C   A 1 12 ? 5.452   6.466   8.886   1.00 8.32  ? 2658 C   A C2    1 
ATOM   292 O O2    . C   A 1 12 ? 6.331   6.652   8.036   1.00 8.89  ? 2658 C   A O2    1 
ATOM   293 N N3    . C   A 1 12 ? 4.302   7.184   8.919   1.00 8.63  ? 2658 C   A N3    1 
ATOM   294 C C4    . C   A 1 12 ? 3.388   6.939   9.860   1.00 9.00  ? 2658 C   A C4    1 
ATOM   295 N N4    . C   A 1 12 ? 2.272   7.678   9.850   1.00 10.17 ? 2658 C   A N4    1 
ATOM   296 C C5    . C   A 1 12 ? 3.582   5.933   10.853  1.00 9.27  ? 2658 C   A C5    1 
ATOM   297 C C6    . C   A 1 12 ? 4.724   5.235   10.810  1.00 8.68  ? 2658 C   A C6    1 
ATOM   298 P P     . G   A 1 13 ? 9.437   6.513   13.494  1.00 9.66  ? 2659 G   A P     1 
ATOM   299 O OP1   . G   A 1 13 ? 10.816  6.457   14.031  1.00 11.13 ? 2659 G   A OP1   1 
ATOM   300 O OP2   . G   A 1 13 ? 8.273   6.549   14.410  1.00 10.10 ? 2659 G   A OP2   1 
ATOM   301 O "O5'" . G   A 1 13 ? 9.282   7.771   12.519  1.00 9.69  ? 2659 G   A "O5'" 1 
ATOM   302 C "C5'" . G   A 1 13 ? 10.316  8.123   11.616  1.00 10.13 ? 2659 G   A "C5'" 1 
ATOM   303 C "C4'" . G   A 1 13 ? 9.868   9.311   10.789  1.00 9.16  ? 2659 G   A "C4'" 1 
ATOM   304 O "O4'" . G   A 1 13 ? 8.733   8.924   9.974   1.00 8.79  ? 2659 G   A "O4'" 1 
ATOM   305 C "C3'" . G   A 1 13 ? 9.341   10.489  11.591  1.00 9.03  ? 2659 G   A "C3'" 1 
ATOM   306 O "O3'" . G   A 1 13 ? 10.421  11.249  12.143  1.00 9.96  ? 2659 G   A "O3'" 1 
ATOM   307 C "C2'" . G   A 1 13 ? 8.551   11.215  10.500  1.00 8.78  ? 2659 G   A "C2'" 1 
ATOM   308 O "O2'" . G   A 1 13 ? 9.375   11.994  9.659   1.00 9.24  ? 2659 G   A "O2'" 1 
ATOM   309 C "C1'" . G   A 1 13 ? 7.905   10.041  9.751   1.00 8.55  ? 2659 G   A "C1'" 1 
ATOM   310 N N9    . G   A 1 13 ? 6.606   9.838   10.365  1.00 8.21  ? 2659 G   A N9    1 
ATOM   311 C C8    . G   A 1 13 ? 6.207   8.934   11.320  1.00 9.02  ? 2659 G   A C8    1 
ATOM   312 N N7    . G   A 1 13 ? 4.963   9.102   11.689  1.00 9.36  ? 2659 G   A N7    1 
ATOM   313 C C5    . G   A 1 13 ? 4.528   10.194  10.946  1.00 8.71  ? 2659 G   A C5    1 
ATOM   314 C C6    . G   A 1 13 ? 3.284   10.864  10.909  1.00 8.81  ? 2659 G   A C6    1 
ATOM   315 O O6    . G   A 1 13 ? 2.258   10.613  11.551  1.00 10.69 ? 2659 G   A O6    1 
ATOM   316 N N1    . G   A 1 13 ? 3.300   11.931  10.011  1.00 8.62  ? 2659 G   A N1    1 
ATOM   317 C C2    . G   A 1 13 ? 4.377   12.306  9.245   1.00 7.76  ? 2659 G   A C2    1 
ATOM   318 N N2    . G   A 1 13 ? 4.222   13.362  8.434   1.00 8.49  ? 2659 G   A N2    1 
ATOM   319 N N3    . G   A 1 13 ? 5.541   11.685  9.271   1.00 7.99  ? 2659 G   A N3    1 
ATOM   320 C C4    . G   A 1 13 ? 5.537   10.656  10.142  1.00 8.34  ? 2659 G   A C4    1 
ATOM   321 P P     . A   A 1 14 ? 10.388  11.671  13.690  1.00 11.20 ? 2660 A   A P     1 
ATOM   322 O OP1   . A   A 1 14 ? 11.590  12.490  13.956  1.00 13.11 ? 2660 A   A OP1   1 
ATOM   323 O OP2   . A   A 1 14 ? 10.113  10.484  14.528  1.00 12.19 ? 2660 A   A OP2   1 
ATOM   324 O "O5'" . A   A 1 14 ? 9.096   12.616  13.701  1.00 11.24 ? 2660 A   A "O5'" 1 
ATOM   325 C "C5'" . A   A 1 14 ? 8.517   13.036  14.927  1.00 12.43 ? 2660 A   A "C5'" 1 
ATOM   326 C "C4'" . A   A 1 14 ? 8.200   14.518  14.882  1.00 13.06 ? 2660 A   A "C4'" 1 
ATOM   327 O "O4'" . A   A 1 14 ? 9.434   15.255  14.686  1.00 14.06 ? 2660 A   A "O4'" 1 
ATOM   328 C "C3'" . A   A 1 14 ? 7.309   14.968  13.734  1.00 12.53 ? 2660 A   A "C3'" 1 
ATOM   329 O "O3'" . A   A 1 14 ? 5.939   14.790  14.067  1.00 12.21 ? 2660 A   A "O3'" 1 
ATOM   330 C "C2'" . A   A 1 14 ? 7.674   16.446  13.659  1.00 13.47 ? 2660 A   A "C2'" 1 
ATOM   331 O "O2'" . A   A 1 14 ? 7.106   17.197  14.714  1.00 15.03 ? 2660 A   A "O2'" 1 
ATOM   332 C "C1'" . A   A 1 14 ? 9.180   16.385  13.872  1.00 13.97 ? 2660 A   A "C1'" 1 
ATOM   333 N N9    . A   A 1 14 ? 9.996   16.300  12.660  1.00 14.75 ? 2660 A   A N9    1 
ATOM   334 C C8    . A   A 1 14 ? 10.675  15.211  12.189  1.00 15.21 ? 2660 A   A C8    1 
ATOM   335 N N7    . A   A 1 14 ? 11.342  15.444  11.081  1.00 15.87 ? 2660 A   A N7    1 
ATOM   336 C C5    . A   A 1 14 ? 11.088  16.779  10.812  1.00 15.85 ? 2660 A   A C5    1 
ATOM   337 C C6    . A   A 1 14 ? 11.507  17.641  9.778   1.00 17.22 ? 2660 A   A C6    1 
ATOM   338 N N6    . A   A 1 14 ? 12.306  17.258  8.777   1.00 18.91 ? 2660 A   A N6    1 
ATOM   339 N N1    . A   A 1 14 ? 11.071  18.916  9.808   1.00 17.94 ? 2660 A   A N1    1 
ATOM   340 C C2    . A   A 1 14 ? 10.272  19.297  10.810  1.00 17.70 ? 2660 A   A C2    1 
ATOM   341 N N3    . A   A 1 14 ? 9.814   18.581  11.834  1.00 16.82 ? 2660 A   A N3    1 
ATOM   342 C C4    . A   A 1 14 ? 10.263  17.319  11.777  1.00 15.59 ? 2660 A   A C4    1 
ATOM   343 P P     . G   A 1 15 ? 4.981   13.862  13.178  1.00 10.32 ? 2661 G   A P     1 
ATOM   344 O OP1   . G   A 1 15 ? 3.765   13.621  13.987  1.00 12.61 ? 2661 G   A OP1   1 
ATOM   345 O OP2   . G   A 1 15 ? 5.767   12.720  12.667  1.00 10.94 ? 2661 G   A OP2   1 
ATOM   346 O "O5'" . G   A 1 15 ? 4.601   14.777  11.926  1.00 9.52  ? 2661 G   A "O5'" 1 
ATOM   347 C "C5'" . G   A 1 15 ? 3.829   15.948  12.130  1.00 9.94  ? 2661 G   A "C5'" 1 
ATOM   348 C "C4'" . G   A 1 15 ? 4.321   17.073  11.238  1.00 9.17  ? 2661 G   A "C4'" 1 
ATOM   349 O "O4'" . G   A 1 15 ? 5.759   17.181  11.351  1.00 9.05  ? 2661 G   A "O4'" 1 
ATOM   350 C "C3'" . G   A 1 15 ? 4.080   16.898  9.747   1.00 8.57  ? 2661 G   A "C3'" 1 
ATOM   351 O "O3'" . G   A 1 15 ? 2.773   17.332  9.436   1.00 8.97  ? 2661 G   A "O3'" 1 
ATOM   352 C "C2'" . G   A 1 15 ? 5.114   17.857  9.182   1.00 8.63  ? 2661 G   A "C2'" 1 
ATOM   353 O "O2'" . G   A 1 15 ? 4.738   19.204  9.388   1.00 9.26  ? 2661 G   A "O2'" 1 
ATOM   354 C "C1'" . G   A 1 15 ? 6.292   17.532  10.084  1.00 8.52  ? 2661 G   A "C1'" 1 
ATOM   355 N N9    . G   A 1 15 ? 7.190   16.469  9.637   1.00 8.19  ? 2661 G   A N9    1 
ATOM   356 C C8    . G   A 1 15 ? 7.290   15.180  10.106  1.00 8.69  ? 2661 G   A C8    1 
ATOM   357 N N7    . G   A 1 15 ? 8.223   14.490  9.511   1.00 8.28  ? 2661 G   A N7    1 
ATOM   358 C C5    . G   A 1 15 ? 8.783   15.379  8.599   1.00 7.41  ? 2661 G   A C5    1 
ATOM   359 C C6    . G   A 1 15 ? 9.840   15.212  7.672   1.00 8.24  ? 2661 G   A C6    1 
ATOM   360 O O6    . G   A 1 15 ? 10.530  14.202  7.463   1.00 9.86  ? 2661 G   A O6    1 
ATOM   361 N N1    . G   A 1 15 ? 10.075  16.375  6.940   1.00 7.72  ? 2661 G   A N1    1 
ATOM   362 C C2    . G   A 1 15 ? 9.383   17.550  7.090   1.00 7.67  ? 2661 G   A C2    1 
ATOM   363 N N2    . G   A 1 15 ? 9.752   18.564  6.292   1.00 9.24  ? 2661 G   A N2    1 
ATOM   364 N N3    . G   A 1 15 ? 8.396   17.723  7.956   1.00 7.51  ? 2661 G   A N3    1 
ATOM   365 C C4    . G   A 1 15 ? 8.157   16.599  8.671   1.00 7.80  ? 2661 G   A C4    1 
ATOM   366 P P     . A   A 1 16 ? 2.026   16.756  8.145   1.00 8.95  ? 2662 A   A P     1 
ATOM   367 O OP1   . A   A 1 16 ? 0.730   17.464  8.058   1.00 10.92 ? 2662 A   A OP1   1 
ATOM   368 O OP2   . A   A 1 16 ? 2.047   15.280  8.181   1.00 8.85  ? 2662 A   A OP2   1 
ATOM   369 O "O5'" . A   A 1 16 ? 2.965   17.208  6.934   1.00 8.65  ? 2662 A   A "O5'" 1 
ATOM   370 C "C5'" . A   A 1 16 ? 3.056   18.565  6.523   1.00 9.20  ? 2662 A   A "C5'" 1 
ATOM   371 C "C4'" . A   A 1 16 ? 4.024   18.654  5.360   1.00 8.75  ? 2662 A   A "C4'" 1 
ATOM   372 O "O4'" . A   A 1 16 ? 5.366   18.355  5.815   1.00 8.58  ? 2662 A   A "O4'" 1 
ATOM   373 C "C3'" . A   A 1 16 ? 3.775   17.639  4.260   1.00 8.62  ? 2662 A   A "C3'" 1 
ATOM   374 O "O3'" . A   A 1 16 ? 2.774   18.145  3.398   1.00 9.79  ? 2662 A   A "O3'" 1 
ATOM   375 C "C2'" . A   A 1 16 ? 5.149   17.564  3.603   1.00 8.32  ? 2662 A   A "C2'" 1 
ATOM   376 O "O2'" . A   A 1 16 ? 5.373   18.650  2.730   1.00 8.89  ? 2662 A   A "O2'" 1 
ATOM   377 C "C1'" . A   A 1 16 ? 6.072   17.646  4.817   1.00 7.55  ? 2662 A   A "C1'" 1 
ATOM   378 N N9    . A   A 1 16 ? 6.379   16.310  5.313   1.00 7.69  ? 2662 A   A N9    1 
ATOM   379 C C8    . A   A 1 16 ? 5.624   15.575  6.185   1.00 7.35  ? 2662 A   A C8    1 
ATOM   380 N N7    . A   A 1 16 ? 6.116   14.388  6.436   1.00 7.61  ? 2662 A   A N7    1 
ATOM   381 C C5    . A   A 1 16 ? 7.264   14.344  5.667   1.00 7.97  ? 2662 A   A C5    1 
ATOM   382 C C6    . A   A 1 16 ? 8.233   13.343  5.502   1.00 9.00  ? 2662 A   A C6    1 
ATOM   383 N N6    . A   A 1 16 ? 8.160   12.169  6.138   1.00 10.64 ? 2662 A   A N6    1 
ATOM   384 N N1    . A   A 1 16 ? 9.259   13.595  4.665   1.00 8.94  ? 2662 A   A N1    1 
ATOM   385 C C2    . A   A 1 16 ? 9.304   14.781  4.046   1.00 8.76  ? 2662 A   A C2    1 
ATOM   386 N N3    . A   A 1 16 ? 8.452   15.804  4.123   1.00 7.99  ? 2662 A   A N3    1 
ATOM   387 C C4    . A   A 1 16 ? 7.445   15.516  4.962   1.00 7.58  ? 2662 A   A C4    1 
ATOM   388 P P     . G   A 1 17 ? 1.693   17.149  2.780   1.00 10.53 ? 2663 G   A P     1 
ATOM   389 O OP1   . G   A 1 17 ? 0.793   17.962  1.931   1.00 13.05 ? 2663 G   A OP1   1 
ATOM   390 O OP2   . G   A 1 17 ? 1.116   16.294  3.845   1.00 11.46 ? 2663 G   A OP2   1 
ATOM   391 O "O5'" . G   A 1 17 ? 2.635   16.254  1.857   1.00 10.64 ? 2663 G   A "O5'" 1 
ATOM   392 C "C5'" . G   A 1 17 ? 2.334   14.890  1.682   1.00 11.10 ? 2663 G   A "C5'" 1 
ATOM   393 C "C4'" . G   A 1 17 ? 3.602   14.072  1.767   1.00 10.50 ? 2663 G   A "C4'" 1 
ATOM   394 O "O4'" . G   A 1 17 ? 4.176   14.224  3.089   1.00 10.73 ? 2663 G   A "O4'" 1 
ATOM   395 C "C3'" . G   A 1 17 ? 3.361   12.579  1.634   1.00 10.79 ? 2663 G   A "C3'" 1 
ATOM   396 O "O3'" . G   A 1 17 ? 3.306   12.196  0.265   1.00 11.17 ? 2663 G   A "O3'" 1 
ATOM   397 C "C2'" . G   A 1 17 ? 4.583   12.026  2.360   1.00 10.76 ? 2663 G   A "C2'" 1 
ATOM   398 O "O2'" . G   A 1 17 ? 5.748   12.073  1.561   1.00 11.17 ? 2663 G   A "O2'" 1 
ATOM   399 C "C1'" . G   A 1 17 ? 4.660   12.981  3.554   1.00 10.42 ? 2663 G   A "C1'" 1 
ATOM   400 N N9    . G   A 1 17 ? 3.786   12.481  4.609   1.00 10.02 ? 2663 G   A N9    1 
ATOM   401 C C8    . G   A 1 17 ? 2.552   12.944  4.994   1.00 10.20 ? 2663 G   A C8    1 
ATOM   402 N N7    . G   A 1 17 ? 2.011   12.241  5.954   1.00 10.36 ? 2663 G   A N7    1 
ATOM   403 C C5    . G   A 1 17 ? 2.941   11.243  6.219   1.00 9.41  ? 2663 G   A C5    1 
ATOM   404 C C6    . G   A 1 17 ? 2.915   10.181  7.158   1.00 9.09  ? 2663 G   A C6    1 
ATOM   405 O O6    . G   A 1 17 ? 2.030   9.891   7.976   1.00 10.01 ? 2663 G   A O6    1 
ATOM   406 N N1    . G   A 1 17 ? 4.069   9.403   7.079   1.00 8.75  ? 2663 G   A N1    1 
ATOM   407 C C2    . G   A 1 17 ? 5.118   9.630   6.217   1.00 9.10  ? 2663 G   A C2    1 
ATOM   408 N N2    . G   A 1 17 ? 6.151   8.779   6.288   1.00 10.28 ? 2663 G   A N2    1 
ATOM   409 N N3    . G   A 1 17 ? 5.151   10.619  5.336   1.00 9.08  ? 2663 G   A N3    1 
ATOM   410 C C4    . G   A 1 17 ? 4.034   11.379  5.393   1.00 9.14  ? 2663 G   A C4    1 
ATOM   411 P P     . G   A 1 18 ? 2.182   11.163  -0.216  1.00 11.69 ? 2664 G   A P     1 
ATOM   412 O OP1   . G   A 1 18 ? 2.400   10.913  -1.658  1.00 12.96 ? 2664 G   A OP1   1 
ATOM   413 O OP2   . G   A 1 18 ? 0.867   11.643  0.263   1.00 13.08 ? 2664 G   A OP2   1 
ATOM   414 O "O5'" . G   A 1 18 ? 2.520   9.845   0.627   1.00 10.96 ? 2664 G   A "O5'" 1 
ATOM   415 C "C5'" . G   A 1 18 ? 3.757   9.165   0.477   1.00 10.84 ? 2664 G   A "C5'" 1 
ATOM   416 C "C4'" . G   A 1 18 ? 3.869   8.073   1.524   1.00 9.72  ? 2664 G   A "C4'" 1 
ATOM   417 O "O4'" . G   A 1 18 ? 3.826   8.662   2.848   1.00 9.45  ? 2664 G   A "O4'" 1 
ATOM   418 C "C3'" . G   A 1 18 ? 2.719   7.080   1.546   1.00 8.85  ? 2664 G   A "C3'" 1 
ATOM   419 O "O3'" . G   A 1 18 ? 2.889   6.094   0.537   1.00 9.23  ? 2664 G   A "O3'" 1 
ATOM   420 C "C2'" . G   A 1 18 ? 2.879   6.514   2.951   1.00 8.90  ? 2664 G   A "C2'" 1 
ATOM   421 O "O2'" . G   A 1 18 ? 4.018   5.690   3.073   1.00 9.02  ? 2664 G   A "O2'" 1 
ATOM   422 C "C1'" . G   A 1 18 ? 3.120   7.800   3.725   1.00 8.93  ? 2664 G   A "C1'" 1 
ATOM   423 N N9    . G   A 1 18 ? 1.884   8.453   4.146   1.00 8.99  ? 2664 G   A N9    1 
ATOM   424 C C8    . G   A 1 18 ? 1.286   9.543   3.562   1.00 9.72  ? 2664 G   A C8    1 
ATOM   425 N N7    . G   A 1 18 ? 0.185   9.909   4.156   1.00 10.82 ? 2664 G   A N7    1 
ATOM   426 C C5    . G   A 1 18 ? 0.039   9.006   5.200   1.00 10.19 ? 2664 G   A C5    1 
ATOM   427 C C6    . G   A 1 18 ? -0.972  8.911   6.186   1.00 10.94 ? 2664 G   A C6    1 
ATOM   428 O O6    . G   A 1 18 ? -1.972  9.627   6.336   1.00 12.49 ? 2664 G   A O6    1 
ATOM   429 N N1    . G   A 1 18 ? -0.743  7.852   7.061   1.00 10.15 ? 2664 G   A N1    1 
ATOM   430 C C2    . G   A 1 18 ? 0.325   6.992   6.991   1.00 9.33  ? 2664 G   A C2    1 
ATOM   431 N N2    . G   A 1 18 ? 0.361   6.033   7.929   1.00 9.63  ? 2664 G   A N2    1 
ATOM   432 N N3    . G   A 1 18 ? 1.282   7.070   6.071   1.00 9.06  ? 2664 G   A N3    1 
ATOM   433 C C4    . G   A 1 18 ? 1.075   8.099   5.209   1.00 9.07  ? 2664 G   A C4    1 
ATOM   434 P P     . A   A 1 19 ? 1.620   5.275   0.012   1.00 8.74  ? 2665 A   A P     1 
ATOM   435 O OP1   . A   A 1 19 ? 2.009   4.624   -1.260  1.00 10.21 ? 2665 A   A OP1   1 
ATOM   436 O OP2   . A   A 1 19 ? 0.434   6.159   0.053   1.00 10.00 ? 2665 A   A OP2   1 
ATOM   437 O "O5'" . A   A 1 19 ? 1.420   4.178   1.160   1.00 8.40  ? 2665 A   A "O5'" 1 
ATOM   438 C "C5'" . A   A 1 19 ? 1.692   2.796   0.956   1.00 8.46  ? 2665 A   A "C5'" 1 
ATOM   439 C "C4'" . A   A 1 19 ? 3.162   2.447   1.097   1.00 8.61  ? 2665 A   A "C4'" 1 
ATOM   440 O "O4'" . A   A 1 19 ? 3.725   3.035   2.302   1.00 8.86  ? 2665 A   A "O4'" 1 
ATOM   441 C "C3'" . A   A 1 19 ? 3.410   0.958   1.279   1.00 8.25  ? 2665 A   A "C3'" 1 
ATOM   442 O "O3'" . A   A 1 19 ? 3.389   0.277   0.031   1.00 8.78  ? 2665 A   A "O3'" 1 
ATOM   443 C "C2'" . A   A 1 19 ? 4.786   0.989   1.927   1.00 8.96  ? 2665 A   A "C2'" 1 
ATOM   444 O "O2'" . A   A 1 19 ? 5.790   1.371   1.013   1.00 10.79 ? 2665 A   A "O2'" 1 
ATOM   445 C "C1'" . A   A 1 19 ? 4.540   2.081   2.963   1.00 8.77  ? 2665 A   A "C1'" 1 
ATOM   446 N N9    . A   A 1 19 ? 3.804   1.541   4.100   1.00 8.30  ? 2665 A   A N9    1 
ATOM   447 C C8    . A   A 1 19 ? 2.520   1.846   4.453   1.00 8.35  ? 2665 A   A C8    1 
ATOM   448 N N7    . A   A 1 19 ? 2.099   1.197   5.511   1.00 8.59  ? 2665 A   A N7    1 
ATOM   449 C C5    . A   A 1 19 ? 3.171   0.404   5.872   1.00 8.41  ? 2665 A   A C5    1 
ATOM   450 C C6    . A   A 1 19 ? 3.344   -0.517  6.922   1.00 9.03  ? 2665 A   A C6    1 
ATOM   451 N N6    . A   A 1 19 ? 2.388   -0.796  7.814   1.00 9.42  ? 2665 A   A N6    1 
ATOM   452 N N1    . A   A 1 19 ? 4.537   -1.138  7.012   1.00 9.54  ? 2665 A   A N1    1 
ATOM   453 C C2    . A   A 1 19 ? 5.480   -0.851  6.107   1.00 9.79  ? 2665 A   A C2    1 
ATOM   454 N N3    . A   A 1 19 ? 5.433   -0.004  5.079   1.00 9.11  ? 2665 A   A N3    1 
ATOM   455 C C4    . A   A 1 19 ? 4.235   0.600   5.015   1.00 8.48  ? 2665 A   A C4    1 
ATOM   456 P P     . C   A 1 20 ? 2.916   -1.254  -0.018  1.00 8.43  ? 2666 C   A P     1 
ATOM   457 O OP1   . C   A 1 20 ? 2.700   -1.578  -1.447  1.00 10.36 ? 2666 C   A OP1   1 
ATOM   458 O OP2   . C   A 1 20 ? 1.823   -1.466  0.955   1.00 8.89  ? 2666 C   A OP2   1 
ATOM   459 O "O5'" . C   A 1 20 ? 4.185   -2.060  0.521   1.00 8.77  ? 2666 C   A "O5'" 1 
ATOM   460 C "C5'" . C   A 1 20 ? 5.459   -1.885  -0.081  1.00 9.16  ? 2666 C   A "C5'" 1 
ATOM   461 C "C4'" . C   A 1 20 ? 6.530   -2.531  0.777   1.00 9.90  ? 2666 C   A "C4'" 1 
ATOM   462 O "O4'" . C   A 1 20 ? 6.441   -2.008  2.125   1.00 9.43  ? 2666 C   A "O4'" 1 
ATOM   463 C "C3'" . C   A 1 20 ? 6.393   -4.033  0.960   1.00 10.05 ? 2666 C   A "C3'" 1 
ATOM   464 O "O3'" . C   A 1 20 ? 6.960   -4.720  -0.139  1.00 10.80 ? 2666 C   A "O3'" 1 
ATOM   465 C "C2'" . C   A 1 20 ? 7.222   -4.229  2.220   1.00 10.41 ? 2666 C   A "C2'" 1 
ATOM   466 O "O2'" . C   A 1 20 ? 8.602   -4.104  1.960   1.00 12.51 ? 2666 C   A "O2'" 1 
ATOM   467 C "C1'" . C   A 1 20 ? 6.762   -3.034  3.044   1.00 9.40  ? 2666 C   A "C1'" 1 
ATOM   468 N N1    . C   A 1 20 ? 5.592   -3.316  3.928   1.00 8.83  ? 2666 C   A N1    1 
ATOM   469 C C2    . C   A 1 20 ? 5.807   -4.108  5.056   1.00 9.39  ? 2666 C   A C2    1 
ATOM   470 O O2    . C   A 1 20 ? 6.946   -4.544  5.264   1.00 10.28 ? 2666 C   A O2    1 
ATOM   471 N N3    . C   A 1 20 ? 4.768   -4.373  5.882   1.00 9.27  ? 2666 C   A N3    1 
ATOM   472 C C4    . C   A 1 20 ? 3.562   -3.875  5.612   1.00 8.77  ? 2666 C   A C4    1 
ATOM   473 N N4    . C   A 1 20 ? 2.570   -4.166  6.459   1.00 9.38  ? 2666 C   A N4    1 
ATOM   474 C C5    . C   A 1 20 ? 3.321   -3.059  4.464   1.00 8.88  ? 2666 C   A C5    1 
ATOM   475 C C6    . C   A 1 20 ? 4.356   -2.805  3.656   1.00 8.85  ? 2666 C   A C6    1 
ATOM   476 P P     . C   A 1 21 ? 6.137   -5.889  -0.854  1.00 11.69 ? 2667 C   A P     1 
ATOM   477 O OP1   . C   A 1 21 ? 6.952   -6.346  -2.001  1.00 13.73 ? 2667 C   A OP1   1 
ATOM   478 O OP2   . C   A 1 21 ? 4.746   -5.428  -1.066  1.00 11.67 ? 2667 C   A OP2   1 
ATOM   479 O "O5'" . C   A 1 21 ? 6.077   -7.053  0.238   1.00 11.91 ? 2667 C   A "O5'" 1 
ATOM   480 C "C5'" . C   A 1 21 ? 7.258   -7.719  0.652   1.00 12.46 ? 2667 C   A "C5'" 1 
ATOM   481 C "C4'" . C   A 1 21 ? 6.987   -8.437  1.958   1.00 12.49 ? 2667 C   A "C4'" 1 
ATOM   482 O "O4'" . C   A 1 21 ? 6.583   -7.465  2.954   1.00 12.51 ? 2667 C   A "O4'" 1 
ATOM   483 C "C3'" . C   A 1 21 ? 5.826   -9.417  1.922   1.00 12.07 ? 2667 C   A "C3'" 1 
ATOM   484 O "O3'" . C   A 1 21 ? 6.239   -10.671 1.409   1.00 11.76 ? 2667 C   A "O3'" 1 
ATOM   485 C "C2'" . C   A 1 21 ? 5.511   -9.517  3.406   1.00 12.42 ? 2667 C   A "C2'" 1 
ATOM   486 O "O2'" . C   A 1 21 ? 6.461   -10.306 4.094   1.00 13.50 ? 2667 C   A "O2'" 1 
ATOM   487 C "C1'" . C   A 1 21 ? 5.638   -8.058  3.823   1.00 12.47 ? 2667 C   A "C1'" 1 
ATOM   488 N N1    . C   A 1 21 ? 4.339   -7.351  3.717   1.00 11.25 ? 2667 C   A N1    1 
ATOM   489 C C2    . C   A 1 21 ? 3.394   -7.580  4.718   1.00 11.89 ? 2667 C   A C2    1 
ATOM   490 O O2    . C   A 1 21 ? 3.683   -8.346  5.647   1.00 13.83 ? 2667 C   A O2    1 
ATOM   491 N N3    . C   A 1 21 ? 2.197   -6.954  4.643   1.00 11.64 ? 2667 C   A N3    1 
ATOM   492 C C4    . C   A 1 21 ? 1.934   -6.135  3.623   1.00 11.09 ? 2667 C   A C4    1 
ATOM   493 N N4    . C   A 1 21 ? 0.737   -5.541  3.600   1.00 11.51 ? 2667 C   A N4    1 
ATOM   494 C C5    . C   A 1 21 ? 2.884   -5.889  2.588   1.00 10.65 ? 2667 C   A C5    1 
ATOM   495 C C6    . C   A 1 21 ? 4.064   -6.517  2.671   1.00 10.64 ? 2667 C   A C6    1 
ATOM   496 P P     . G   A 1 22 ? 5.278   -11.467 0.410   1.00 12.11 ? 2668 G   A P     1 
ATOM   497 O OP1   . G   A 1 22 ? 5.906   -12.787 0.167   1.00 13.00 ? 2668 G   A OP1   1 
ATOM   498 O OP2   . G   A 1 22 ? 4.965   -10.573 -0.725  1.00 14.77 ? 2668 G   A OP2   1 
ATOM   499 O "O5'" . G   A 1 22 ? 3.930   -11.659 1.248   1.00 11.41 ? 2668 G   A "O5'" 1 
ATOM   500 C "C5'" . G   A 1 22 ? 3.874   -12.592 2.311   1.00 11.59 ? 2668 G   A "C5'" 1 
ATOM   501 C "C4'" . G   A 1 22 ? 2.539   -12.494 3.020   1.00 10.91 ? 2668 G   A "C4'" 1 
ATOM   502 O "O4'" . G   A 1 22 ? 2.399   -11.159 3.576   1.00 9.93  ? 2668 G   A "O4'" 1 
ATOM   503 C "C3'" . G   A 1 22 ? 1.305   -12.637 2.136   1.00 11.69 ? 2668 G   A "C3'" 1 
ATOM   504 O "O3'" . G   A 1 22 ? 1.015   -13.997 1.782   1.00 14.27 ? 2668 G   A "O3'" 1 
ATOM   505 C "C2'" . G   A 1 22 ? 0.270   -12.031 3.078   1.00 11.18 ? 2668 G   A "C2'" 1 
ATOM   506 O "O2'" . G   A 1 22 ? -0.009  -12.850 4.196   1.00 13.86 ? 2668 G   A "O2'" 1 
ATOM   507 C "C1'" . G   A 1 22 ? 1.031   -10.791 3.530   1.00 9.27  ? 2668 G   A "C1'" 1 
ATOM   508 N N9    . G   A 1 22 ? 0.857   -9.692  2.588   1.00 8.35  ? 2668 G   A N9    1 
ATOM   509 C C8    . G   A 1 22 ? 1.780   -9.229  1.682   1.00 8.61  ? 2668 G   A C8    1 
ATOM   510 N N7    . G   A 1 22 ? 1.341   -8.237  0.960   1.00 8.91  ? 2668 G   A N7    1 
ATOM   511 C C5    . G   A 1 22 ? 0.044   -8.035  1.414   1.00 7.80  ? 2668 G   A C5    1 
ATOM   512 C C6    . G   A 1 22 ? -0.923  -7.091  1.000   1.00 7.42  ? 2668 G   A C6    1 
ATOM   513 O O6    . G   A 1 22 ? -0.813  -6.221  0.129   1.00 8.36  ? 2668 G   A O6    1 
ATOM   514 N N1    . G   A 1 22 ? -2.113  -7.226  1.711   1.00 7.64  ? 2668 G   A N1    1 
ATOM   515 C C2    . G   A 1 22 ? -2.338  -8.150  2.703   1.00 7.12  ? 2668 G   A C2    1 
ATOM   516 N N2    . G   A 1 22 ? -3.552  -8.130  3.273   1.00 7.77  ? 2668 G   A N2    1 
ATOM   517 N N3    . G   A 1 22 ? -1.436  -9.038  3.101   1.00 7.54  ? 2668 G   A N3    1 
ATOM   518 C C4    . G   A 1 22 ? -0.273  -8.924  2.414   1.00 7.78  ? 2668 G   A C4    1 
ATOM   519 P P     . G   A 1 23 ? 0.352   -14.359 0.360   1.00 15.55 ? 2669 G   A P     1 
ATOM   520 O OP1   . G   A 1 23 ? 0.347   -15.832 0.230   1.00 16.81 ? 2669 G   A OP1   1 
ATOM   521 O OP2   . G   A 1 23 ? 1.002   -13.527 -0.677  1.00 16.55 ? 2669 G   A OP2   1 
ATOM   522 O "O5'" . G   A 1 23 ? -1.154  -13.854 0.501   1.00 14.54 ? 2669 G   A "O5'" 1 
ATOM   523 C "C5'" . G   A 1 23 ? -2.001  -14.389 1.501   1.00 13.08 ? 2669 G   A "C5'" 1 
ATOM   524 C "C4'" . G   A 1 23 ? -3.229  -13.514 1.639   1.00 11.49 ? 2669 G   A "C4'" 1 
ATOM   525 O "O4'" . G   A 1 23 ? -2.812  -12.148 1.860   1.00 9.89  ? 2669 G   A "O4'" 1 
ATOM   526 C "C3'" . G   A 1 23 ? -4.096  -13.410 0.395   1.00 12.21 ? 2669 G   A "C3'" 1 
ATOM   527 O "O3'" . G   A 1 23 ? -4.954  -14.532 0.303   1.00 14.97 ? 2669 G   A "O3'" 1 
ATOM   528 C "C2'" . G   A 1 23 ? -4.862  -12.127 0.692   1.00 10.12 ? 2669 G   A "C2'" 1 
ATOM   529 O "O2'" . G   A 1 23 ? -5.814  -12.280 1.725   1.00 10.83 ? 2669 G   A "O2'" 1 
ATOM   530 C "C1'" . G   A 1 23 ? -3.726  -11.273 1.225   1.00 9.03  ? 2669 G   A "C1'" 1 
ATOM   531 N N9    . G   A 1 23 ? -3.025  -10.458 0.237   1.00 9.37  ? 2669 G   A N9    1 
ATOM   532 C C8    . G   A 1 23 ? -1.717  -10.549 -0.178  1.00 10.05 ? 2669 G   A C8    1 
ATOM   533 N N7    . G   A 1 23 ? -1.395  -9.641  -1.061  1.00 9.84  ? 2669 G   A N7    1 
ATOM   534 C C5    . G   A 1 23 ? -2.558  -8.897  -1.236  1.00 8.69  ? 2669 G   A C5    1 
ATOM   535 C C6    . G   A 1 23 ? -2.831  -7.777  -2.061  1.00 9.00  ? 2669 G   A C6    1 
ATOM   536 O O6    . G   A 1 23 ? -2.063  -7.187  -2.831  1.00 9.84  ? 2669 G   A O6    1 
ATOM   537 N N1    . G   A 1 23 ? -4.147  -7.338  -1.926  1.00 8.44  ? 2669 G   A N1    1 
ATOM   538 C C2    . G   A 1 23 ? -5.081  -7.911  -1.096  1.00 8.41  ? 2669 G   A C2    1 
ATOM   539 N N2    . G   A 1 23 ? -6.304  -7.365  -1.099  1.00 8.80  ? 2669 G   A N2    1 
ATOM   540 N N3    . G   A 1 23 ? -4.839  -8.954  -0.316  1.00 8.31  ? 2669 G   A N3    1 
ATOM   541 C C4    . G   A 1 23 ? -3.564  -9.391  -0.439  1.00 8.55  ? 2669 G   A C4    1 
ATOM   542 P P     . A   A 1 24 ? -5.254  -15.178 -1.128  1.00 18.49 ? 2670 A   A P     1 
ATOM   543 O OP1   . A   A 1 24 ? -5.866  -16.502 -0.888  1.00 20.32 ? 2670 A   A OP1   1 
ATOM   544 O OP2   . A   A 1 24 ? -4.033  -15.066 -1.957  1.00 20.31 ? 2670 A   A OP2   1 
ATOM   545 O "O5'" . A   A 1 24 ? -6.357  -14.206 -1.750  1.00 17.38 ? 2670 A   A "O5'" 1 
ATOM   546 C "C5'" . A   A 1 24 ? -7.655  -14.178 -1.177  1.00 16.22 ? 2670 A   A "C5'" 1 
ATOM   547 C "C4'" . A   A 1 24 ? -8.471  -13.043 -1.759  1.00 14.83 ? 2670 A   A "C4'" 1 
ATOM   548 O "O4'" . A   A 1 24 ? -7.860  -11.776 -1.408  1.00 13.46 ? 2670 A   A "O4'" 1 
ATOM   549 C "C3'" . A   A 1 24 ? -8.536  -12.990 -3.277  1.00 15.74 ? 2670 A   A "C3'" 1 
ATOM   550 O "O3'" . A   A 1 24 ? -9.503  -13.887 -3.791  1.00 18.45 ? 2670 A   A "O3'" 1 
ATOM   551 C "C2'" . A   A 1 24 ? -8.991  -11.553 -3.466  1.00 14.41 ? 2670 A   A "C2'" 1 
ATOM   552 O "O2'" . A   A 1 24 ? -10.336 -11.366 -3.077  1.00 14.96 ? 2670 A   A "O2'" 1 
ATOM   553 C "C1'" . A   A 1 24 ? -8.061  -10.866 -2.477  1.00 13.42 ? 2670 A   A "C1'" 1 
ATOM   554 N N9    . A   A 1 24 ? -6.770  -10.526 -3.066  1.00 12.76 ? 2670 A   A N9    1 
ATOM   555 C C8    . A   A 1 24 ? -5.581  -11.185 -2.924  1.00 13.30 ? 2670 A   A C8    1 
ATOM   556 N N7    . A   A 1 24 ? -4.589  -10.630 -3.581  1.00 12.62 ? 2670 A   A N7    1 
ATOM   557 C C5    . A   A 1 24 ? -5.170  -9.533  -4.196  1.00 12.04 ? 2670 A   A C5    1 
ATOM   558 C C6    . A   A 1 24 ? -4.657  -8.528  -5.037  1.00 12.15 ? 2670 A   A C6    1 
ATOM   559 N N6    . A   A 1 24 ? -3.376  -8.477  -5.413  1.00 12.33 ? 2670 A   A N6    1 
ATOM   560 N N1    . A   A 1 24 ? -5.509  -7.578  -5.479  1.00 12.07 ? 2670 A   A N1    1 
ATOM   561 C C2    . A   A 1 24 ? -6.790  -7.638  -5.096  1.00 12.13 ? 2670 A   A C2    1 
ATOM   562 N N3    . A   A 1 24 ? -7.387  -8.531  -4.309  1.00 12.13 ? 2670 A   A N3    1 
ATOM   563 C C4    . A   A 1 24 ? -6.513  -9.458  -3.891  1.00 12.11 ? 2670 A   A C4    1 
ATOM   564 P P     . G   A 1 25 ? -9.361  -14.430 -5.292  1.00 21.75 ? 2671 G   A P     1 
ATOM   565 O OP1   . G   A 1 25 ? -10.481 -15.366 -5.528  1.00 22.79 ? 2671 G   A OP1   1 
ATOM   566 O OP2   . G   A 1 25 ? -7.968  -14.890 -5.480  1.00 22.69 ? 2671 G   A OP2   1 
ATOM   567 O "O5'" . G   A 1 25 ? -9.571  -13.134 -6.205  1.00 21.90 ? 2671 G   A "O5'" 1 
ATOM   568 C "C5'" . G   A 1 25 ? -10.860 -12.556 -6.359  1.00 19.90 ? 2671 G   A "C5'" 1 
ATOM   569 C "C4'" . G   A 1 25 ? -10.762 -11.248 -7.121  1.00 18.02 ? 2671 G   A "C4'" 1 
ATOM   570 O "O4'" . G   A 1 25 ? -9.748  -10.413 -6.510  1.00 18.29 ? 2671 G   A "O4'" 1 
ATOM   571 C "C3'" . G   A 1 25 ? -10.302 -11.354 -8.565  1.00 16.96 ? 2671 G   A "C3'" 1 
ATOM   572 O "O3'" . G   A 1 25 ? -11.388 -11.718 -9.397  1.00 16.76 ? 2671 G   A "O3'" 1 
ATOM   573 C "C2'" . G   A 1 25 ? -9.895  -9.911  -8.809  1.00 17.20 ? 2671 G   A "C2'" 1 
ATOM   574 O "O2'" . G   A 1 25 ? -11.028 -9.076  -8.927  1.00 17.35 ? 2671 G   A "O2'" 1 
ATOM   575 C "C1'" . G   A 1 25 ? -9.160  -9.601  -7.510  1.00 17.59 ? 2671 G   A "C1'" 1 
ATOM   576 N N9    . G   A 1 25 ? -7.721  -9.852  -7.570  1.00 17.57 ? 2671 G   A N9    1 
ATOM   577 C C8    . G   A 1 25 ? -7.016  -10.907 -7.043  1.00 18.61 ? 2671 G   A C8    1 
ATOM   578 N N7    . G   A 1 25 ? -5.732  -10.838 -7.268  1.00 19.22 ? 2671 G   A N7    1 
ATOM   579 C C5    . G   A 1 25 ? -5.574  -9.661  -7.989  1.00 18.81 ? 2671 G   A C5    1 
ATOM   580 C C6    . G   A 1 25 ? -4.409  -9.053  -8.517  1.00 19.04 ? 2671 G   A C6    1 
ATOM   581 O O6    . G   A 1 25 ? -3.235  -9.444  -8.450  1.00 19.54 ? 2671 G   A O6    1 
ATOM   582 N N1    . G   A 1 25 ? -4.709  -7.865  -9.180  1.00 17.67 ? 2671 G   A N1    1 
ATOM   583 C C2    . G   A 1 25 ? -5.971  -7.335  -9.319  1.00 17.34 ? 2671 G   A C2    1 
ATOM   584 N N2    . G   A 1 25 ? -6.071  -6.183  -9.993  1.00 17.65 ? 2671 G   A N2    1 
ATOM   585 N N3    . G   A 1 25 ? -7.067  -7.896  -8.831  1.00 17.44 ? 2671 G   A N3    1 
ATOM   586 C C4    . G   A 1 25 ? -6.791  -9.047  -8.181  1.00 18.02 ? 2671 G   A C4    1 
ATOM   587 P P     . U   A 1 26 ? -11.126 -12.554 -10.736 1.00 16.83 ? 2672 U   A P     1 
ATOM   588 O OP1   . U   A 1 26 ? -12.447 -12.891 -11.307 1.00 18.21 ? 2672 U   A OP1   1 
ATOM   589 O OP2   . U   A 1 26 ? -10.158 -13.628 -10.425 1.00 18.47 ? 2672 U   A OP2   1 
ATOM   590 O "O5'" . U   A 1 26 ? -10.394 -11.512 -11.700 1.00 15.54 ? 2672 U   A "O5'" 1 
ATOM   591 C "C5'" . U   A 1 26 ? -11.077 -10.362 -12.173 1.00 15.50 ? 2672 U   A "C5'" 1 
ATOM   592 C "C4'" . U   A 1 26 ? -10.086 -9.431  -12.838 1.00 15.26 ? 2672 U   A "C4'" 1 
ATOM   593 O "O4'" . U   A 1 26 ? -9.127  -8.964  -11.857 1.00 15.07 ? 2672 U   A "O4'" 1 
ATOM   594 C "C3'" . U   A 1 26 ? -9.209  -10.082 -13.896 1.00 15.46 ? 2672 U   A "C3'" 1 
ATOM   595 O "O3'" . U   A 1 26 ? -9.891  -10.201 -15.130 1.00 16.79 ? 2672 U   A "O3'" 1 
ATOM   596 C "C2'" . U   A 1 26 ? -8.081  -9.064  -13.975 1.00 15.71 ? 2672 U   A "C2'" 1 
ATOM   597 O "O2'" . U   A 1 26 ? -8.459  -7.885  -14.655 1.00 17.12 ? 2672 U   A "O2'" 1 
ATOM   598 C "C1'" . U   A 1 26 ? -7.877  -8.772  -12.493 1.00 14.80 ? 2672 U   A "C1'" 1 
ATOM   599 N N1    . U   A 1 26 ? -6.852  -9.664  -11.889 1.00 14.22 ? 2672 U   A N1    1 
ATOM   600 C C2    . U   A 1 26 ? -5.532  -9.311  -12.044 1.00 14.40 ? 2672 U   A C2    1 
ATOM   601 O O2    . U   A 1 26 ? -5.191  -8.311  -12.645 1.00 15.17 ? 2672 U   A O2    1 
ATOM   602 N N3    . U   A 1 26 ? -4.628  -10.166 -11.472 1.00 14.99 ? 2672 U   A N3    1 
ATOM   603 C C4    . U   A 1 26 ? -4.912  -11.324 -10.774 1.00 15.28 ? 2672 U   A C4    1 
ATOM   604 O O4    . U   A 1 26 ? -3.992  -11.994 -10.316 1.00 16.63 ? 2672 U   A O4    1 
ATOM   605 C C5    . U   A 1 26 ? -6.317  -11.633 -10.657 1.00 14.73 ? 2672 U   A C5    1 
ATOM   606 C C6    . U   A 1 26 ? -7.218  -10.808 -11.207 1.00 14.66 ? 2672 U   A C6    1 
ATOM   607 P P     . G   A 1 27 ? -9.440  -11.335 -16.165 1.00 18.57 ? 2673 G   A P     1 
ATOM   608 O OP1   . G   A 1 27 ? -10.407 -11.311 -17.284 1.00 20.39 ? 2673 G   A OP1   1 
ATOM   609 O OP2   . G   A 1 27 ? -9.205  -12.593 -15.420 1.00 19.53 ? 2673 G   A OP2   1 
ATOM   610 O "O5'" . G   A 1 27 ? -8.025  -10.810 -16.687 1.00 17.64 ? 2673 G   A "O5'" 1 
ATOM   611 C "C5'" . G   A 1 27 ? -8.001  -9.688  -17.552 1.00 16.94 ? 2673 G   A "C5'" 1 
ATOM   612 C "C4'" . G   A 1 27 ? -6.584  -9.268  -17.892 1.00 16.00 ? 2673 G   A "C4'" 1 
ATOM   613 O "O4'" . G   A 1 27 ? -5.888  -8.873  -16.687 1.00 15.35 ? 2673 G   A "O4'" 1 
ATOM   614 C "C3'" . G   A 1 27 ? -5.679  -10.347 -18.463 1.00 15.92 ? 2673 G   A "C3'" 1 
ATOM   615 O "O3'" . G   A 1 27 ? -5.972  -10.590 -19.831 1.00 17.44 ? 2673 G   A "O3'" 1 
ATOM   616 C "C2'" . G   A 1 27 ? -4.331  -9.659  -18.283 1.00 15.87 ? 2673 G   A "C2'" 1 
ATOM   617 O "O2'" . G   A 1 27 ? -4.098  -8.657  -19.252 1.00 17.52 ? 2673 G   A "O2'" 1 
ATOM   618 C "C1'" . G   A 1 27 ? -4.501  -9.047  -16.891 1.00 14.58 ? 2673 G   A "C1'" 1 
ATOM   619 N N9    . G   A 1 27 ? -3.970  -9.938  -15.870 1.00 13.36 ? 2673 G   A N9    1 
ATOM   620 C C8    . G   A 1 27 ? -4.639  -10.887 -15.134 1.00 12.61 ? 2673 G   A C8    1 
ATOM   621 N N7    . G   A 1 27 ? -3.864  -11.541 -14.313 1.00 12.61 ? 2673 G   A N7    1 
ATOM   622 C C5    . G   A 1 27 ? -2.607  -10.992 -14.529 1.00 12.81 ? 2673 G   A C5    1 
ATOM   623 C C6    . G   A 1 27 ? -1.363  -11.299 -13.935 1.00 13.42 ? 2673 G   A C6    1 
ATOM   624 O O6    . G   A 1 27 ? -1.131  -12.148 -13.066 1.00 14.28 ? 2673 G   A O6    1 
ATOM   625 N N1    . G   A 1 27 ? -0.339  -10.504 -14.451 1.00 13.22 ? 2673 G   A N1    1 
ATOM   626 C C2    . G   A 1 27 ? -0.498  -9.539  -15.419 1.00 13.20 ? 2673 G   A C2    1 
ATOM   627 N N2    . G   A 1 27 ? 0.603   -8.870  -15.790 1.00 13.81 ? 2673 G   A N2    1 
ATOM   628 N N3    . G   A 1 27 ? -1.660  -9.242  -15.983 1.00 13.43 ? 2673 G   A N3    1 
ATOM   629 C C4    . G   A 1 27 ? -2.658  -10.009 -15.488 1.00 13.11 ? 2673 G   A C4    1 
HETATM 630 O O     . HOH B 2 .  ? 7.143   20.293  8.683   1.00 9.22  ? 1    HOH A O     1 
HETATM 631 O O     . HOH B 2 .  ? 6.313   16.921  0.752   1.00 9.37  ? 2    HOH A O     1 
HETATM 632 O O     . HOH B 2 .  ? 0.133   -3.651  1.483   1.00 9.63  ? 3    HOH A O     1 
HETATM 633 O O     . HOH B 2 .  ? 1.029   13.612  10.027  1.00 10.83 ? 4    HOH A O     1 
HETATM 634 O O     . HOH B 2 .  ? -8.834  -8.392  0.066   1.00 10.40 ? 5    HOH A O     1 
HETATM 635 O O     . HOH B 2 .  ? -10.003 -6.061  -1.711  1.00 11.05 ? 6    HOH A O     1 
HETATM 636 O O     . HOH B 2 .  ? 0.003   -3.092  5.597   1.00 11.28 ? 7    HOH A O     1 
HETATM 637 O O     . HOH B 2 .  ? 11.974  16.925  5.002   1.00 11.55 ? 8    HOH A O     1 
HETATM 638 O O     . HOH B 2 .  ? -4.368  4.174   3.572   1.00 14.02 ? 9    HOH A O     1 
HETATM 639 O O     . HOH B 2 .  ? 7.812   9.224   15.202  1.00 14.10 ? 10   HOH A O     1 
HETATM 640 O O     . HOH B 2 .  ? -0.130  11.363  8.754   1.00 14.30 ? 11   HOH A O     1 
HETATM 641 O O     . HOH B 2 .  ? -0.053  6.975   11.434  1.00 15.60 ? 12   HOH A O     1 
HETATM 642 O O     . HOH B 2 .  ? 2.533   -7.153  -1.387  1.00 13.33 ? 13   HOH A O     1 
HETATM 643 O O     . HOH B 2 .  ? 5.552   10.687  14.535  1.00 14.94 ? 14   HOH A O     1 
HETATM 644 O O     . HOH B 2 .  ? -10.546 -2.251  -7.360  1.00 15.42 ? 15   HOH A O     1 
HETATM 645 O O     . HOH B 2 .  ? -2.175  -1.612  -1.873  1.00 14.61 ? 16   HOH A O     1 
HETATM 646 O O     . HOH B 2 .  ? 0.326   -3.320  -1.706  1.00 14.11 ? 17   HOH A O     1 
HETATM 647 O O     . HOH B 2 .  ? -9.667  -4.816  -7.009  1.00 15.54 ? 18   HOH A O     1 
HETATM 648 O O     . HOH B 2 .  ? 0.453   -5.855  -2.726  1.00 13.68 ? 19   HOH A O     1 
HETATM 649 O O     . HOH B 2 .  ? 12.347  6.004   16.227  1.00 14.96 ? 20   HOH A O     1 
HETATM 650 O O     . HOH B 2 .  ? -10.027 -7.524  -4.060  1.00 16.74 ? 21   HOH A O     1 
HETATM 651 O O     . HOH B 2 .  ? -0.023  -6.050  -5.613  1.00 15.05 ? 22   HOH A O     1 
HETATM 652 O O     . HOH B 2 .  ? 12.116  12.856  9.921   1.00 15.07 ? 23   HOH A O     1 
HETATM 653 O O     . HOH B 2 .  ? 3.862   -3.636  -2.838  1.00 14.41 ? 24   HOH A O     1 
HETATM 654 O O     . HOH B 2 .  ? 8.451   -12.240 2.520   1.00 17.37 ? 25   HOH A O     1 
HETATM 655 O O     . HOH B 2 .  ? -0.501  -0.050  -0.285  1.00 15.09 ? 26   HOH A O     1 
HETATM 656 O O     . HOH B 2 .  ? 3.345   -7.949  -16.352 1.00 19.41 ? 27   HOH A O     1 
HETATM 657 O O     . HOH B 2 .  ? 0.772   -9.409  -2.757  1.00 17.31 ? 28   HOH A O     1 
HETATM 658 O O     . HOH B 2 .  ? -5.054  -13.868 -13.270 1.00 18.38 ? 29   HOH A O     1 
HETATM 659 O O     . HOH B 2 .  ? -11.874 -5.568  3.442   1.00 17.61 ? 30   HOH A O     1 
HETATM 660 O O     . HOH B 2 .  ? -9.884  3.084   -7.344  1.00 18.06 ? 31   HOH A O     1 
HETATM 661 O O     . HOH B 2 .  ? -3.945  1.017   0.242   1.00 16.89 ? 32   HOH A O     1 
HETATM 662 O O     . HOH B 2 .  ? 8.712   2.796   16.374  1.00 19.01 ? 33   HOH A O     1 
HETATM 663 O O     . HOH B 2 .  ? 5.258   -11.500 6.215   1.00 20.17 ? 34   HOH A O     1 
HETATM 664 O O     . HOH B 2 .  ? -7.025  3.812   10.377  1.00 16.86 ? 35   HOH A O     1 
HETATM 665 O O     . HOH B 2 .  ? -0.645  12.108  2.590   1.00 17.52 ? 36   HOH A O     1 
HETATM 666 O O     . HOH B 2 .  ? 3.597   8.247   13.998  1.00 19.39 ? 37   HOH A O     1 
HETATM 667 O O     . HOH B 2 .  ? -10.247 1.009   2.830   1.00 17.82 ? 38   HOH A O     1 
HETATM 668 O O     . HOH B 2 .  ? 2.270   5.768   14.248  1.00 16.28 ? 39   HOH A O     1 
HETATM 669 O O     . HOH B 2 .  ? 8.563   20.297  13.463  1.00 18.30 ? 40   HOH A O     1 
HETATM 670 O O     . HOH B 2 .  ? -6.877  3.165   3.149   1.00 19.39 ? 41   HOH A O     1 
HETATM 671 O O     . HOH B 2 .  ? -5.233  -0.213  -1.879  1.00 17.60 ? 42   HOH A O     1 
HETATM 672 O O     . HOH B 2 .  ? 7.114   4.123   4.294   1.00 17.80 ? 43   HOH A O     1 
HETATM 673 O O     . HOH B 2 .  ? -7.889  -13.558 -13.191 1.00 21.16 ? 44   HOH A O     1 
HETATM 674 O O     . HOH B 2 .  ? 2.851   -2.671  9.930   1.00 19.41 ? 45   HOH A O     1 
HETATM 675 O O     . HOH B 2 .  ? -4.149  5.425   1.091   1.00 21.57 ? 46   HOH A O     1 
HETATM 676 O O     . HOH B 2 .  ? -12.637 -2.896  3.544   1.00 20.09 ? 47   HOH A O     1 
HETATM 677 O O     . HOH B 2 .  ? -0.680  -2.673  -4.811  1.00 19.61 ? 48   HOH A O     1 
HETATM 678 O O     . HOH B 2 .  ? 8.510   5.548   17.023  1.00 21.30 ? 49   HOH A O     1 
HETATM 679 O O     . HOH B 2 .  ? -6.456  -6.178  -15.108 1.00 23.53 ? 50   HOH A O     1 
HETATM 680 O O     . HOH B 2 .  ? -6.291  9.328   10.638  1.00 20.76 ? 51   HOH A O     1 
HETATM 681 O O     . HOH B 2 .  ? -1.647  -14.664 5.549   1.00 19.86 ? 52   HOH A O     1 
HETATM 682 O O     . HOH B 2 .  ? 1.149   -8.443  6.850   1.00 19.98 ? 53   HOH A O     1 
HETATM 683 O O     . HOH B 2 .  ? 4.861   -14.915 -1.248  1.00 25.60 ? 54   HOH A O     1 
HETATM 684 O O     . HOH B 2 .  ? -2.405  -4.219  9.584   1.00 20.08 ? 55   HOH A O     1 
HETATM 685 O O     . HOH B 2 .  ? 5.560   6.339   14.873  1.00 20.98 ? 56   HOH A O     1 
HETATM 686 O O     A HOH B 2 .  ? 7.169   10.302  3.128   0.50 18.09 ? 57   HOH A O     1 
HETATM 687 O O     B HOH B 2 .  ? 7.036   9.655   1.726   0.50 20.79 ? 57   HOH A O     1 
HETATM 688 O O     . HOH B 2 .  ? 12.291  14.631  15.611  1.00 20.54 ? 58   HOH A O     1 
HETATM 689 O O     . HOH B 2 .  ? -0.962  14.504  3.954   1.00 20.40 ? 59   HOH A O     1 
HETATM 690 O O     . HOH B 2 .  ? 5.621   1.780   -1.811  1.00 22.48 ? 60   HOH A O     1 
HETATM 691 O O     . HOH B 2 .  ? 2.700   -10.699 6.930   1.00 23.40 ? 61   HOH A O     1 
HETATM 692 O O     A HOH B 2 .  ? -12.015 -3.617  6.618   0.50 17.45 ? 62   HOH A O     1 
HETATM 693 O O     B HOH B 2 .  ? -11.165 -4.723  6.430   0.50 12.78 ? 62   HOH A O     1 
HETATM 694 O O     . HOH B 2 .  ? -1.069  -11.418 -10.016 1.00 26.40 ? 63   HOH A O     1 
HETATM 695 O O     . HOH B 2 .  ? -2.810  -0.150  -5.934  1.00 21.37 ? 64   HOH A O     1 
HETATM 696 O O     . HOH B 2 .  ? 9.166   6.651   7.452   1.00 20.74 ? 65   HOH A O     1 
HETATM 697 O O     . HOH B 2 .  ? -0.527  17.819  5.465   1.00 21.58 ? 66   HOH A O     1 
HETATM 698 O O     . HOH B 2 .  ? 2.463   -11.472 -1.954  1.00 22.64 ? 67   HOH A O     1 
HETATM 699 O O     . HOH B 2 .  ? 3.136   8.778   -3.300  1.00 24.61 ? 68   HOH A O     1 
HETATM 700 O O     . HOH B 2 .  ? -2.047  5.098   -0.660  1.00 28.42 ? 69   HOH A O     1 
HETATM 701 O O     . HOH B 2 .  ? -2.715  12.044  5.264   1.00 26.06 ? 70   HOH A O     1 
HETATM 702 O O     . HOH B 2 .  ? -0.985  16.843  10.384  1.00 25.25 ? 71   HOH A O     1 
HETATM 703 O O     . HOH B 2 .  ? 9.850   -1.533  1.739   1.00 25.16 ? 72   HOH A O     1 
HETATM 704 O O     . HOH B 2 .  ? -2.134  10.078  10.040  1.00 24.35 ? 73   HOH A O     1 
HETATM 705 O O     . HOH B 2 .  ? -9.555  -6.645  -9.040  1.00 19.89 ? 75   HOH A O     1 
HETATM 706 O O     . HOH B 2 .  ? 5.783   -1.741  9.483   1.00 26.19 ? 76   HOH A O     1 
HETATM 707 O O     . HOH B 2 .  ? 0.139   14.956  12.278  1.00 22.58 ? 77   HOH A O     1 
HETATM 708 O O     . HOH B 2 .  ? -6.356  2.178   0.693   1.00 21.51 ? 78   HOH A O     1 
HETATM 709 O O     . HOH B 2 .  ? 0.075   14.220  -0.997  1.00 33.41 ? 79   HOH A O     1 
HETATM 710 O O     . HOH B 2 .  ? -0.617  -6.157  6.167   1.00 24.73 ? 80   HOH A O     1 
HETATM 711 O O     . HOH B 2 .  ? -7.789  -14.145 -8.879  1.00 34.74 ? 81   HOH A O     1 
HETATM 712 O O     . HOH B 2 .  ? 3.114   -5.807  -9.008  1.00 30.03 ? 82   HOH A O     1 
HETATM 713 O O     . HOH B 2 .  ? 6.306   6.021   -0.702  1.00 33.21 ? 83   HOH A O     1 
HETATM 714 O O     . HOH B 2 .  ? -1.087  -2.308  8.091   1.00 28.04 ? 84   HOH A O     1 
HETATM 715 O O     . HOH B 2 .  ? 14.366  12.375  14.116  1.00 22.59 ? 85   HOH A O     1 
HETATM 716 O O     . HOH B 2 .  ? -1.038  -4.933  -17.128 1.00 34.23 ? 86   HOH A O     1 
HETATM 717 O O     . HOH B 2 .  ? -9.028  3.630   -3.623  1.00 32.41 ? 88   HOH A O     1 
HETATM 718 O O     . HOH B 2 .  ? -2.041  6.221   14.607  1.00 33.88 ? 89   HOH A O     1 
HETATM 719 O O     A HOH B 2 .  ? 9.691   -6.423  -13.580 0.50 25.19 ? 90   HOH A O     1 
HETATM 720 O O     B HOH B 2 .  ? 9.405   -4.958  -12.369 0.50 27.18 ? 90   HOH A O     1 
HETATM 721 O O     . HOH B 2 .  ? -1.886  17.896  1.534   1.00 20.56 ? 91   HOH A O     1 
HETATM 722 O O     . HOH B 2 .  ? -0.504  13.612  6.809   1.00 25.95 ? 92   HOH A O     1 
HETATM 723 O O     . HOH B 2 .  ? -10.200 -5.722  -14.217 1.00 32.52 ? 94   HOH A O     1 
HETATM 724 O O     . HOH B 2 .  ? 9.732   -6.239  -2.148  1.00 29.79 ? 95   HOH A O     1 
HETATM 725 O O     . HOH B 2 .  ? -0.170  -12.410 6.903   1.00 27.20 ? 96   HOH A O     1 
HETATM 726 O O     . HOH B 2 .  ? -0.476  10.949  12.255  1.00 34.34 ? 97   HOH A O     1 
HETATM 727 O O     . HOH B 2 .  ? 5.279   11.946  17.086  1.00 32.79 ? 98   HOH A O     1 
HETATM 728 O O     . HOH B 2 .  ? -9.924  -0.384  8.627   1.00 32.15 ? 99   HOH A O     1 
HETATM 729 O O     . HOH B 2 .  ? -5.411  -13.841 -5.304  1.00 33.97 ? 100  HOH A O     1 
HETATM 730 O O     . HOH B 2 .  ? 2.085   3.033   16.692  1.00 34.15 ? 101  HOH A O     1 
HETATM 731 O O     . HOH B 2 .  ? -9.986  3.216   0.698   1.00 27.17 ? 102  HOH A O     1 
HETATM 732 O O     . HOH B 2 .  ? 8.400   0.623   0.813   1.00 25.05 ? 103  HOH A O     1 
HETATM 733 O O     . HOH B 2 .  ? -1.699  2.380   -0.825  1.00 28.72 ? 104  HOH A O     1 
HETATM 734 O O     . HOH B 2 .  ? 2.694   -0.351  -5.734  1.00 30.48 ? 105  HOH A O     1 
HETATM 735 O O     . HOH B 2 .  ? -0.163  -2.329  -7.545  1.00 20.74 ? 106  HOH A O     1 
HETATM 736 O O     . HOH B 2 .  ? -1.196  10.259  -1.280  1.00 28.54 ? 107  HOH A O     1 
HETATM 737 O O     . HOH B 2 .  ? 1.812   -8.103  -8.117  1.00 31.83 ? 108  HOH A O     1 
HETATM 738 O O     . HOH B 2 .  ? -0.182  7.807   -2.219  1.00 31.26 ? 110  HOH A O     1 
HETATM 739 O O     . HOH B 2 .  ? -7.110  -17.727 -3.225  1.00 32.85 ? 111  HOH A O     1 
HETATM 740 O O     . HOH B 2 .  ? 3.097   2.586   -2.825  1.00 24.30 ? 112  HOH A O     1 
HETATM 741 O O     . HOH B 2 .  ? -9.180  -5.143  -11.652 1.00 30.72 ? 113  HOH A O     1 
HETATM 742 O O     . HOH B 2 .  ? 4.896   0.343   17.139  1.00 27.63 ? 114  HOH A O     1 
HETATM 743 O O     . HOH B 2 .  ? -11.532 2.492   -3.083  1.00 27.23 ? 115  HOH A O     1 
HETATM 744 O O     . HOH B 2 .  ? -3.503  8.349   13.421  1.00 30.40 ? 116  HOH A O     1 
HETATM 745 O O     . HOH B 2 .  ? 13.198  20.152  8.044   1.00 30.21 ? 117  HOH A O     1 
HETATM 746 O O     . HOH B 2 .  ? -0.303  5.838   -15.220 1.00 28.10 ? 118  HOH A O     1 
HETATM 747 O O     . HOH B 2 .  ? 1.981   -4.149  -4.947  1.00 29.23 ? 119  HOH A O     1 
HETATM 748 O O     . HOH B 2 .  ? 1.000   11.194  -4.084  1.00 27.04 ? 120  HOH A O     1 
HETATM 749 O O     . HOH B 2 .  ? -7.374  3.236   -1.525  1.00 34.50 ? 121  HOH A O     1 
HETATM 750 O O     . HOH B 2 .  ? 7.143   5.228   1.776   1.00 33.62 ? 123  HOH A O     1 
HETATM 751 O O     . HOH B 2 .  ? 1.118   1.410   -7.360  1.00 29.40 ? 124  HOH A O     1 
HETATM 752 O O     . HOH B 2 .  ? 5.961   -2.530  -4.297  1.00 31.53 ? 125  HOH A O     1 
HETATM 753 O O     . HOH B 2 .  ? 0.835   8.766   13.387  1.00 30.08 ? 126  HOH A O     1 
HETATM 754 O O     . HOH B 2 .  ? 5.063   -1.990  13.471  1.00 31.30 ? 127  HOH A O     1 
HETATM 755 O O     . HOH B 2 .  ? 2.782   1.740   -9.666  1.00 31.68 ? 128  HOH A O     1 
HETATM 756 O O     . HOH B 2 .  ? 4.825   8.050   16.889  1.00 32.98 ? 129  HOH A O     1 
HETATM 757 O O     . HOH B 2 .  ? 0.763   -15.271 4.234   1.00 33.26 ? 130  HOH A O     1 
HETATM 758 O O     . HOH B 2 .  ? -11.978 1.854   6.735   1.00 31.85 ? 131  HOH A O     1 
HETATM 759 O O     . HOH B 2 .  ? 1.450   -10.166 -10.069 1.00 31.71 ? 132  HOH A O     1 
HETATM 760 O O     . HOH B 2 .  ? -0.932  4.340   -12.897 1.00 32.19 ? 133  HOH A O     1 
HETATM 761 O O     . HOH B 2 .  ? -5.670  -4.842  -17.399 1.00 35.27 ? 134  HOH A O     1 
HETATM 762 O O     . HOH B 2 .  ? -0.232  -13.206 -3.216  1.00 31.73 ? 135  HOH A O     1 
HETATM 763 O O     . HOH B 2 .  ? -4.173  -14.293 -8.663  1.00 32.86 ? 136  HOH A O     1 
HETATM 764 O O     . HOH B 2 .  ? -3.607  12.243  2.512   1.00 31.57 ? 137  HOH A O     1 
HETATM 765 O O     . HOH B 2 .  ? -9.676  -12.659 -19.626 1.00 31.19 ? 138  HOH A O     1 
HETATM 766 O O     . HOH B 2 .  ? 2.585   -2.720  -7.171  1.00 31.00 ? 139  HOH A O     1 
HETATM 767 O O     . HOH B 2 .  ? 1.636   0.283   -3.231  1.00 28.36 ? 140  HOH A O     1 
HETATM 768 O O     . HOH B 2 .  ? 8.526   17.715  17.215  1.00 31.29 ? 141  HOH A O     1 
HETATM 769 O O     . HOH B 2 .  ? -3.369  15.283  5.169   1.00 33.79 ? 142  HOH A O     1 
HETATM 770 O O     . HOH B 2 .  ? -6.961  10.790  2.099   1.00 30.90 ? 143  HOH A O     1 
HETATM 771 O O     A HOH B 2 .  ? -2.439  4.230   -8.031  0.50 33.59 ? 145  HOH A O     1 
HETATM 772 O O     B HOH B 2 .  ? -3.758  3.607   -6.948  0.50 33.92 ? 145  HOH A O     1 
HETATM 773 O O     . HOH B 2 .  ? -6.904  -2.140  -12.521 1.00 33.60 ? 146  HOH A O     1 
HETATM 774 O O     . HOH B 2 .  ? -1.792  -7.441  -18.215 1.00 32.71 ? 148  HOH A O     1 
HETATM 775 O O     . HOH B 2 .  ? -9.343  3.685   3.338   1.00 30.58 ? 150  HOH A O     1 
HETATM 776 O O     . HOH B 2 .  ? 9.814   9.343   2.924   1.00 32.35 ? 151  HOH A O     1 
HETATM 777 O O     . HOH B 2 .  ? 8.994   9.235   5.636   1.00 30.23 ? 152  HOH A O     1 
HETATM 778 O O     . HOH B 2 .  ? 10.712  10.722  7.438   1.00 26.23 ? 153  HOH A O     1 
HETATM 779 O O     . HOH B 2 .  ? 14.023  15.001  8.505   1.00 32.61 ? 154  HOH A O     1 
# 
loop_
_atom_site_anisotrop.id 
_atom_site_anisotrop.type_symbol 
_atom_site_anisotrop.pdbx_label_atom_id 
_atom_site_anisotrop.pdbx_label_alt_id 
_atom_site_anisotrop.pdbx_label_comp_id 
_atom_site_anisotrop.pdbx_label_asym_id 
_atom_site_anisotrop.pdbx_label_seq_id 
_atom_site_anisotrop.pdbx_PDB_ins_code 
_atom_site_anisotrop.U[1][1] 
_atom_site_anisotrop.U[2][2] 
_atom_site_anisotrop.U[3][3] 
_atom_site_anisotrop.U[1][2] 
_atom_site_anisotrop.U[1][3] 
_atom_site_anisotrop.U[2][3] 
_atom_site_anisotrop.pdbx_auth_seq_id 
_atom_site_anisotrop.pdbx_auth_comp_id 
_atom_site_anisotrop.pdbx_auth_asym_id 
_atom_site_anisotrop.pdbx_auth_atom_id 
1   O "O5'" . U   A 1  ? 0.2530 0.3211 0.3191 0.0230  -0.0467 -0.0340 2647 U   A "O5'" 
2   C "C5'" . U   A 1  ? 0.2490 0.3142 0.3181 0.0216  -0.0509 -0.0453 2647 U   A "C5'" 
3   C "C4'" . U   A 1  ? 0.2391 0.2996 0.3089 0.0184  -0.0541 -0.0561 2647 U   A "C4'" 
4   O "O4'" . U   A 1  ? 0.2443 0.3036 0.3154 0.0141  -0.0748 -0.0724 2647 U   A "O4'" 
5   C "C3'" . U   A 1  ? 0.2228 0.2834 0.3009 0.0199  -0.0344 -0.0430 2647 U   A "C3'" 
6   O "O3'" A U   A 1  ? 0.2398 0.2858 0.2936 0.0133  -0.0154 -0.0192 2647 U   A "O3'" 
7   O "O3'" B U   A 1  ? 0.1814 0.2594 0.3036 0.0387  -0.0136 -0.0226 2647 U   A "O3'" 
8   C "C2'" . U   A 1  ? 0.2255 0.2900 0.3001 0.0103  -0.0549 -0.0716 2647 U   A "C2'" 
9   O "O2'" . U   A 1  ? 0.2178 0.2897 0.3085 0.0043  -0.0417 -0.0562 2647 U   A "O2'" 
10  C "C1'" . U   A 1  ? 0.2347 0.2985 0.3060 0.0080  -0.0834 -0.0972 2647 U   A "C1'" 
11  N N1    . U   A 1  ? 0.2202 0.3191 0.3122 -0.0065 -0.1081 -0.1156 2647 U   A N1    
12  C C2    . U   A 1  ? 0.2077 0.3274 0.3233 -0.0154 -0.1144 -0.1332 2647 U   A C2    
13  O O2    . U   A 1  ? 0.1965 0.3298 0.3557 -0.0259 -0.0998 -0.1127 2647 U   A O2    
14  N N3    . U   A 1  ? 0.2089 0.3407 0.3348 -0.0126 -0.1229 -0.1342 2647 U   A N3    
15  C C4    . U   A 1  ? 0.2030 0.3491 0.3276 -0.0113 -0.1242 -0.1359 2647 U   A C4    
16  O O4    . U   A 1  ? 0.2076 0.3594 0.3571 0.0001  -0.1131 -0.1299 2647 U   A O4    
17  C C5    . U   A 1  ? 0.2145 0.3496 0.3076 -0.0062 -0.1314 -0.1332 2647 U   A C5    
18  C C6    . U   A 1  ? 0.2227 0.3348 0.2954 -0.0036 -0.1229 -0.1259 2647 U   A C6    
19  P P     A G   A 2  ? 0.2466 0.2819 0.2662 0.0024  0.0090  0.0058  2648 G   A P     
20  P P     B G   A 2  ? 0.1304 0.2277 0.2817 0.0527  0.0154  0.0010  2648 G   A P     
21  O OP1   A G   A 2  ? 0.2536 0.2795 0.2810 0.0050  0.0021  -0.0036 2648 G   A OP1   
22  O OP1   B G   A 2  ? 0.1196 0.2404 0.2853 0.0424  0.0085  -0.0022 2648 G   A OP1   
23  O OP2   A G   A 2  ? 0.2491 0.2928 0.2654 0.0069  0.0167  0.0147  2648 G   A OP2   
24  O OP2   B G   A 2  ? 0.1444 0.2428 0.2932 0.0563  0.0132  0.0244  2648 G   A OP2   
25  O "O5'" A G   A 2  ? 0.2170 0.2489 0.2446 -0.0176 0.0246  0.0074  2648 G   A "O5'" 
26  O "O5'" B G   A 2  ? 0.1055 0.2193 0.2469 0.0480  0.0352  0.0168  2648 G   A "O5'" 
27  C "C5'" A G   A 2  ? 0.1923 0.2117 0.2178 -0.0285 0.0343  0.0009  2648 G   A "C5'" 
28  C "C5'" B G   A 2  ? 0.0958 0.2081 0.2350 0.0340  0.0378  0.0166  2648 G   A "C5'" 
29  C "C4'" A G   A 2  ? 0.1757 0.1736 0.1850 -0.0307 0.0315  -0.0231 2648 G   A "C4'" 
30  C "C4'" B G   A 2  ? 0.0911 0.1956 0.2153 0.0190  0.0356  0.0039  2648 G   A "C4'" 
31  O "O4'" A G   A 2  ? 0.1726 0.1681 0.1769 -0.0276 0.0367  -0.0276 2648 G   A "O4'" 
32  O "O4'" B G   A 2  ? 0.1004 0.1995 0.1894 0.0155  0.0301  -0.0113 2648 G   A "O4'" 
33  C "C3'" A G   A 2  ? 0.1619 0.1624 0.1576 -0.0267 0.0295  -0.0350 2648 G   A "C3'" 
34  C "C3'" B G   A 2  ? 0.0888 0.1821 0.2096 0.0081  0.0343  -0.0012 2648 G   A "C3'" 
35  O "O3'" A G   A 2  ? 0.1381 0.1547 0.1421 -0.0283 0.0303  -0.0397 2648 G   A "O3'" 
36  O "O3'" B G   A 2  ? 0.0974 0.1774 0.2362 0.0090  0.0183  0.0027  2648 G   A "O3'" 
37  C "C2'" A G   A 2  ? 0.1671 0.1637 0.1566 -0.0228 0.0299  -0.0414 2648 G   A "C2'" 
38  C "C2'" B G   A 2  ? 0.0984 0.1986 0.1961 0.0066  0.0341  -0.0033 2648 G   A "C2'" 
39  O "O2'" A G   A 2  ? 0.1689 0.1762 0.1708 -0.0109 0.0335  -0.0350 2648 G   A "O2'" 
40  O "O2'" B G   A 2  ? 0.0940 0.2185 0.1959 0.0019  0.0463  0.0151  2648 G   A "O2'" 
41  C "C1'" A G   A 2  ? 0.1702 0.1637 0.1593 -0.0277 0.0365  -0.0279 2648 G   A "C1'" 
42  C "C1'" B G   A 2  ? 0.1079 0.1967 0.1788 0.0116  0.0251  -0.0190 2648 G   A "C1'" 
43  N N9    A G   A 2  ? 0.1736 0.1562 0.1537 -0.0330 0.0356  -0.0151 2648 G   A N9    
44  N N9    B G   A 2  ? 0.1300 0.1848 0.1619 0.0195  0.0071  -0.0540 2648 G   A N9    
45  C C8    A G   A 2  ? 0.1722 0.1448 0.1486 -0.0433 0.0278  -0.0167 2648 G   A C8    
46  C C8    B G   A 2  ? 0.1357 0.1916 0.1803 0.0221  0.0024  -0.0514 2648 G   A C8    
47  N N7    A G   A 2  ? 0.1757 0.1472 0.1520 -0.0428 0.0234  -0.0178 2648 G   A N7    
48  N N7    B G   A 2  ? 0.1336 0.1899 0.1830 0.0217  0.0023  -0.0489 2648 G   A N7    
49  C C5    A G   A 2  ? 0.1760 0.1350 0.1356 -0.0370 0.0341  -0.0257 2648 G   A C5    
50  C C5    B G   A 2  ? 0.1304 0.1717 0.1537 0.0185  0.0056  -0.0504 2648 G   A C5    
51  C C6    A G   A 2  ? 0.1814 0.1406 0.1393 -0.0303 0.0321  -0.0318 2648 G   A C6    
52  C C6    B G   A 2  ? 0.1253 0.1616 0.1384 0.0135  0.0083  -0.0434 2648 G   A C6    
53  O O6    A G   A 2  ? 0.1802 0.1519 0.1488 -0.0396 0.0211  -0.0267 2648 G   A O6    
54  O O6    B G   A 2  ? 0.1205 0.1393 0.1471 0.0169  0.0179  -0.0417 2648 G   A O6    
55  N N1    A G   A 2  ? 0.1838 0.1205 0.1442 -0.0257 0.0325  -0.0420 2648 G   A N1    
56  N N1    B G   A 2  ? 0.1295 0.1772 0.1134 0.0112  0.0086  -0.0370 2648 G   A N1    
57  C C2    A G   A 2  ? 0.1904 0.1280 0.1553 -0.0180 0.0363  -0.0286 2648 G   A C2    
58  C C2    B G   A 2  ? 0.1263 0.1718 0.1054 0.0060  0.0089  -0.0468 2648 G   A C2    
59  N N2    A G   A 2  ? 0.1917 0.1144 0.1438 -0.0234 0.0298  -0.0275 2648 G   A N2    
60  N N2    B G   A 2  ? 0.1394 0.1901 0.1216 0.0100  0.0050  -0.0325 2648 G   A N2    
61  N N3    A G   A 2  ? 0.1835 0.1315 0.1530 -0.0304 0.0379  -0.0102 2648 G   A N3    
62  N N3    B G   A 2  ? 0.1207 0.1695 0.1083 0.0077  0.0131  -0.0576 2648 G   A N3    
63  C C4    A G   A 2  ? 0.1779 0.1424 0.1455 -0.0314 0.0389  -0.0151 2648 G   A C4    
64  C C4    B G   A 2  ? 0.1302 0.1715 0.1397 0.0154  0.0049  -0.0622 2648 G   A C4    
65  P P     A C   A 3  ? 0.1278 0.1709 0.1453 -0.0225 0.0150  -0.0421 2649 C   A P     
66  P P     B C   A 3  ? 0.1143 0.1593 0.2389 0.0248  0.0050  -0.0163 2649 C   A P     
67  O OP1   A C   A 3  ? 0.1423 0.1667 0.2002 -0.0161 0.0054  -0.0412 2649 C   A OP1   
68  O OP1   B C   A 3  ? 0.1171 0.1615 0.2364 0.0193  0.0016  -0.0230 2649 C   A OP1   
69  O OP2   A C   A 3  ? 0.1265 0.1809 0.1148 -0.0230 0.0077  -0.0507 2649 C   A OP2   
70  O OP2   B C   A 3  ? 0.1513 0.1909 0.2493 0.0345  -0.0089 -0.0109 2649 C   A OP2   
71  O "O5'" A C   A 3  ? 0.1185 0.1649 0.1226 -0.0192 0.0318  -0.0108 2649 C   A "O5'" 
72  O "O5'" B C   A 3  ? 0.1115 0.1557 0.2183 0.0260  0.0195  0.0116  2649 C   A "O5'" 
73  C "C5'" A C   A 3  ? 0.1290 0.1536 0.1175 -0.0155 0.0213  0.0019  2649 C   A "C5'" 
74  C "C5'" B C   A 3  ? 0.1021 0.1779 0.2019 0.0269  0.0329  0.0276  2649 C   A "C5'" 
75  C "C4'" A C   A 3  ? 0.1280 0.1433 0.1399 -0.0104 0.0136  0.0002  2649 C   A "C4'" 
76  C "C4'" B C   A 3  ? 0.0873 0.1813 0.1716 0.0208  0.0451  0.0382  2649 C   A "C4'" 
77  O "O4'" A C   A 3  ? 0.1276 0.1395 0.1460 -0.0098 0.0189  0.0120  2649 C   A "O4'" 
78  O "O4'" B C   A 3  ? 0.0927 0.1965 0.1355 0.0209  0.0462  0.0379  2649 C   A "O4'" 
79  C "C3'" A C   A 3  ? 0.1151 0.1241 0.1301 -0.0189 0.0103  -0.0059 2649 C   A "C3'" 
80  C "C3'" B C   A 3  ? 0.0872 0.1591 0.1807 0.0189  0.0332  0.0330  2649 C   A "C3'" 
81  O "O3'" A C   A 3  ? 0.1075 0.1239 0.1397 -0.0124 0.0080  -0.0097 2649 C   A "O3'" 
82  O "O3'" B C   A 3  ? 0.0860 0.1265 0.2053 0.0168  0.0107  0.0265  2649 C   A "O3'" 
83  C "C2'" A C   A 3  ? 0.1231 0.1324 0.1302 -0.0169 0.0168  0.0193  2649 C   A "C2'" 
84  C "C2'" B C   A 3  ? 0.0966 0.1640 0.1446 0.0214  0.0393  0.0364  2649 C   A "C2'" 
85  O "O2'" A C   A 3  ? 0.1319 0.1518 0.1678 -0.0107 0.0004  0.0121  2649 C   A "O2'" 
86  O "O2'" B C   A 3  ? 0.1095 0.1645 0.1517 0.0267  0.0293  0.0405  2649 C   A "O2'" 
87  C "C1'" A C   A 3  ? 0.1261 0.1299 0.1253 -0.0129 0.0205  0.0176  2649 C   A "C1'" 
88  C "C1'" B C   A 3  ? 0.1091 0.1811 0.1295 0.0248  0.0380  0.0239  2649 C   A "C1'" 
89  N N1    A C   A 3  ? 0.1330 0.1344 0.1264 -0.0065 0.0095  0.0046  2649 C   A N1    
90  N N1    B C   A 3  ? 0.1187 0.1542 0.1147 0.0220  0.0252  -0.0057 2649 C   A N1    
91  C C2    A C   A 3  ? 0.1430 0.1385 0.1277 -0.0018 -0.0032 -0.0118 2649 C   A C2    
92  C C2    B C   A 3  ? 0.1165 0.1407 0.0824 0.0150  0.0254  -0.0111 2649 C   A C2    
93  O O2    A C   A 3  ? 0.1504 0.1495 0.1368 -0.0048 -0.0144 0.0002  2649 C   A O2    
94  O O2    B C   A 3  ? 0.1164 0.1484 0.0916 0.0102  0.0142  -0.0038 2649 C   A O2    
95  N N3    A C   A 3  ? 0.1509 0.1269 0.0880 0.0010  -0.0038 -0.0268 2649 C   A N3    
96  N N3    B C   A 3  ? 0.1322 0.1254 0.0897 0.0211  0.0167  -0.0188 2649 C   A N3    
97  C C4    A C   A 3  ? 0.1538 0.1315 0.1103 0.0028  -0.0070 -0.0180 2649 C   A C4    
98  C C4    B C   A 3  ? 0.1425 0.1333 0.1180 0.0343  0.0182  -0.0139 2649 C   A C4    
99  N N4    A C   A 3  ? 0.1592 0.1409 0.1408 0.0033  -0.0103 -0.0057 2649 C   A N4    
100 N N4    B C   A 3  ? 0.1555 0.1274 0.1273 0.0410  0.0032  -0.0263 2649 C   A N4    
101 C C5    A C   A 3  ? 0.1496 0.1256 0.1214 0.0015  -0.0110 -0.0160 2649 C   A C5    
102 C C5    B C   A 3  ? 0.1400 0.1445 0.1474 0.0305  0.0167  -0.0120 2649 C   A C5    
103 C C6    A C   A 3  ? 0.1489 0.1240 0.1270 0.0053  -0.0062 -0.0120 2649 C   A C6    
104 C C6    B C   A 3  ? 0.1277 0.1412 0.1302 0.0227  0.0242  -0.0022 2649 C   A C6    
105 P P     A U   A 4  ? 0.0958 0.1373 0.1484 -0.0101 -0.0027 -0.0124 2650 U   A P     
106 P P     B U   A 4  ? 0.0866 0.1124 0.2301 0.0057  -0.0189 0.0316  2650 U   A P     
107 O OP1   A U   A 4  ? 0.0840 0.1468 0.1989 -0.0044 0.0143  0.0204  2650 U   A OP1   
108 O OP1   B U   A 4  ? 0.0945 0.0928 0.2503 0.0027  -0.0350 0.0163  2650 U   A OP1   
109 O OP2   A U   A 4  ? 0.1335 0.1655 0.1721 0.0115  -0.0323 -0.0210 2650 U   A OP2   
110 O OP2   B U   A 4  ? 0.0914 0.1478 0.2427 0.0104  -0.0259 0.0362  2650 U   A OP2   
111 O "O5'" A U   A 4  ? 0.1200 0.1632 0.1571 0.0210  0.0073  -0.0023 2650 U   A "O5'" 
112 O "O5'" B U   A 4  ? 0.0795 0.1307 0.2035 0.0112  -0.0096 0.0143  2650 U   A "O5'" 
113 C "C5'" A U   A 4  ? 0.1277 0.2003 0.1686 0.0444  0.0212  0.0278  2650 U   A "C5'" 
114 C "C5'" B U   A 4  ? 0.1057 0.1895 0.1919 0.0395  0.0127  0.0347  2650 U   A "C5'" 
115 C "C4'" . U   A 4  ? 0.1221 0.2150 0.1561 0.0539  0.0196  0.0362  2650 U   A "C4'" 
116 O "O4'" . U   A 4  ? 0.1257 0.2431 0.1299 0.0533  0.0023  0.0199  2650 U   A "O4'" 
117 C "C3'" . U   A 4  ? 0.1251 0.1995 0.1578 0.0598  0.0284  0.0267  2650 U   A "C3'" 
118 O "O3'" . U   A 4  ? 0.1423 0.1692 0.2143 0.0642  0.0528  0.0301  2650 U   A "O3'" 
119 C "C2'" . U   A 4  ? 0.1162 0.2357 0.1570 0.0528  0.0036  0.0300  2650 U   A "C2'" 
120 O "O2'" . U   A 4  ? 0.1136 0.2726 0.2029 0.0528  -0.0065 0.0584  2650 U   A "O2'" 
121 C "C1'" . U   A 4  ? 0.1130 0.2389 0.1348 0.0407  -0.0189 0.0036  2650 U   A "C1'" 
122 N N1    . U   A 4  ? 0.1074 0.2041 0.1097 0.0364  -0.0155 -0.0267 2650 U   A N1    
123 C C2    . U   A 4  ? 0.1146 0.1915 0.1019 0.0347  -0.0154 -0.0315 2650 U   A C2    
124 O O2    . U   A 4  ? 0.1051 0.1856 0.1283 0.0275  -0.0170 -0.0318 2650 U   A O2    
125 N N3    . U   A 4  ? 0.1161 0.1756 0.1129 0.0313  -0.0194 -0.0389 2650 U   A N3    
126 C C4    . U   A 4  ? 0.1236 0.1824 0.1002 0.0423  -0.0122 -0.0351 2650 U   A C4    
127 O O4    . U   A 4  ? 0.1137 0.1901 0.1241 0.0448  -0.0018 -0.0209 2650 U   A O4    
128 C C5    . U   A 4  ? 0.1227 0.1866 0.1270 0.0440  -0.0180 -0.0383 2650 U   A C5    
129 C C6    . U   A 4  ? 0.1202 0.1992 0.1263 0.0474  -0.0139 -0.0314 2650 U   A C6    
130 P P     . C   A 5  ? 0.1409 0.1347 0.2683 0.0385  0.0450  0.0029  2651 C   A P     
131 O OP1   . C   A 5  ? 0.1724 0.1389 0.3139 0.0449  0.0407  0.0094  2651 C   A OP1   
132 O OP2   . C   A 5  ? 0.1566 0.1707 0.3012 0.0238  0.0191  -0.0232 2651 C   A OP2   
133 O "O5'" . C   A 5  ? 0.1240 0.1411 0.1741 0.0423  0.0100  -0.0001 2651 C   A "O5'" 
134 C "C5'" . C   A 5  ? 0.1080 0.1306 0.1365 0.0437  0.0068  0.0157  2651 C   A "C5'" 
135 C "C4'" . C   A 5  ? 0.1131 0.1310 0.1163 0.0457  -0.0086 0.0108  2651 C   A "C4'" 
136 O "O4'" . C   A 5  ? 0.1127 0.1325 0.1062 0.0437  -0.0236 0.0069  2651 C   A "O4'" 
137 C "C3'" . C   A 5  ? 0.1141 0.1300 0.1139 0.0499  -0.0052 0.0031  2651 C   A "C3'" 
138 O "O3'" . C   A 5  ? 0.1188 0.1168 0.1253 0.0490  -0.0006 0.0079  2651 C   A "O3'" 
139 C "C2'" . C   A 5  ? 0.1172 0.1235 0.1250 0.0471  -0.0108 0.0046  2651 C   A "C2'" 
140 O "O2'" . C   A 5  ? 0.1248 0.1186 0.1585 0.0426  0.0000  0.0039  2651 C   A "O2'" 
141 C "C1'" . C   A 5  ? 0.1086 0.1344 0.1024 0.0446  -0.0256 0.0007  2651 C   A "C1'" 
142 N N1    . C   A 5  ? 0.1080 0.1227 0.0967 0.0448  -0.0217 -0.0101 2651 C   A N1    
143 C C2    . C   A 5  ? 0.1021 0.1143 0.0999 0.0370  -0.0122 -0.0106 2651 C   A C2    
144 O O2    . C   A 5  ? 0.1021 0.1147 0.1088 0.0395  -0.0207 -0.0071 2651 C   A O2    
145 N N3    . C   A 5  ? 0.1055 0.1177 0.0840 0.0406  -0.0171 -0.0172 2651 C   A N3    
146 C C4    . C   A 5  ? 0.1086 0.1314 0.0871 0.0429  -0.0212 -0.0226 2651 C   A C4    
147 N N4    . C   A 5  ? 0.1114 0.1406 0.0951 0.0434  -0.0140 -0.0085 2651 C   A N4    
148 C C5    . C   A 5  ? 0.1181 0.1389 0.0932 0.0469  -0.0276 -0.0214 2651 C   A C5    
149 C C6    . C   A 5  ? 0.1143 0.1222 0.0996 0.0420  -0.0260 -0.0126 2651 C   A C6    
150 P P     . C   A 6  ? 0.1276 0.1031 0.1252 0.0323  0.0045  0.0046  2652 C   A P     
151 O OP1   . C   A 6  ? 0.1501 0.1101 0.1445 0.0425  0.0093  0.0114  2652 C   A OP1   
152 O OP2   . C   A 6  ? 0.1457 0.1250 0.1442 0.0134  0.0012  -0.0049 2652 C   A OP2   
153 O "O5'" . C   A 6  ? 0.0896 0.1085 0.1184 0.0238  -0.0103 0.0090  2652 C   A "O5'" 
154 C "C5'" . C   A 6  ? 0.0833 0.1064 0.1334 0.0229  -0.0226 0.0016  2652 C   A "C5'" 
155 C "C4'" . C   A 6  ? 0.0765 0.0994 0.1206 0.0236  -0.0242 -0.0072 2652 C   A "C4'" 
156 O "O4'" . C   A 6  ? 0.0797 0.1047 0.1147 0.0240  -0.0270 -0.0083 2652 C   A "O4'" 
157 C "C3'" . C   A 6  ? 0.0704 0.1031 0.1085 0.0194  -0.0144 -0.0066 2652 C   A "C3'" 
158 O "O3'" . C   A 6  ? 0.0703 0.1067 0.1126 0.0165  -0.0137 0.0001  2652 C   A "O3'" 
159 C "C2'" . C   A 6  ? 0.0773 0.1004 0.1156 0.0115  -0.0249 0.0094  2652 C   A "C2'" 
160 O "O2'" . C   A 6  ? 0.0907 0.0997 0.1361 0.0136  -0.0144 0.0183  2652 C   A "O2'" 
161 C "C1'" . C   A 6  ? 0.0803 0.0959 0.1107 0.0199  -0.0245 0.0010  2652 C   A "C1'" 
162 N N1    . C   A 6  ? 0.0790 0.0868 0.1061 0.0217  -0.0203 -0.0036 2652 C   A N1    
163 C C2    . C   A 6  ? 0.0837 0.0890 0.1014 0.0306  -0.0126 -0.0111 2652 C   A C2    
164 O O2    . C   A 6  ? 0.0817 0.0889 0.1151 0.0247  -0.0103 0.0002  2652 C   A O2    
165 N N3    . C   A 6  ? 0.0817 0.0931 0.0915 0.0259  -0.0154 -0.0108 2652 C   A N3    
166 C C4    . C   A 6  ? 0.0904 0.0909 0.0850 0.0282  -0.0187 -0.0089 2652 C   A C4    
167 N N4    . C   A 6  ? 0.0910 0.1077 0.1009 0.0268  -0.0016 0.0059  2652 C   A N4    
168 C C5    . C   A 6  ? 0.0930 0.0951 0.0959 0.0289  -0.0169 -0.0002 2652 C   A C5    
169 C C6    . C   A 6  ? 0.0840 0.0928 0.1022 0.0256  -0.0190 -0.0049 2652 C   A C6    
170 P P     . U   A 7  ? 0.0832 0.1228 0.1109 0.0334  -0.0122 -0.0124 2653 U   A P     
171 O OP1   . U   A 7  ? 0.0920 0.1993 0.1212 0.0438  0.0028  -0.0133 2653 U   A OP1   
172 O OP2   . U   A 7  ? 0.1022 0.1060 0.1385 0.0316  -0.0261 -0.0235 2653 U   A OP2   
173 O "O5'" . U   A 7  ? 0.0817 0.1116 0.1008 0.0190  -0.0110 0.0003  2653 U   A "O5'" 
174 C "C5'" . U   A 7  ? 0.0814 0.1272 0.1077 0.0134  -0.0030 0.0171  2653 U   A "C5'" 
175 C "C4'" . U   A 7  ? 0.0764 0.1232 0.1013 0.0033  -0.0096 0.0059  2653 U   A "C4'" 
176 O "O4'" . U   A 7  ? 0.0761 0.1072 0.1015 0.0001  -0.0127 0.0063  2653 U   A "O4'" 
177 C "C3'" . U   A 7  ? 0.0820 0.1144 0.0913 0.0042  -0.0081 0.0020  2653 U   A "C3'" 
178 O "O3'" . U   A 7  ? 0.1011 0.1225 0.0948 0.0085  -0.0038 0.0003  2653 U   A "O3'" 
179 C "C2'" . U   A 7  ? 0.0849 0.1003 0.1033 0.0067  -0.0142 0.0093  2653 U   A "C2'" 
180 O "O2'" . U   A 7  ? 0.0913 0.1075 0.1150 0.0089  -0.0236 0.0132  2653 U   A "O2'" 
181 C "C1'" . U   A 7  ? 0.0799 0.0980 0.1051 0.0062  -0.0147 0.0005  2653 U   A "C1'" 
182 N N1    . U   A 7  ? 0.0828 0.0941 0.0957 0.0117  -0.0063 -0.0042 2653 U   A N1    
183 C C2    . U   A 7  ? 0.0877 0.0947 0.1134 0.0097  -0.0024 -0.0096 2653 U   A C2    
184 O O2    . U   A 7  ? 0.0761 0.1085 0.1474 0.0136  0.0064  -0.0018 2653 U   A O2    
185 N N3    . U   A 7  ? 0.0912 0.0965 0.1105 0.0010  -0.0032 -0.0138 2653 U   A N3    
186 C C4    . U   A 7  ? 0.0995 0.0938 0.0976 -0.0057 -0.0073 -0.0082 2653 U   A C4    
187 O O4    . U   A 7  ? 0.1232 0.1068 0.1118 0.0014  0.0007  -0.0027 2653 U   A O4    
188 C C5    . U   A 7  ? 0.0943 0.0949 0.0883 0.0058  -0.0095 -0.0125 2653 U   A C5    
189 C C6    . U   A 7  ? 0.0852 0.0884 0.0999 0.0068  -0.0118 -0.0018 2653 U   A C6    
190 P P     . A   A 8  ? 0.1202 0.1675 0.1178 -0.0048 -0.0170 -0.0148 2654 A   A P     
191 O OP1   . A   A 8  ? 0.1304 0.1811 0.1558 0.0009  -0.0274 -0.0231 2654 A   A OP1   
192 O OP2   . A   A 8  ? 0.1765 0.2046 0.0944 0.0417  0.0049  0.0004  2654 A   A OP2   
193 O "O5'" . A   A 8  ? 0.1296 0.1212 0.1166 -0.0174 -0.0111 -0.0155 2654 A   A "O5'" 
194 C "C5'" . A   A 8  ? 0.1104 0.1410 0.1237 -0.0023 0.0082  -0.0213 2654 A   A "C5'" 
195 C "C4'" . A   A 8  ? 0.0863 0.1343 0.1371 0.0104  0.0051  -0.0343 2654 A   A "C4'" 
196 O "O4'" . A   A 8  ? 0.0680 0.1127 0.1254 -0.0035 0.0067  -0.0192 2654 A   A "O4'" 
197 C "C3'" . A   A 8  ? 0.1015 0.1409 0.1501 0.0326  -0.0004 -0.0321 2654 A   A "C3'" 
198 O "O3'" . A   A 8  ? 0.1238 0.1771 0.2145 0.0629  -0.0003 -0.0446 2654 A   A "O3'" 
199 C "C2'" . A   A 8  ? 0.0878 0.1291 0.1153 0.0154  -0.0013 -0.0120 2654 A   A "C2'" 
200 O "O2'" . A   A 8  ? 0.1063 0.1326 0.1241 0.0218  -0.0164 -0.0087 2654 A   A "O2'" 
201 C "C1'" . A   A 8  ? 0.0834 0.1112 0.1146 0.0148  0.0059  -0.0162 2654 A   A "C1'" 
202 N N9    . A   A 8  ? 0.0891 0.0961 0.1082 0.0085  0.0042  -0.0150 2654 A   A N9    
203 C C8    . A   A 8  ? 0.0845 0.1043 0.1110 0.0103  0.0003  -0.0165 2654 A   A C8    
204 N N7    . A   A 8  ? 0.0871 0.1089 0.1100 0.0059  -0.0030 -0.0225 2654 A   A N7    
205 C C5    . A   A 8  ? 0.0792 0.1128 0.1159 -0.0076 0.0039  -0.0315 2654 A   A C5    
206 C C6    . A   A 8  ? 0.0853 0.1091 0.1322 -0.0107 0.0133  -0.0387 2654 A   A C6    
207 N N6    . A   A 8  ? 0.0877 0.1287 0.1361 -0.0060 0.0126  -0.0353 2654 A   A N6    
208 N N1    . A   A 8  ? 0.1031 0.1124 0.1413 -0.0111 0.0246  -0.0219 2654 A   A N1    
209 C C2    . A   A 8  ? 0.1095 0.1121 0.1418 -0.0066 0.0216  -0.0167 2654 A   A C2    
210 N N3    . A   A 8  ? 0.1044 0.0999 0.1345 -0.0028 0.0132  -0.0202 2654 A   A N3    
211 C C4    . A   A 8  ? 0.0925 0.0896 0.1153 -0.0020 0.0032  -0.0215 2654 A   A C4    
212 P P     . G   A 9  ? 0.0863 0.1919 0.2688 0.0352  -0.0280 -0.1135 2655 G   A P     
213 O OP1   . G   A 9  ? 0.1371 0.2718 0.3062 0.0768  -0.0221 -0.0644 2655 G   A OP1   
214 O OP2   . G   A 9  ? 0.0936 0.2499 0.2890 0.0239  -0.0312 -0.0558 2655 G   A OP2   
215 O "O5'" . G   A 9  ? 0.1290 0.1808 0.3215 0.0365  -0.0209 -0.0712 2655 G   A "O5'" 
216 C "C5'" . G   A 9  ? 0.1285 0.1894 0.3074 0.0162  -0.0103 -0.0091 2655 G   A "C5'" 
217 C "C4'" . G   A 9  ? 0.1030 0.1523 0.2708 -0.0031 0.0068  0.0033  2655 G   A "C4'" 
218 O "O4'" . G   A 9  ? 0.1324 0.1190 0.2530 0.0049  -0.0271 -0.0161 2655 G   A "O4'" 
219 C "C3'" . G   A 9  ? 0.1195 0.1328 0.2517 0.0108  0.0227  -0.0107 2655 G   A "C3'" 
220 O "O3'" . G   A 9  ? 0.1105 0.1198 0.2179 0.0043  0.0351  -0.0309 2655 G   A "O3'" 
221 C "C2'" . G   A 9  ? 0.1536 0.1197 0.2535 0.0190  0.0046  -0.0235 2655 G   A "C2'" 
222 O "O2'" . G   A 9  ? 0.2027 0.1318 0.2657 0.0268  -0.0095 -0.0212 2655 G   A "O2'" 
223 C "C1'" . G   A 9  ? 0.1324 0.0936 0.2469 -0.0068 -0.0124 -0.0130 2655 G   A "C1'" 
224 N N9    . G   A 9  ? 0.1577 0.1239 0.2462 -0.0067 -0.0320 -0.0153 2655 G   A N9    
225 C C8    . G   A 9  ? 0.1880 0.1529 0.2582 0.0038  -0.0372 0.0022  2655 G   A C8    
226 N N7    . G   A 9  ? 0.2007 0.1710 0.2468 0.0020  -0.0460 0.0033  2655 G   A N7    
227 C C5    . G   A 9  ? 0.1839 0.1715 0.2240 -0.0155 -0.0361 0.0105  2655 G   A C5    
228 C C6    . G   A 9  ? 0.1905 0.1726 0.2118 -0.0246 -0.0345 0.0286  2655 G   A C6    
229 O O6    . G   A 9  ? 0.2210 0.2079 0.2401 -0.0103 -0.0382 0.0512  2655 G   A O6    
230 N N1    . G   A 9  ? 0.1781 0.1667 0.2058 -0.0265 -0.0431 0.0050  2655 G   A N1    
231 C C2    . G   A 9  ? 0.1540 0.1526 0.1757 -0.0312 -0.0289 -0.0062 2655 G   A C2    
232 N N2    . G   A 9  ? 0.1401 0.1842 0.1659 -0.0201 -0.0115 -0.0026 2655 G   A N2    
233 N N3    . G   A 9  ? 0.1349 0.1490 0.1804 -0.0379 -0.0124 0.0011  2655 G   A N3    
234 C C4    . G   A 9  ? 0.1540 0.1367 0.2098 -0.0334 -0.0277 -0.0041 2655 G   A C4    
235 N N1    . OMU A 10 ? 0.0838 0.1546 0.1458 0.0108  -0.0007 -0.0499 2656 OMU A N1    
236 C C2    . OMU A 10 ? 0.0744 0.1648 0.1518 -0.0041 -0.0143 -0.0632 2656 OMU A C2    
237 N N3    . OMU A 10 ? 0.0928 0.1708 0.1413 -0.0006 -0.0224 -0.0385 2656 OMU A N3    
238 C C4    . OMU A 10 ? 0.0864 0.1793 0.1496 0.0042  -0.0197 -0.0531 2656 OMU A C4    
239 C C5    . OMU A 10 ? 0.0832 0.1558 0.1554 -0.0039 -0.0074 -0.0325 2656 OMU A C5    
240 C C6    . OMU A 10 ? 0.0966 0.1413 0.1586 0.0069  -0.0140 -0.0402 2656 OMU A C6    
241 O O2    . OMU A 10 ? 0.0916 0.1646 0.1664 0.0103  -0.0102 -0.0552 2656 OMU A O2    
242 O O4    . OMU A 10 ? 0.0851 0.2249 0.1649 0.0134  -0.0099 -0.0551 2656 OMU A O4    
243 C "C1'" . OMU A 10 ? 0.0899 0.1588 0.1474 -0.0012 0.0155  -0.0323 2656 OMU A "C1'" 
244 C "C2'" . OMU A 10 ? 0.1050 0.1564 0.1570 -0.0238 0.0107  -0.0180 2656 OMU A "C2'" 
245 O "O2'" . OMU A 10 ? 0.1358 0.2032 0.1951 -0.0448 -0.0091 0.0092  2656 OMU A "O2'" 
247 C "C3'" . OMU A 10 ? 0.0941 0.1827 0.1452 -0.0224 0.0074  -0.0337 2656 OMU A "C3'" 
248 C "C4'" . OMU A 10 ? 0.0939 0.1626 0.1547 -0.0190 0.0173  -0.0232 2656 OMU A "C4'" 
249 O "O3'" . OMU A 10 ? 0.1048 0.2410 0.1527 -0.0193 0.0082  -0.0161 2656 OMU A "O3'" 
250 O "O4'" . OMU A 10 ? 0.0908 0.1586 0.1444 -0.0141 0.0072  -0.0319 2656 OMU A "O4'" 
251 C "C5'" . OMU A 10 ? 0.0983 0.1529 0.1859 -0.0178 0.0342  -0.0164 2656 OMU A "C5'" 
252 O "O5'" . OMU A 10 ? 0.1048 0.1414 0.1965 -0.0141 0.0400  -0.0348 2656 OMU A "O5'" 
253 P P     . OMU A 10 ? 0.1260 0.1323 0.2020 -0.0046 0.0426  -0.0330 2656 OMU A P     
254 O OP1   . OMU A 10 ? 0.1468 0.1580 0.2142 -0.0016 0.0444  -0.0139 2656 OMU A OP1   
255 O OP2   . OMU A 10 ? 0.1327 0.1433 0.2256 -0.0239 0.0285  -0.0212 2656 OMU A OP2   
256 P P     . A   A 11 ? 0.1234 0.2407 0.1465 -0.0109 -0.0001 -0.0433 2657 A   A P     
257 O OP1   . A   A 11 ? 0.1455 0.3129 0.1570 0.0028  -0.0112 -0.0268 2657 A   A OP1   
258 O OP2   . A   A 11 ? 0.1035 0.2325 0.1571 -0.0139 -0.0088 -0.0519 2657 A   A OP2   
259 O "O5'" . A   A 11 ? 0.1067 0.1956 0.1288 -0.0260 0.0049  -0.0246 2657 A   A "O5'" 
260 C "C5'" . A   A 11 ? 0.1287 0.1764 0.1402 -0.0238 -0.0069 0.0181  2657 A   A "C5'" 
261 C "C4'" . A   A 11 ? 0.1274 0.1520 0.1240 -0.0354 -0.0256 0.0191  2657 A   A "C4'" 
262 O "O4'" . A   A 11 ? 0.1201 0.1353 0.1307 -0.0308 -0.0225 0.0114  2657 A   A "O4'" 
263 C "C3'" . A   A 11 ? 0.1290 0.1625 0.1123 -0.0400 -0.0325 0.0199  2657 A   A "C3'" 
264 O "O3'" . A   A 11 ? 0.1435 0.1966 0.1236 -0.0573 -0.0334 0.0335  2657 A   A "O3'" 
265 C "C2'" . A   A 11 ? 0.1365 0.1362 0.1285 -0.0134 -0.0245 0.0193  2657 A   A "C2'" 
266 O "O2'" . A   A 11 ? 0.1745 0.1483 0.1697 0.0208  -0.0401 0.0262  2657 A   A "O2'" 
267 C "C1'" . A   A 11 ? 0.1165 0.1275 0.1274 -0.0198 -0.0241 0.0063  2657 A   A "C1'" 
268 N N9    . A   A 11 ? 0.1007 0.1210 0.1128 -0.0183 -0.0220 0.0023  2657 A   A N9    
269 C C8    . A   A 11 ? 0.1014 0.1123 0.1240 -0.0109 -0.0130 -0.0056 2657 A   A C8    
270 N N7    . A   A 11 ? 0.0942 0.1090 0.1149 -0.0090 -0.0052 -0.0035 2657 A   A N7    
271 C C5    . A   A 11 ? 0.0946 0.1022 0.1129 -0.0083 -0.0112 -0.0157 2657 A   A C5    
272 C C6    . A   A 11 ? 0.1056 0.1053 0.1079 -0.0074 -0.0106 -0.0127 2657 A   A C6    
273 N N6    . A   A 11 ? 0.1209 0.1142 0.1252 0.0002  -0.0055 0.0016  2657 A   A N6    
274 N N1    . A   A 11 ? 0.1081 0.1134 0.1171 0.0026  -0.0003 -0.0105 2657 A   A N1    
275 C C2    . A   A 11 ? 0.0991 0.1146 0.1182 -0.0038 -0.0083 -0.0162 2657 A   A C2    
276 N N3    . A   A 11 ? 0.0994 0.1169 0.1156 -0.0058 -0.0154 -0.0090 2657 A   A N3    
277 C C4    . A   A 11 ? 0.1024 0.1146 0.1087 -0.0054 -0.0138 -0.0036 2657 A   A C4    
278 P P     . C   A 12 ? 0.1588 0.2416 0.1228 -0.0729 -0.0415 0.0208  2658 C   A P     
279 O OP1   . C   A 12 ? 0.1856 0.2764 0.1247 -0.0765 -0.0611 0.0488  2658 C   A OP1   
280 O OP2   . C   A 12 ? 0.1941 0.2542 0.1696 -0.0451 -0.0487 -0.0192 2658 C   A OP2   
281 O "O5'" . C   A 12 ? 0.1323 0.1722 0.1155 -0.0445 -0.0342 0.0158  2658 C   A "O5'" 
282 C "C5'" . C   A 12 ? 0.1225 0.1377 0.1271 -0.0257 -0.0455 0.0233  2658 C   A "C5'" 
283 C "C4'" . C   A 12 ? 0.1036 0.1049 0.1169 -0.0126 -0.0373 0.0246  2658 C   A "C4'" 
284 O "O4'" . C   A 12 ? 0.0992 0.1018 0.1220 -0.0011 -0.0352 0.0196  2658 C   A "O4'" 
285 C "C3'" . C   A 12 ? 0.0992 0.1028 0.1254 -0.0011 -0.0422 0.0139  2658 C   A "C3'" 
286 O "O3'" . C   A 12 ? 0.0982 0.1014 0.1429 0.0024  -0.0530 0.0051  2658 C   A "O3'" 
287 C "C2'" . C   A 12 ? 0.0903 0.1101 0.1361 0.0039  -0.0325 0.0151  2658 C   A "C2'" 
288 O "O2'" . C   A 12 ? 0.0901 0.1365 0.1417 0.0095  -0.0241 0.0255  2658 C   A "O2'" 
289 C "C1'" . C   A 12 ? 0.0915 0.1029 0.1305 0.0113  -0.0315 0.0147  2658 C   A "C1'" 
290 N N1    . C   A 12 ? 0.0848 0.1008 0.1219 0.0018  -0.0341 0.0058  2658 C   A N1    
291 C C2    . C   A 12 ? 0.0866 0.1023 0.1270 0.0072  -0.0334 0.0009  2658 C   A C2    
292 O O2    . C   A 12 ? 0.0936 0.1196 0.1244 0.0214  -0.0288 0.0084  2658 C   A O2    
293 N N3    . C   A 12 ? 0.0862 0.1058 0.1358 0.0026  -0.0330 0.0059  2658 C   A N3    
294 C C4    . C   A 12 ? 0.0840 0.1153 0.1427 -0.0040 -0.0340 -0.0046 2658 C   A C4    
295 N N4    . C   A 12 ? 0.0801 0.1329 0.1732 0.0000  -0.0329 -0.0072 2658 C   A N4    
296 C C5    . C   A 12 ? 0.0977 0.1087 0.1458 -0.0075 -0.0356 0.0018  2658 C   A C5    
297 C C6    . C   A 12 ? 0.0941 0.1073 0.1286 -0.0098 -0.0332 -0.0057 2658 C   A C6    
298 P P     . G   A 13 ? 0.1136 0.0955 0.1581 0.0045  -0.0616 0.0108  2659 G   A P     
299 O OP1   . G   A 13 ? 0.1298 0.1138 0.1793 0.0069  -0.0811 0.0024  2659 G   A OP1   
300 O OP2   . G   A 13 ? 0.1224 0.1222 0.1392 0.0103  -0.0356 0.0043  2659 G   A OP2   
301 O "O5'" . G   A 13 ? 0.1024 0.0950 0.1706 0.0089  -0.0328 0.0125  2659 G   A "O5'" 
302 C "C5'" . G   A 13 ? 0.0860 0.1072 0.1917 0.0102  -0.0289 0.0119  2659 G   A "C5'" 
303 C "C4'" . G   A 13 ? 0.0847 0.0938 0.1696 0.0085  -0.0298 0.0124  2659 G   A "C4'" 
304 O "O4'" . G   A 13 ? 0.0888 0.0869 0.1585 0.0156  -0.0186 0.0054  2659 G   A "O4'" 
305 C "C3'" . G   A 13 ? 0.0842 0.0941 0.1650 0.0099  -0.0300 0.0077  2659 G   A "C3'" 
306 O "O3'" . G   A 13 ? 0.0951 0.1011 0.1821 0.0066  -0.0469 0.0003  2659 G   A "O3'" 
307 C "C2'" . G   A 13 ? 0.0807 0.0948 0.1582 0.0085  -0.0149 0.0097  2659 G   A "C2'" 
308 O "O2'" . G   A 13 ? 0.0875 0.0964 0.1674 0.0094  -0.0101 0.0139  2659 G   A "O2'" 
309 C "C1'" . G   A 13 ? 0.0790 0.0883 0.1576 0.0093  -0.0181 0.0058  2659 G   A "C1'" 
310 N N9    . G   A 13 ? 0.0837 0.0914 0.1370 0.0069  -0.0166 0.0097  2659 G   A N9    
311 C C8    . G   A 13 ? 0.0984 0.0929 0.1514 0.0066  -0.0187 0.0030  2659 G   A C8    
312 N N7    . G   A 13 ? 0.0965 0.1044 0.1548 0.0000  -0.0168 0.0106  2659 G   A N7    
313 C C5    . G   A 13 ? 0.0838 0.1015 0.1455 0.0024  -0.0123 -0.0036 2659 G   A C5    
314 C C6    . G   A 13 ? 0.0918 0.1045 0.1385 0.0065  -0.0061 -0.0050 2659 G   A C6    
315 O O6    . G   A 13 ? 0.0940 0.1411 0.1711 0.0104  0.0122  0.0145  2659 G   A O6    
316 N N1    . G   A 13 ? 0.0843 0.1039 0.1394 0.0108  -0.0090 -0.0074 2659 G   A N1    
317 C C2    . G   A 13 ? 0.0785 0.0884 0.1280 0.0066  -0.0130 -0.0098 2659 G   A C2    
318 N N2    . G   A 13 ? 0.0812 0.0938 0.1477 0.0147  -0.0217 -0.0106 2659 G   A N2    
319 N N3    . G   A 13 ? 0.0853 0.0890 0.1294 0.0146  -0.0083 0.0052  2659 G   A N3    
320 C C4    . G   A 13 ? 0.0860 0.0944 0.1367 0.0121  -0.0130 -0.0007 2659 G   A C4    
321 P P     . A   A 14 ? 0.1192 0.1134 0.1930 0.0097  -0.0638 0.0002  2660 A   A P     
322 O OP1   . A   A 14 ? 0.1296 0.1392 0.2292 0.0081  -0.0757 -0.0174 2660 A   A OP1   
323 O OP2   . A   A 14 ? 0.1433 0.1256 0.1944 0.0198  -0.0693 -0.0038 2660 A   A OP2   
324 O "O5'" . A   A 14 ? 0.1314 0.1206 0.1752 0.0188  -0.0470 -0.0134 2660 A   A "O5'" 
325 C "C5'" . A   A 14 ? 0.1505 0.1380 0.1838 0.0208  -0.0494 -0.0138 2660 A   A "C5'" 
326 C "C4'" . A   A 14 ? 0.1642 0.1367 0.1953 0.0134  -0.0621 -0.0231 2660 A   A "C4'" 
327 O "O4'" . A   A 14 ? 0.1726 0.1429 0.2186 0.0121  -0.0834 -0.0304 2660 A   A "O4'" 
328 C "C3'" . A   A 14 ? 0.1676 0.1343 0.1744 0.0178  -0.0591 -0.0377 2660 A   A "C3'" 
329 O "O3'" . A   A 14 ? 0.1431 0.1588 0.1619 0.0208  -0.0322 -0.0338 2660 A   A "O3'" 
330 C "C2'" . A   A 14 ? 0.1828 0.1280 0.2007 0.0206  -0.0780 -0.0443 2660 A   A "C2'" 
331 O "O2'" . A   A 14 ? 0.1921 0.1557 0.2233 0.0316  -0.0750 -0.0514 2660 A   A "O2'" 
332 C "C1'" . A   A 14 ? 0.1792 0.1290 0.2226 0.0082  -0.0927 -0.0262 2660 A   A "C1'" 
333 N N9    . A   A 14 ? 0.1855 0.1238 0.2510 -0.0042 -0.1115 -0.0262 2660 A   A N9    
334 C C8    . A   A 14 ? 0.1886 0.1337 0.2557 -0.0073 -0.1038 -0.0260 2660 A   A C8    
335 N N7    . A   A 14 ? 0.1970 0.1439 0.2622 -0.0173 -0.1097 -0.0159 2660 A   A N7    
336 C C5    . A   A 14 ? 0.2011 0.1435 0.2576 -0.0351 -0.1339 -0.0065 2660 A   A C5    
337 C C6    . A   A 14 ? 0.2156 0.1700 0.2689 -0.0398 -0.1455 -0.0018 2660 A   A C6    
338 N N6    . A   A 14 ? 0.2219 0.1992 0.2973 -0.0374 -0.1305 0.0124  2660 A   A N6    
339 N N1    . A   A 14 ? 0.2237 0.1803 0.2776 -0.0317 -0.1413 0.0199  2660 A   A N1    
340 C C2    . A   A 14 ? 0.2228 0.1638 0.2859 -0.0218 -0.1356 0.0171  2660 A   A C2    
341 N N3    . A   A 14 ? 0.2153 0.1414 0.2823 -0.0152 -0.1286 0.0168  2660 A   A N3    
342 C C4    . A   A 14 ? 0.1964 0.1334 0.2625 -0.0263 -0.1307 -0.0119 2660 A   A C4    
343 P P     . G   A 15 ? 0.1356 0.1263 0.1300 0.0059  -0.0113 0.0010  2661 G   A P     
344 O OP1   . G   A 15 ? 0.1462 0.1773 0.1557 0.0065  0.0034  0.0230  2661 G   A OP1   
345 O OP2   . G   A 15 ? 0.1358 0.1258 0.1542 0.0087  -0.0224 -0.0065 2661 G   A OP2   
346 O "O5'" . G   A 15 ? 0.1215 0.1114 0.1287 0.0033  0.0014  -0.0097 2661 G   A "O5'" 
347 C "C5'" . G   A 15 ? 0.1288 0.1173 0.1317 0.0154  0.0001  0.0020  2661 G   A "C5'" 
348 C "C4'" . G   A 15 ? 0.1178 0.1049 0.1256 0.0143  -0.0018 -0.0105 2661 G   A "C4'" 
349 O "O4'" . G   A 15 ? 0.1120 0.1111 0.1210 0.0099  -0.0002 -0.0072 2661 G   A "O4'" 
350 C "C3'" . G   A 15 ? 0.1021 0.0985 0.1248 0.0176  0.0000  -0.0119 2661 G   A "C3'" 
351 O "O3'" . G   A 15 ? 0.0963 0.1117 0.1327 0.0265  0.0023  -0.0075 2661 G   A "O3'" 
352 C "C2'" . G   A 15 ? 0.1090 0.0872 0.1317 0.0193  0.0031  -0.0080 2661 G   A "C2'" 
353 O "O2'" . G   A 15 ? 0.1159 0.0889 0.1471 0.0223  0.0127  -0.0105 2661 G   A "O2'" 
354 C "C1'" . G   A 15 ? 0.1052 0.1025 0.1160 0.0127  -0.0033 -0.0065 2661 G   A "C1'" 
355 N N9    . G   A 15 ? 0.0977 0.0951 0.1183 0.0132  -0.0139 -0.0180 2661 G   A N9    
356 C C8    . G   A 15 ? 0.1029 0.0954 0.1320 0.0116  -0.0160 -0.0031 2661 G   A C8    
357 N N7    . G   A 15 ? 0.0940 0.0896 0.1312 0.0112  -0.0166 0.0045  2661 G   A N7    
358 C C5    . G   A 15 ? 0.0858 0.0836 0.1122 0.0108  -0.0206 -0.0086 2661 G   A C5    
359 C C6    . G   A 15 ? 0.0943 0.0914 0.1273 0.0177  -0.0256 -0.0074 2661 G   A C6    
360 O O6    . G   A 15 ? 0.1069 0.1017 0.1658 0.0369  -0.0067 -0.0016 2661 G   A O6    
361 N N1    . G   A 15 ? 0.0874 0.0958 0.1100 0.0137  -0.0168 -0.0068 2661 G   A N1    
362 C C2    . G   A 15 ? 0.0898 0.0898 0.1117 0.0143  -0.0135 -0.0003 2661 G   A C2    
363 N N2    . G   A 15 ? 0.1017 0.1118 0.1377 0.0160  -0.0074 0.0063  2661 G   A N2    
364 N N3    . G   A 15 ? 0.0877 0.0856 0.1121 0.0094  -0.0175 -0.0027 2661 G   A N3    
365 C C4    . G   A 15 ? 0.0879 0.0934 0.1150 0.0124  -0.0215 -0.0114 2661 G   A C4    
366 P P     . A   A 16 ? 0.0838 0.1084 0.1478 0.0216  0.0038  0.0039  2662 A   A P     
367 O OP1   . A   A 16 ? 0.0917 0.1388 0.1843 0.0317  -0.0008 0.0090  2662 A   A OP1   
368 O OP2   . A   A 16 ? 0.0841 0.0989 0.1532 0.0164  -0.0033 0.0024  2662 A   A OP2   
369 O "O5'" . A   A 16 ? 0.0891 0.1028 0.1369 0.0238  -0.0005 -0.0016 2662 A   A "O5'" 
370 C "C5'" . A   A 16 ? 0.0933 0.1079 0.1484 0.0212  0.0035  0.0107  2662 A   A "C5'" 
371 C "C4'" . A   A 16 ? 0.0899 0.1011 0.1414 0.0183  -0.0057 0.0055  2662 A   A "C4'" 
372 O "O4'" . A   A 16 ? 0.0900 0.0928 0.1433 0.0188  -0.0053 -0.0078 2662 A   A "O4'" 
373 C "C3'" . A   A 16 ? 0.0983 0.0964 0.1327 0.0188  -0.0177 0.0194  2662 A   A "C3'" 
374 O "O3'" . A   A 16 ? 0.0998 0.1174 0.1550 0.0177  -0.0309 0.0210  2662 A   A "O3'" 
375 C "C2'" . A   A 16 ? 0.0988 0.0901 0.1274 0.0238  -0.0057 0.0126  2662 A   A "C2'" 
376 O "O2'" . A   A 16 ? 0.1083 0.0976 0.1320 0.0238  -0.0047 0.0186  2662 A   A "O2'" 
377 C "C1'" . A   A 16 ? 0.0892 0.0841 0.1137 0.0201  -0.0005 0.0002  2662 A   A "C1'" 
378 N N9    . A   A 16 ? 0.0855 0.0963 0.1105 0.0194  -0.0139 -0.0043 2662 A   A N9    
379 C C8    . A   A 16 ? 0.0828 0.0944 0.1023 0.0094  -0.0206 -0.0065 2662 A   A C8    
380 N N7    . A   A 16 ? 0.0841 0.0885 0.1163 0.0076  -0.0260 -0.0019 2662 A   A N7    
381 C C5    . A   A 16 ? 0.0872 0.0881 0.1275 0.0142  -0.0321 -0.0099 2662 A   A C5    
382 C C6    . A   A 16 ? 0.0863 0.0897 0.1661 0.0111  -0.0263 -0.0057 2662 A   A C6    
383 N N6    . A   A 16 ? 0.0990 0.1063 0.1991 0.0177  -0.0162 0.0197  2662 A   A N6    
384 N N1    . A   A 16 ? 0.0886 0.0955 0.1555 0.0160  -0.0171 -0.0066 2662 A   A N1    
385 C C2    . A   A 16 ? 0.0903 0.1128 0.1297 0.0208  -0.0196 -0.0092 2662 A   A C2    
386 N N3    . A   A 16 ? 0.0828 0.1012 0.1195 0.0222  -0.0194 -0.0003 2662 A   A N3    
387 C C4    . A   A 16 ? 0.0799 0.0932 0.1151 0.0188  -0.0222 -0.0087 2662 A   A C4    
388 P P     . G   A 17 ? 0.1041 0.1322 0.1639 0.0091  -0.0403 0.0296  2663 G   A P     
389 O OP1   . G   A 17 ? 0.1187 0.1734 0.2037 0.0159  -0.0414 0.0401  2663 G   A OP1   
390 O OP2   . G   A 17 ? 0.1098 0.1436 0.1821 -0.0013 -0.0382 0.0222  2663 G   A OP2   
391 O "O5'" . G   A 17 ? 0.1338 0.1046 0.1659 -0.0028 -0.0538 0.0286  2663 G   A "O5'" 
392 C "C5'" . G   A 17 ? 0.1408 0.1018 0.1792 -0.0022 -0.0672 0.0294  2663 G   A "C5'" 
393 C "C4'" . G   A 17 ? 0.1493 0.0886 0.1610 -0.0069 -0.0798 0.0152  2663 G   A "C4'" 
394 O "O4'" . G   A 17 ? 0.1502 0.0848 0.1727 -0.0031 -0.0807 0.0164  2663 G   A "O4'" 
395 C "C3'" . G   A 17 ? 0.1464 0.1009 0.1626 -0.0155 -0.0695 0.0219  2663 G   A "C3'" 
396 O "O3'" . G   A 17 ? 0.1620 0.0943 0.1682 -0.0215 -0.0779 0.0174  2663 G   A "O3'" 
397 C "C2'" . G   A 17 ? 0.1424 0.0882 0.1782 -0.0109 -0.0661 0.0156  2663 G   A "C2'" 
398 O "O2'" . G   A 17 ? 0.1501 0.0976 0.1768 0.0002  -0.0516 0.0104  2663 G   A "O2'" 
399 C "C1'" . G   A 17 ? 0.1384 0.0848 0.1728 -0.0042 -0.0729 0.0048  2663 G   A "C1'" 
400 N N9    . G   A 17 ? 0.1200 0.0960 0.1646 -0.0024 -0.0609 0.0074  2663 G   A N9    
401 C C8    . G   A 17 ? 0.1123 0.1077 0.1674 0.0040  -0.0606 0.0042  2663 G   A C8    
402 N N7    . G   A 17 ? 0.1159 0.1013 0.1766 0.0117  -0.0545 0.0080  2663 G   A N7    
403 C C5    . G   A 17 ? 0.1001 0.0876 0.1698 0.0015  -0.0501 0.0051  2663 G   A C5    
404 C C6    . G   A 17 ? 0.0889 0.0991 0.1575 0.0056  -0.0354 -0.0019 2663 G   A C6    
405 O O6    . G   A 17 ? 0.0942 0.1217 0.1644 0.0103  -0.0404 0.0022  2663 G   A O6    
406 N N1    . G   A 17 ? 0.0812 0.1042 0.1468 0.0047  -0.0308 -0.0048 2663 G   A N1    
407 C C2    . G   A 17 ? 0.0931 0.1012 0.1517 0.0042  -0.0421 0.0097  2663 G   A C2    
408 N N2    . G   A 17 ? 0.1022 0.1170 0.1712 0.0176  -0.0247 0.0333  2663 G   A N2    
409 N N3    . G   A 17 ? 0.1013 0.0986 0.1450 0.0017  -0.0428 0.0136  2663 G   A N3    
410 C C4    . G   A 17 ? 0.1107 0.0819 0.1546 0.0001  -0.0622 0.0066  2663 G   A C4    
411 P P     . G   A 18 ? 0.1631 0.1153 0.1657 -0.0328 -0.0774 0.0184  2664 G   A P     
412 O OP1   . G   A 18 ? 0.1782 0.1431 0.1713 -0.0378 -0.0743 0.0161  2664 G   A OP1   
413 O OP2   . G   A 18 ? 0.1562 0.1383 0.2026 -0.0268 -0.0888 0.0260  2664 G   A OP2   
414 O "O5'" . G   A 18 ? 0.1509 0.0983 0.1672 -0.0225 -0.0449 0.0062  2664 G   A "O5'" 
415 C "C5'" . G   A 18 ? 0.1433 0.1052 0.1631 -0.0186 -0.0249 0.0131  2664 G   A "C5'" 
416 C "C4'" . G   A 18 ? 0.1251 0.0964 0.1477 -0.0169 -0.0097 0.0011  2664 G   A "C4'" 
417 O "O4'" . G   A 18 ? 0.1135 0.0937 0.1519 -0.0105 -0.0083 -0.0096 2664 G   A "O4'" 
418 C "C3'" . G   A 18 ? 0.1215 0.0784 0.1363 -0.0103 -0.0102 -0.0102 2664 G   A "C3'" 
419 O "O3'" . G   A 18 ? 0.1232 0.0937 0.1339 -0.0062 -0.0053 0.0045  2664 G   A "O3'" 
420 C "C2'" . G   A 18 ? 0.1051 0.0962 0.1368 -0.0038 -0.0012 -0.0101 2664 G   A "C2'" 
421 O "O2'" . G   A 18 ? 0.1126 0.1024 0.1277 0.0048  -0.0029 0.0002  2664 G   A "O2'" 
422 C "C1'" . G   A 18 ? 0.1018 0.0920 0.1452 -0.0079 -0.0011 -0.0078 2664 G   A "C1'" 
423 N N9    . G   A 18 ? 0.1039 0.0881 0.1498 -0.0010 -0.0097 -0.0174 2664 G   A N9    
424 C C8    . G   A 18 ? 0.1151 0.0951 0.1591 0.0050  -0.0246 -0.0184 2664 G   A C8    
425 N N7    . G   A 18 ? 0.1091 0.1123 0.1897 0.0046  -0.0295 -0.0247 2664 G   A N7    
426 C C5    . G   A 18 ? 0.0943 0.1039 0.1887 0.0035  -0.0153 -0.0332 2664 G   A C5    
427 C C6    . G   A 18 ? 0.0865 0.1202 0.2089 0.0028  -0.0082 -0.0384 2664 G   A C6    
428 O O6    . G   A 18 ? 0.0918 0.1499 0.2327 0.0177  -0.0036 -0.0377 2664 G   A O6    
429 N N1    . G   A 18 ? 0.0853 0.1163 0.1840 -0.0006 -0.0015 -0.0285 2664 G   A N1    
430 C C2    . G   A 18 ? 0.0832 0.1051 0.1663 -0.0077 -0.0016 -0.0270 2664 G   A C2    
431 N N2    . G   A 18 ? 0.0882 0.1148 0.1629 -0.0108 0.0058  -0.0131 2664 G   A N2    
432 N N3    . G   A 18 ? 0.0869 0.0952 0.1622 0.0019  -0.0008 -0.0220 2664 G   A N3    
433 C C4    . G   A 18 ? 0.0907 0.0900 0.1638 -0.0030 -0.0142 -0.0291 2664 G   A C4    
434 P P     . A   A 19 ? 0.1246 0.0938 0.1138 0.0014  -0.0153 0.0015  2665 A   A P     
435 O OP1   . A   A 19 ? 0.1462 0.1204 0.1214 0.0086  -0.0107 0.0034  2665 A   A OP1   
436 O OP2   . A   A 19 ? 0.1326 0.1052 0.1422 0.0175  -0.0318 0.0005  2665 A   A OP2   
437 O "O5'" . A   A 19 ? 0.1143 0.0842 0.1207 0.0118  -0.0002 0.0050  2665 A   A "O5'" 
438 C "C5'" . A   A 19 ? 0.1093 0.0802 0.1320 0.0096  0.0002  0.0056  2665 A   A "C5'" 
439 C "C4'" . A   A 19 ? 0.0996 0.0963 0.1312 0.0082  0.0021  -0.0063 2665 A   A "C4'" 
440 O "O4'" . A   A 19 ? 0.0979 0.0991 0.1397 0.0060  -0.0050 -0.0021 2665 A   A "O4'" 
441 C "C3'" . A   A 19 ? 0.1003 0.0941 0.1188 0.0085  0.0057  -0.0079 2665 A   A "C3'" 
442 O "O3'" . A   A 19 ? 0.1079 0.1027 0.1232 0.0171  0.0123  -0.0055 2665 A   A "O3'" 
443 C "C2'" . A   A 19 ? 0.1003 0.1055 0.1346 0.0116  0.0122  -0.0041 2665 A   A "C2'" 
444 O "O2'" . A   A 19 ? 0.1068 0.1395 0.1637 0.0144  0.0202  0.0053  2665 A   A "O2'" 
445 C "C1'" . A   A 19 ? 0.0931 0.1089 0.1313 0.0097  -0.0033 -0.0061 2665 A   A "C1'" 
446 N N9    . A   A 19 ? 0.0925 0.0969 0.1260 0.0194  -0.0098 -0.0162 2665 A   A N9    
447 C C8    . A   A 19 ? 0.0890 0.1038 0.1246 0.0138  -0.0158 -0.0142 2665 A   A C8    
448 N N7    . A   A 19 ? 0.0929 0.1137 0.1198 0.0151  -0.0231 -0.0182 2665 A   A N7    
449 C C5    . A   A 19 ? 0.0912 0.1028 0.1256 0.0128  -0.0202 -0.0255 2665 A   A C5    
450 C C6    . A   A 19 ? 0.1039 0.1135 0.1255 0.0125  -0.0182 -0.0196 2665 A   A C6    
451 N N6    . A   A 19 ? 0.1075 0.1210 0.1294 0.0111  -0.0139 -0.0174 2665 A   A N6    
452 N N1    . A   A 19 ? 0.1116 0.1089 0.1420 0.0214  -0.0249 -0.0202 2665 A   A N1    
453 C C2    . A   A 19 ? 0.1050 0.1156 0.1515 0.0260  -0.0236 -0.0173 2665 A   A C2    
454 N N3    . A   A 19 ? 0.0909 0.1071 0.1481 0.0222  -0.0198 -0.0176 2665 A   A N3    
455 C C4    . A   A 19 ? 0.0896 0.1008 0.1317 0.0159  -0.0176 -0.0160 2665 A   A C4    
456 P P     . C   A 20 ? 0.0985 0.1052 0.1166 0.0150  0.0097  -0.0133 2666 C   A P     
457 O OP1   . C   A 20 ? 0.1280 0.1324 0.1334 0.0250  -0.0020 -0.0242 2666 C   A OP1   
458 O OP2   . C   A 20 ? 0.0926 0.1115 0.1338 0.0070  0.0136  -0.0228 2666 C   A OP2   
459 O "O5'" . C   A 20 ? 0.0981 0.1031 0.1322 0.0131  0.0130  -0.0032 2666 C   A "O5'" 
460 C "C5'" . C   A 20 ? 0.0999 0.1072 0.1411 0.0181  0.0178  -0.0067 2666 C   A "C5'" 
461 C "C4'" . C   A 20 ? 0.1010 0.1028 0.1725 0.0159  0.0193  0.0082  2666 C   A "C4'" 
462 O "O4'" . C   A 20 ? 0.0970 0.0955 0.1659 0.0106  0.0058  0.0088  2666 C   A "O4'" 
463 C "C3'" . C   A 20 ? 0.1049 0.1059 0.1713 0.0224  0.0344  0.0044  2666 C   A "C3'" 
464 O "O3'" . C   A 20 ? 0.1188 0.1125 0.1792 0.0224  0.0507  -0.0032 2666 C   A "O3'" 
465 C "C2'" . C   A 20 ? 0.0903 0.1152 0.1899 0.0243  0.0313  0.0190  2666 C   A "C2'" 
466 O "O2'" . C   A 20 ? 0.0960 0.1650 0.2142 0.0371  0.0320  0.0371  2666 C   A "O2'" 
467 C "C1'" . C   A 20 ? 0.0905 0.0947 0.1720 0.0122  0.0106  0.0128  2666 C   A "C1'" 
468 N N1    . C   A 20 ? 0.0854 0.0955 0.1547 0.0134  0.0067  0.0006  2666 C   A N1    
469 C C2    . C   A 20 ? 0.0908 0.0999 0.1658 0.0113  -0.0008 0.0089  2666 C   A C2    
470 O O2    . C   A 20 ? 0.0921 0.1175 0.1810 0.0120  -0.0043 0.0208  2666 C   A O2    
471 N N3    . C   A 20 ? 0.0903 0.1071 0.1551 0.0075  0.0032  0.0093  2666 C   A N3    
472 C C4    . C   A 20 ? 0.0934 0.0946 0.1453 0.0096  0.0026  -0.0055 2666 C   A C4    
473 N N4    . C   A 20 ? 0.1056 0.1067 0.1440 0.0121  0.0051  0.0021  2666 C   A N4    
474 C C5    . C   A 20 ? 0.0888 0.1053 0.1433 0.0104  0.0016  -0.0039 2666 C   A C5    
475 C C6    . C   A 20 ? 0.0843 0.1065 0.1455 0.0110  0.0021  -0.0049 2666 C   A C6    
476 P P     . C   A 21 ? 0.1371 0.1186 0.1884 0.0185  0.0587  -0.0144 2667 C   A P     
477 O OP1   . C   A 21 ? 0.1522 0.1689 0.2005 0.0241  0.0576  -0.0239 2667 C   A OP1   
478 O OP2   . C   A 21 ? 0.1539 0.1351 0.1546 0.0111  0.0426  -0.0093 2667 C   A OP2   
479 O "O5'" . C   A 21 ? 0.1306 0.0992 0.2227 0.0245  0.0582  0.0051  2667 C   A "O5'" 
480 C "C5'" . C   A 21 ? 0.1289 0.1082 0.2363 0.0289  0.0467  0.0077  2667 C   A "C5'" 
481 C "C4'" . C   A 21 ? 0.1178 0.1065 0.2504 0.0243  0.0342  0.0063  2667 C   A "C4'" 
482 O "O4'" . C   A 21 ? 0.1198 0.1077 0.2478 0.0179  0.0313  0.0174  2667 C   A "O4'" 
483 C "C3'" . C   A 21 ? 0.1181 0.0982 0.2424 0.0243  0.0272  0.0000  2667 C   A "C3'" 
484 O "O3'" . C   A 21 ? 0.1158 0.1024 0.2284 0.0321  0.0284  0.0000  2667 C   A "O3'" 
485 C "C2'" . C   A 21 ? 0.1202 0.1105 0.2415 0.0264  0.0336  0.0093  2667 C   A "C2'" 
486 O "O2'" . C   A 21 ? 0.1337 0.1255 0.2536 0.0281  0.0143  0.0069  2667 C   A "O2'" 
487 C "C1'" . C   A 21 ? 0.1243 0.1111 0.2384 0.0216  0.0291  0.0164  2667 C   A "C1'" 
488 N N1    . C   A 21 ? 0.1211 0.0974 0.2090 0.0152  0.0288  0.0000  2667 C   A N1    
489 C C2    . C   A 21 ? 0.1309 0.1098 0.2109 0.0097  0.0213  -0.0043 2667 C   A C2    
490 O O2    . C   A 21 ? 0.1637 0.1423 0.2194 0.0114  0.0045  0.0095  2667 C   A O2    
491 N N3    . C   A 21 ? 0.1196 0.1154 0.2072 0.0072  0.0243  -0.0243 2667 C   A N3    
492 C C4    . C   A 21 ? 0.1080 0.1038 0.2095 0.0114  0.0222  -0.0464 2667 C   A C4    
493 N N4    . C   A 21 ? 0.1047 0.1206 0.2119 0.0133  0.0283  -0.0412 2667 C   A N4    
494 C C5    . C   A 21 ? 0.1034 0.1039 0.1973 0.0107  0.0292  -0.0317 2667 C   A C5    
495 C C6    . C   A 21 ? 0.1151 0.1006 0.1886 0.0179  0.0297  -0.0178 2667 C   A C6    
496 P P     . G   A 22 ? 0.1271 0.1254 0.2077 0.0500  0.0284  0.0075  2668 G   A P     
497 O OP1   . G   A 22 ? 0.1287 0.1388 0.2264 0.0431  0.0247  -0.0029 2668 G   A OP1   
498 O OP2   . G   A 22 ? 0.1520 0.1829 0.2263 0.0663  0.0148  0.0053  2668 G   A OP2   
499 O "O5'" . G   A 22 ? 0.1094 0.1197 0.2046 0.0445  0.0239  0.0082  2668 G   A "O5'" 
500 C "C5'" . G   A 22 ? 0.1123 0.1123 0.2156 0.0427  0.0176  0.0220  2668 G   A "C5'" 
501 C "C4'" . G   A 22 ? 0.1074 0.1041 0.2031 0.0358  0.0098  0.0304  2668 G   A "C4'" 
502 O "O4'" . G   A 22 ? 0.0852 0.1207 0.1714 0.0393  0.0068  0.0275  2668 G   A "O4'" 
503 C "C3'" . G   A 22 ? 0.1168 0.0920 0.2353 0.0304  0.0073  -0.0001 2668 G   A "C3'" 
504 O "O3'" . G   A 22 ? 0.1376 0.1289 0.2758 0.0280  0.0084  -0.0042 2668 G   A "O3'" 
505 C "C2'" . G   A 22 ? 0.1062 0.1006 0.2181 0.0341  0.0134  0.0262  2668 G   A "C2'" 
506 O "O2'" . G   A 22 ? 0.1287 0.1403 0.2574 0.0408  0.0233  0.0698  2668 G   A "O2'" 
507 C "C1'" . G   A 22 ? 0.0817 0.1048 0.1658 0.0274  0.0038  0.0196  2668 G   A "C1'" 
508 N N9    . G   A 22 ? 0.0862 0.0975 0.1334 0.0360  -0.0026 0.0000  2668 G   A N9    
509 C C8    . G   A 22 ? 0.0857 0.1025 0.1389 0.0286  0.0026  0.0088  2668 G   A C8    
510 N N7    . G   A 22 ? 0.0909 0.1103 0.1373 0.0278  0.0016  0.0041  2668 G   A N7    
511 C C5    . G   A 22 ? 0.0845 0.0911 0.1207 0.0268  -0.0041 -0.0028 2668 G   A C5    
512 C C6    . G   A 22 ? 0.0758 0.0914 0.1147 0.0226  0.0036  -0.0023 2668 G   A C6    
513 O O6    . G   A 22 ? 0.0906 0.1040 0.1231 0.0340  0.0080  0.0114  2668 G   A O6    
514 N N1    . G   A 22 ? 0.0786 0.0926 0.1191 0.0251  -0.0114 -0.0031 2668 G   A N1    
515 C C2    . G   A 22 ? 0.0759 0.0850 0.1096 0.0204  -0.0183 -0.0071 2668 G   A C2    
516 N N2    . G   A 22 ? 0.0767 0.0960 0.1223 0.0228  -0.0185 0.0007  2668 G   A N2    
517 N N3    . G   A 22 ? 0.0769 0.0910 0.1185 0.0282  -0.0152 -0.0057 2668 G   A N3    
518 C C4    . G   A 22 ? 0.0817 0.0948 0.1193 0.0295  -0.0132 -0.0020 2668 G   A C4    
519 P P     . G   A 23 ? 0.1616 0.1455 0.2837 0.0323  0.0047  -0.0511 2669 G   A P     
520 O OP1   . G   A 23 ? 0.1832 0.1456 0.3100 0.0493  0.0010  -0.0493 2669 G   A OP1   
521 O OP2   . G   A 23 ? 0.1664 0.1839 0.2786 0.0198  0.0090  -0.0402 2669 G   A OP2   
522 O "O5'" . G   A 23 ? 0.1532 0.1336 0.2656 0.0386  -0.0066 -0.0305 2669 G   A "O5'" 
523 C "C5'" . G   A 23 ? 0.1418 0.1072 0.2479 0.0295  -0.0238 -0.0140 2669 G   A "C5'" 
524 C "C4'" . G   A 23 ? 0.1316 0.0868 0.2182 0.0188  -0.0419 -0.0136 2669 G   A "C4'" 
525 O "O4'" . G   A 23 ? 0.1182 0.0891 0.1686 0.0158  -0.0473 -0.0016 2669 G   A "O4'" 
526 C "C3'" . G   A 23 ? 0.1331 0.0971 0.2337 0.0176  -0.0452 -0.0307 2669 G   A "C3'" 
527 O "O3'" . G   A 23 ? 0.1569 0.1164 0.2955 0.0214  -0.0592 -0.0695 2669 G   A "O3'" 
528 C "C2'" . G   A 23 ? 0.1151 0.0941 0.1753 0.0196  -0.0340 -0.0223 2669 G   A "C2'" 
529 O "O2'" . G   A 23 ? 0.1231 0.0997 0.1884 0.0153  -0.0282 -0.0092 2669 G   A "O2'" 
530 C "C1'" . G   A 23 ? 0.1053 0.0894 0.1483 0.0167  -0.0334 -0.0011 2669 G   A "C1'" 
531 N N9    . G   A 23 ? 0.1117 0.1082 0.1363 0.0334  -0.0257 -0.0098 2669 G   A N9    
532 C C8    . G   A 23 ? 0.1202 0.1095 0.1521 0.0406  -0.0245 -0.0099 2669 G   A C8    
533 N N7    . G   A 23 ? 0.1151 0.1123 0.1464 0.0437  -0.0203 -0.0093 2669 G   A N7    
534 C C5    . G   A 23 ? 0.1096 0.1003 0.1203 0.0378  -0.0156 -0.0194 2669 G   A C5    
535 C C6    . G   A 23 ? 0.1132 0.1164 0.1125 0.0401  -0.0173 -0.0218 2669 G   A C6    
536 O O6    . G   A 23 ? 0.1161 0.1450 0.1128 0.0461  -0.0037 -0.0024 2669 G   A O6    
537 N N1    . G   A 23 ? 0.1074 0.1101 0.1032 0.0300  -0.0150 -0.0183 2669 G   A N1    
538 C C2    . G   A 23 ? 0.1068 0.1043 0.1085 0.0305  -0.0213 -0.0170 2669 G   A C2    
539 N N2    . G   A 23 ? 0.1183 0.0993 0.1166 0.0385  -0.0227 -0.0120 2669 G   A N2    
540 N N3    . G   A 23 ? 0.1050 0.1033 0.1074 0.0284  -0.0157 -0.0167 2669 G   A N3    
541 C C4    . G   A 23 ? 0.1073 0.0976 0.1198 0.0323  -0.0164 -0.0171 2669 G   A C4    
542 P P     . A   A 24 ? 0.1882 0.1806 0.3338 0.0338  -0.0704 -0.1393 2670 A   A P     
543 O OP1   . A   A 24 ? 0.2044 0.1733 0.3944 0.0285  -0.0817 -0.1325 2670 A   A OP1   
544 O OP2   . A   A 24 ? 0.1982 0.2367 0.3367 0.0551  -0.0564 -0.1542 2670 A   A OP2   
545 O "O5'" . A   A 24 ? 0.1736 0.2253 0.2616 0.0164  -0.0535 -0.1090 2670 A   A "O5'" 
546 C "C5'" . A   A 24 ? 0.1592 0.2378 0.2193 -0.0021 -0.0395 -0.0779 2670 A   A "C5'" 
547 C "C4'" . A   A 24 ? 0.1594 0.2385 0.1654 -0.0124 -0.0254 -0.0661 2670 A   A "C4'" 
548 O "O4'" . A   A 24 ? 0.1567 0.2204 0.1343 -0.0092 -0.0118 -0.0584 2670 A   A "O4'" 
549 C "C3'" . A   A 24 ? 0.1701 0.2661 0.1620 -0.0180 -0.0290 -0.0725 2670 A   A "C3'" 
550 O "O3'" . A   A 24 ? 0.2036 0.2964 0.2009 -0.0249 -0.0599 -0.1011 2670 A   A "O3'" 
551 C "C2'" . A   A 24 ? 0.1466 0.2629 0.1380 -0.0177 -0.0078 -0.0555 2670 A   A "C2'" 
552 O "O2'" . A   A 24 ? 0.1399 0.2766 0.1517 -0.0223 -0.0092 -0.0490 2670 A   A "O2'" 
553 C "C1'" . A   A 24 ? 0.1414 0.2466 0.1219 -0.0117 -0.0032 -0.0425 2670 A   A "C1'" 
554 N N9    . A   A 24 ? 0.1458 0.2243 0.1144 0.0035  -0.0093 -0.0511 2670 A   A N9    
555 C C8    . A   A 24 ? 0.1435 0.2355 0.1264 0.0044  -0.0093 -0.0325 2670 A   A C8    
556 N N7    . A   A 24 ? 0.1505 0.2183 0.1108 0.0084  -0.0186 -0.0324 2670 A   A N7    
557 C C5    . A   A 24 ? 0.1399 0.2130 0.1046 0.0110  -0.0144 -0.0424 2670 A   A C5    
558 C C6    . A   A 24 ? 0.1361 0.2224 0.1033 0.0172  -0.0115 -0.0439 2670 A   A C6    
559 N N6    . A   A 24 ? 0.1258 0.2373 0.1055 0.0089  -0.0101 -0.0314 2670 A   A N6    
560 N N1    . A   A 24 ? 0.1437 0.2071 0.1078 0.0190  -0.0126 -0.0519 2670 A   A N1    
561 C C2    . A   A 24 ? 0.1388 0.1990 0.1228 0.0229  -0.0082 -0.0652 2670 A   A C2    
562 N N3    . A   A 24 ? 0.1329 0.1968 0.1312 0.0108  -0.0122 -0.0559 2670 A   A N3    
563 C C4    . A   A 24 ? 0.1406 0.2052 0.1143 0.0091  -0.0176 -0.0558 2670 A   A C4    
564 P P     . G   A 25 ? 0.2598 0.3401 0.2264 -0.0159 -0.0807 -0.1185 2671 G   A P     
565 O OP1   . G   A 25 ? 0.2678 0.3312 0.2668 -0.0142 -0.0897 -0.1192 2671 G   A OP1   
566 O OP2   . G   A 25 ? 0.2742 0.3442 0.2438 0.0003  -0.0792 -0.1272 2671 G   A OP2   
567 O "O5'" . G   A 25 ? 0.2596 0.3433 0.2292 -0.0452 -0.0590 -0.0660 2671 G   A "O5'" 
568 C "C5'" . G   A 25 ? 0.2601 0.3144 0.1814 -0.0838 -0.0388 -0.0183 2671 G   A "C5'" 
569 C "C4'" . G   A 25 ? 0.2622 0.2906 0.1317 -0.1167 -0.0278 0.0120  2671 G   A "C4'" 
570 O "O4'" . G   A 25 ? 0.2543 0.3086 0.1320 -0.1302 -0.0077 0.0117  2671 G   A "O4'" 
571 C "C3'" . G   A 25 ? 0.2688 0.2394 0.1362 -0.1241 -0.0373 0.0103  2671 G   A "C3'" 
572 O "O3'" . G   A 25 ? 0.2822 0.2059 0.1487 -0.1050 -0.0653 0.0192  2671 G   A "O3'" 
573 C "C2'" . G   A 25 ? 0.2744 0.2425 0.1364 -0.1224 -0.0057 0.0014  2671 G   A "C2'" 
574 O "O2'" . G   A 25 ? 0.2805 0.2392 0.1396 -0.1147 0.0099  -0.0129 2671 G   A "O2'" 
575 C "C1'" . G   A 25 ? 0.2635 0.2767 0.1281 -0.1258 0.0020  -0.0080 2671 G   A "C1'" 
576 N N9    . G   A 25 ? 0.2684 0.2632 0.1360 -0.1205 0.0029  -0.0511 2671 G   A N9    
577 C C8    . G   A 25 ? 0.2813 0.2763 0.1496 -0.1122 -0.0073 -0.0562 2671 G   A C8    
578 N N7    . G   A 25 ? 0.2957 0.2904 0.1441 -0.0934 -0.0006 -0.0549 2671 G   A N7    
579 C C5    . G   A 25 ? 0.2912 0.2730 0.1507 -0.0933 -0.0019 -0.0785 2671 G   A C5    
580 C C6    . G   A 25 ? 0.2943 0.2761 0.1532 -0.0783 0.0114  -0.0792 2671 G   A C6    
581 O O6    . G   A 25 ? 0.3036 0.2835 0.1552 -0.0765 -0.0108 -0.0807 2671 G   A O6    
582 N N1    . G   A 25 ? 0.2839 0.2344 0.1533 -0.0830 0.0338  -0.0933 2671 G   A N1    
583 C C2    . G   A 25 ? 0.2698 0.2406 0.1485 -0.0851 0.0502  -0.0962 2671 G   A C2    
584 N N2    . G   A 25 ? 0.2750 0.2543 0.1413 -0.0810 0.0554  -0.0837 2671 G   A N2    
585 N N3    . G   A 25 ? 0.2687 0.2511 0.1427 -0.0948 0.0337  -0.0963 2671 G   A N3    
586 C C4    . G   A 25 ? 0.2760 0.2623 0.1463 -0.1011 0.0119  -0.0819 2671 G   A C4    
587 P P     . U   A 26 ? 0.2960 0.1653 0.1780 -0.0773 -0.0974 0.0092  2672 U   A P     
588 O OP1   . U   A 26 ? 0.3085 0.1809 0.2025 -0.0601 -0.0998 0.0030  2672 U   A OP1   
589 O OP2   . U   A 26 ? 0.2996 0.1739 0.2284 -0.0660 -0.0971 0.0058  2672 U   A OP2   
590 O "O5'" . U   A 26 ? 0.2943 0.1547 0.1413 -0.0361 -0.0560 -0.0061 2672 U   A "O5'" 
591 C "C5'" . U   A 26 ? 0.2931 0.1578 0.1380 -0.0004 -0.0083 0.0059  2672 U   A "C5'" 
592 C "C4'" . U   A 26 ? 0.2915 0.1577 0.1308 0.0280  0.0237  -0.0049 2672 U   A "C4'" 
593 O "O4'" . U   A 26 ? 0.2851 0.1538 0.1336 0.0203  0.0432  -0.0126 2672 U   A "O4'" 
594 C "C3'" . U   A 26 ? 0.2949 0.1731 0.1194 0.0597  0.0261  -0.0068 2672 U   A "C3'" 
595 O "O3'" . U   A 26 ? 0.3021 0.2123 0.1237 0.1020  -0.0035 -0.0119 2672 U   A "O3'" 
596 C "C2'" . U   A 26 ? 0.2943 0.1627 0.1398 0.0478  0.0444  -0.0050 2672 U   A "C2'" 
597 O "O2'" . U   A 26 ? 0.3016 0.1735 0.1753 0.0652  0.0631  0.0215  2672 U   A "O2'" 
598 C "C1'" . U   A 26 ? 0.2816 0.1480 0.1326 0.0106  0.0393  -0.0185 2672 U   A "C1'" 
599 N N1    . U   A 26 ? 0.2692 0.1480 0.1230 -0.0350 0.0206  -0.0280 2672 U   A N1    
600 C C2    . U   A 26 ? 0.2663 0.1565 0.1243 -0.0472 0.0210  -0.0395 2672 U   A C2    
601 O O2    . U   A 26 ? 0.2707 0.1701 0.1355 -0.0423 0.0447  -0.0222 2672 U   A O2    
602 N N3    . U   A 26 ? 0.2630 0.1770 0.1295 -0.0555 0.0011  -0.0403 2672 U   A N3    
603 C C4    . U   A 26 ? 0.2612 0.1856 0.1337 -0.0647 -0.0150 -0.0207 2672 U   A C4    
604 O O4    . U   A 26 ? 0.2622 0.2065 0.1631 -0.0619 -0.0278 -0.0247 2672 U   A O4    
605 C C5    . U   A 26 ? 0.2616 0.1678 0.1303 -0.0651 -0.0131 -0.0241 2672 U   A C5    
606 C C6    . U   A 26 ? 0.2689 0.1650 0.1232 -0.0496 -0.0042 -0.0269 2672 U   A C6    
607 P P     . G   A 27 ? 0.3050 0.2647 0.1357 0.1336  -0.0484 -0.0342 2673 G   A P     
608 O OP1   . G   A 27 ? 0.2991 0.3013 0.1741 0.1317  -0.0493 -0.0277 2673 G   A OP1   
609 O OP2   . G   A 27 ? 0.3189 0.2347 0.1883 0.1288  -0.0749 -0.0355 2673 G   A OP2   
610 O "O5'" . G   A 27 ? 0.2912 0.2623 0.1169 0.1410  -0.0274 -0.0129 2673 G   A "O5'" 
611 C "C5'" . G   A 27 ? 0.2716 0.2446 0.1275 0.1430  -0.0046 -0.0091 2673 G   A "C5'" 
612 C "C4'" . G   A 27 ? 0.2536 0.2304 0.1241 0.1368  0.0063  -0.0181 2673 G   A "C4'" 
613 O "O4'" . G   A 27 ? 0.2512 0.2045 0.1276 0.1298  0.0097  -0.0203 2673 G   A "O4'" 
614 C "C3'" . G   A 27 ? 0.2530 0.2279 0.1239 0.1320  -0.0012 -0.0325 2673 G   A "C3'" 
615 O "O3'" . G   A 27 ? 0.2525 0.2600 0.1502 0.1431  -0.0010 -0.0355 2673 G   A "O3'" 
616 C "C2'" . G   A 27 ? 0.2509 0.2207 0.1313 0.1165  0.0033  -0.0067 2673 G   A "C2'" 
617 O "O2'" . G   A 27 ? 0.2532 0.2555 0.1571 0.1046  0.0013  0.0295  2673 G   A "O2'" 
618 C "C1'" . G   A 27 ? 0.2485 0.1787 0.1269 0.1101  0.0025  -0.0161 2673 G   A "C1'" 
619 N N9    . G   A 27 ? 0.2330 0.1477 0.1271 0.0858  -0.0028 -0.0204 2673 G   A N9    
620 C C8    . G   A 27 ? 0.2162 0.1455 0.1176 0.0765  -0.0072 -0.0222 2673 G   A C8    
621 N N7    . G   A 27 ? 0.2153 0.1454 0.1185 0.0677  -0.0236 -0.0342 2673 G   A N7    
622 C C5    . G   A 27 ? 0.2255 0.1313 0.1299 0.0616  -0.0355 -0.0408 2673 G   A C5    
623 C C6    . G   A 27 ? 0.2323 0.1274 0.1503 0.0546  -0.0515 -0.0305 2673 G   A C6    
624 O O6    . G   A 27 ? 0.2328 0.1367 0.1732 0.0448  -0.0648 -0.0157 2673 G   A O6    
625 N N1    . G   A 27 ? 0.2347 0.1320 0.1356 0.0597  -0.0446 -0.0347 2673 G   A N1    
626 C C2    . G   A 27 ? 0.2427 0.1314 0.1275 0.0682  -0.0286 -0.0337 2673 G   A C2    
627 N N2    . G   A 27 ? 0.2447 0.1388 0.1411 0.0663  -0.0160 -0.0274 2673 G   A N2    
628 N N3    . G   A 27 ? 0.2359 0.1405 0.1339 0.0711  -0.0146 -0.0231 2673 G   A N3    
629 C C4    . G   A 27 ? 0.2345 0.1336 0.1298 0.0745  -0.0183 -0.0327 2673 G   A C4    
# 
loop_
_pdbx_poly_seq_scheme.asym_id 
_pdbx_poly_seq_scheme.entity_id 
_pdbx_poly_seq_scheme.seq_id 
_pdbx_poly_seq_scheme.mon_id 
_pdbx_poly_seq_scheme.ndb_seq_num 
_pdbx_poly_seq_scheme.pdb_seq_num 
_pdbx_poly_seq_scheme.auth_seq_num 
_pdbx_poly_seq_scheme.pdb_mon_id 
_pdbx_poly_seq_scheme.auth_mon_id 
_pdbx_poly_seq_scheme.pdb_strand_id 
_pdbx_poly_seq_scheme.pdb_ins_code 
_pdbx_poly_seq_scheme.hetero 
A 1 1  U   1  2647 2647 U   U   A . n 
A 1 2  G   2  2648 2648 G   G   A . n 
A 1 3  C   3  2649 2649 C   C   A . n 
A 1 4  U   4  2650 2650 U   U   A . n 
A 1 5  C   5  2651 2651 C   C   A . n 
A 1 6  C   6  2652 2652 C   C   A . n 
A 1 7  U   7  2653 2653 U   U   A . n 
A 1 8  A   8  2654 2654 A   A   A . n 
A 1 9  G   9  2655 2655 G   G   A . n 
A 1 10 OMU 10 2656 2656 OMU OMU A . n 
A 1 11 A   11 2657 2657 A   A   A . n 
A 1 12 C   12 2658 2658 C   C   A . n 
A 1 13 G   13 2659 2659 G   G   A . n 
A 1 14 A   14 2660 2660 A   A   A . n 
A 1 15 G   15 2661 2661 G   G   A . n 
A 1 16 A   16 2662 2662 A   A   A . n 
A 1 17 G   17 2663 2663 G   G   A . n 
A 1 18 G   18 2664 2664 G   G   A . n 
A 1 19 A   19 2665 2665 A   A   A . n 
A 1 20 C   20 2666 2666 C   C   A . n 
A 1 21 C   21 2667 2667 C   C   A . n 
A 1 22 G   22 2668 2668 G   G   A . n 
A 1 23 G   23 2669 2669 G   G   A . n 
A 1 24 A   24 2670 2670 A   A   A . n 
A 1 25 G   25 2671 2671 G   G   A . n 
A 1 26 U   26 2672 2672 U   U   A . n 
A 1 27 G   27 2673 2673 G   G   A . n 
# 
loop_
_pdbx_nonpoly_scheme.asym_id 
_pdbx_nonpoly_scheme.entity_id 
_pdbx_nonpoly_scheme.mon_id 
_pdbx_nonpoly_scheme.ndb_seq_num 
_pdbx_nonpoly_scheme.pdb_seq_num 
_pdbx_nonpoly_scheme.auth_seq_num 
_pdbx_nonpoly_scheme.pdb_mon_id 
_pdbx_nonpoly_scheme.auth_mon_id 
_pdbx_nonpoly_scheme.pdb_strand_id 
_pdbx_nonpoly_scheme.pdb_ins_code 
B 2 HOH 1   1   1   HOH HOH A . 
B 2 HOH 2   2   2   HOH HOH A . 
B 2 HOH 3   3   3   HOH HOH A . 
B 2 HOH 4   4   4   HOH HOH A . 
B 2 HOH 5   5   5   HOH HOH A . 
B 2 HOH 6   6   6   HOH HOH A . 
B 2 HOH 7   7   7   HOH HOH A . 
B 2 HOH 8   8   8   HOH HOH A . 
B 2 HOH 9   9   9   HOH HOH A . 
B 2 HOH 10  10  10  HOH HOH A . 
B 2 HOH 11  11  11  HOH HOH A . 
B 2 HOH 12  12  12  HOH HOH A . 
B 2 HOH 13  13  13  HOH HOH A . 
B 2 HOH 14  14  14  HOH HOH A . 
B 2 HOH 15  15  15  HOH HOH A . 
B 2 HOH 16  16  16  HOH HOH A . 
B 2 HOH 17  17  17  HOH HOH A . 
B 2 HOH 18  18  18  HOH HOH A . 
B 2 HOH 19  19  19  HOH HOH A . 
B 2 HOH 20  20  20  HOH HOH A . 
B 2 HOH 21  21  21  HOH HOH A . 
B 2 HOH 22  22  22  HOH HOH A . 
B 2 HOH 23  23  23  HOH HOH A . 
B 2 HOH 24  24  24  HOH HOH A . 
B 2 HOH 25  25  25  HOH HOH A . 
B 2 HOH 26  26  26  HOH HOH A . 
B 2 HOH 27  27  27  HOH HOH A . 
B 2 HOH 28  28  28  HOH HOH A . 
B 2 HOH 29  29  29  HOH HOH A . 
B 2 HOH 30  30  30  HOH HOH A . 
B 2 HOH 31  31  31  HOH HOH A . 
B 2 HOH 32  32  32  HOH HOH A . 
B 2 HOH 33  33  33  HOH HOH A . 
B 2 HOH 34  34  34  HOH HOH A . 
B 2 HOH 35  35  35  HOH HOH A . 
B 2 HOH 36  36  36  HOH HOH A . 
B 2 HOH 37  37  37  HOH HOH A . 
B 2 HOH 38  38  38  HOH HOH A . 
B 2 HOH 39  39  39  HOH HOH A . 
B 2 HOH 40  40  40  HOH HOH A . 
B 2 HOH 41  41  41  HOH HOH A . 
B 2 HOH 42  42  42  HOH HOH A . 
B 2 HOH 43  43  43  HOH HOH A . 
B 2 HOH 44  44  44  HOH HOH A . 
B 2 HOH 45  45  45  HOH HOH A . 
B 2 HOH 46  46  46  HOH HOH A . 
B 2 HOH 47  47  47  HOH HOH A . 
B 2 HOH 48  48  48  HOH HOH A . 
B 2 HOH 49  49  49  HOH HOH A . 
B 2 HOH 50  50  50  HOH HOH A . 
B 2 HOH 51  51  51  HOH HOH A . 
B 2 HOH 52  52  52  HOH HOH A . 
B 2 HOH 53  53  53  HOH HOH A . 
B 2 HOH 54  54  54  HOH HOH A . 
B 2 HOH 55  55  55  HOH HOH A . 
B 2 HOH 56  56  56  HOH HOH A . 
B 2 HOH 57  57  57  HOH HOH A . 
B 2 HOH 58  58  58  HOH HOH A . 
B 2 HOH 59  59  59  HOH HOH A . 
B 2 HOH 60  60  60  HOH HOH A . 
B 2 HOH 61  61  61  HOH HOH A . 
B 2 HOH 62  62  62  HOH HOH A . 
B 2 HOH 63  63  63  HOH HOH A . 
B 2 HOH 64  64  64  HOH HOH A . 
B 2 HOH 65  65  65  HOH HOH A . 
B 2 HOH 66  66  66  HOH HOH A . 
B 2 HOH 67  67  67  HOH HOH A . 
B 2 HOH 68  68  68  HOH HOH A . 
B 2 HOH 69  69  69  HOH HOH A . 
B 2 HOH 70  70  70  HOH HOH A . 
B 2 HOH 71  71  71  HOH HOH A . 
B 2 HOH 72  72  72  HOH HOH A . 
B 2 HOH 73  73  73  HOH HOH A . 
B 2 HOH 74  75  75  HOH HOH A . 
B 2 HOH 75  76  76  HOH HOH A . 
B 2 HOH 76  77  77  HOH HOH A . 
B 2 HOH 77  78  78  HOH HOH A . 
B 2 HOH 78  79  79  HOH HOH A . 
B 2 HOH 79  80  80  HOH HOH A . 
B 2 HOH 80  81  81  HOH HOH A . 
B 2 HOH 81  82  82  HOH HOH A . 
B 2 HOH 82  83  83  HOH HOH A . 
B 2 HOH 83  84  84  HOH HOH A . 
B 2 HOH 84  85  85  HOH HOH A . 
B 2 HOH 85  86  86  HOH HOH A . 
B 2 HOH 86  88  88  HOH HOH A . 
B 2 HOH 87  89  89  HOH HOH A . 
B 2 HOH 88  90  90  HOH HOH A . 
B 2 HOH 89  91  91  HOH HOH A . 
B 2 HOH 90  92  92  HOH HOH A . 
B 2 HOH 91  94  94  HOH HOH A . 
B 2 HOH 92  95  95  HOH HOH A . 
B 2 HOH 93  96  96  HOH HOH A . 
B 2 HOH 94  97  97  HOH HOH A . 
B 2 HOH 95  98  98  HOH HOH A . 
B 2 HOH 96  99  99  HOH HOH A . 
B 2 HOH 97  100 100 HOH HOH A . 
B 2 HOH 98  101 101 HOH HOH A . 
B 2 HOH 99  102 102 HOH HOH A . 
B 2 HOH 100 103 103 HOH HOH A . 
B 2 HOH 101 104 104 HOH HOH A . 
B 2 HOH 102 105 105 HOH HOH A . 
B 2 HOH 103 106 106 HOH HOH A . 
B 2 HOH 104 107 107 HOH HOH A . 
B 2 HOH 105 108 108 HOH HOH A . 
B 2 HOH 106 110 110 HOH HOH A . 
B 2 HOH 107 111 111 HOH HOH A . 
B 2 HOH 108 112 112 HOH HOH A . 
B 2 HOH 109 113 113 HOH HOH A . 
B 2 HOH 110 114 114 HOH HOH A . 
B 2 HOH 111 115 115 HOH HOH A . 
B 2 HOH 112 116 116 HOH HOH A . 
B 2 HOH 113 117 117 HOH HOH A . 
B 2 HOH 114 118 118 HOH HOH A . 
B 2 HOH 115 119 119 HOH HOH A . 
B 2 HOH 116 120 120 HOH HOH A . 
B 2 HOH 117 121 121 HOH HOH A . 
B 2 HOH 118 123 123 HOH HOH A . 
B 2 HOH 119 124 124 HOH HOH A . 
B 2 HOH 120 125 125 HOH HOH A . 
B 2 HOH 121 126 126 HOH HOH A . 
B 2 HOH 122 127 127 HOH HOH A . 
B 2 HOH 123 128 128 HOH HOH A . 
B 2 HOH 124 129 129 HOH HOH A . 
B 2 HOH 125 130 130 HOH HOH A . 
B 2 HOH 126 131 131 HOH HOH A . 
B 2 HOH 127 132 132 HOH HOH A . 
B 2 HOH 128 133 133 HOH HOH A . 
B 2 HOH 129 134 134 HOH HOH A . 
B 2 HOH 130 135 135 HOH HOH A . 
B 2 HOH 131 136 136 HOH HOH A . 
B 2 HOH 132 137 137 HOH HOH A . 
B 2 HOH 133 138 138 HOH HOH A . 
B 2 HOH 134 139 139 HOH HOH A . 
B 2 HOH 135 140 140 HOH HOH A . 
B 2 HOH 136 141 141 HOH HOH A . 
B 2 HOH 137 142 142 HOH HOH A . 
B 2 HOH 138 143 143 HOH HOH A . 
B 2 HOH 139 145 145 HOH HOH A . 
B 2 HOH 140 146 146 HOH HOH A . 
B 2 HOH 141 148 148 HOH HOH A . 
B 2 HOH 142 150 150 HOH HOH A . 
B 2 HOH 143 151 151 HOH HOH A . 
B 2 HOH 144 152 152 HOH HOH A . 
B 2 HOH 145 153 153 HOH HOH A . 
B 2 HOH 146 154 154 HOH HOH A . 
# 
_pdbx_struct_mod_residue.id               1 
_pdbx_struct_mod_residue.label_asym_id    A 
_pdbx_struct_mod_residue.label_comp_id    OMU 
_pdbx_struct_mod_residue.label_seq_id     10 
_pdbx_struct_mod_residue.auth_asym_id     A 
_pdbx_struct_mod_residue.auth_comp_id     OMU 
_pdbx_struct_mod_residue.auth_seq_id      2656 
_pdbx_struct_mod_residue.PDB_ins_code     ? 
_pdbx_struct_mod_residue.parent_comp_id   U 
_pdbx_struct_mod_residue.details          
;O2'-METHYLURIDINE 5'-MONOPHOSPHATE
;
# 
_pdbx_struct_assembly.id                   1 
_pdbx_struct_assembly.details              author_and_software_defined_assembly 
_pdbx_struct_assembly.method_details       PISA 
_pdbx_struct_assembly.oligomeric_details   monomeric 
_pdbx_struct_assembly.oligomeric_count     1 
# 
_pdbx_struct_assembly_gen.assembly_id       1 
_pdbx_struct_assembly_gen.oper_expression   1 
_pdbx_struct_assembly_gen.asym_id_list      A,B 
# 
_pdbx_struct_oper_list.id                   1 
_pdbx_struct_oper_list.type                 'identity operation' 
_pdbx_struct_oper_list.name                 1_555 
_pdbx_struct_oper_list.symmetry_operation   x,y,z 
_pdbx_struct_oper_list.matrix[1][1]         1.0000000000 
_pdbx_struct_oper_list.matrix[1][2]         0.0000000000 
_pdbx_struct_oper_list.matrix[1][3]         0.0000000000 
_pdbx_struct_oper_list.vector[1]            0.0000000000 
_pdbx_struct_oper_list.matrix[2][1]         0.0000000000 
_pdbx_struct_oper_list.matrix[2][2]         1.0000000000 
_pdbx_struct_oper_list.matrix[2][3]         0.0000000000 
_pdbx_struct_oper_list.vector[2]            0.0000000000 
_pdbx_struct_oper_list.matrix[3][1]         0.0000000000 
_pdbx_struct_oper_list.matrix[3][2]         0.0000000000 
_pdbx_struct_oper_list.matrix[3][3]         1.0000000000 
_pdbx_struct_oper_list.vector[3]            0.0000000000 
# 
loop_
_pdbx_audit_revision_history.ordinal 
_pdbx_audit_revision_history.data_content_type 
_pdbx_audit_revision_history.major_revision 
_pdbx_audit_revision_history.minor_revision 
_pdbx_audit_revision_history.revision_date 
1 'Structure model' 1 0 2009-03-24 
2 'Structure model' 1 1 2011-07-13 
3 'Structure model' 1 2 2017-10-25 
4 'Structure model' 1 3 2023-08-30 
# 
_pdbx_audit_revision_details.ordinal             1 
_pdbx_audit_revision_details.revision_ordinal    1 
_pdbx_audit_revision_details.data_content_type   'Structure model' 
_pdbx_audit_revision_details.provider            repository 
_pdbx_audit_revision_details.type                'Initial release' 
_pdbx_audit_revision_details.description         ? 
_pdbx_audit_revision_details.details             ? 
# 
loop_
_pdbx_audit_revision_group.ordinal 
_pdbx_audit_revision_group.revision_ordinal 
_pdbx_audit_revision_group.data_content_type 
_pdbx_audit_revision_group.group 
1 2 'Structure model' 'Version format compliance' 
2 3 'Structure model' 'Refinement description'    
3 4 'Structure model' 'Data collection'           
4 4 'Structure model' 'Database references'       
5 4 'Structure model' 'Derived calculations'      
6 4 'Structure model' 'Refinement description'    
# 
loop_
_pdbx_audit_revision_category.ordinal 
_pdbx_audit_revision_category.revision_ordinal 
_pdbx_audit_revision_category.data_content_type 
_pdbx_audit_revision_category.category 
1 3 'Structure model' software                      
2 4 'Structure model' chem_comp_atom                
3 4 'Structure model' chem_comp_bond                
4 4 'Structure model' database_2                    
5 4 'Structure model' pdbx_initial_refinement_model 
6 4 'Structure model' struct_conn                   
# 
loop_
_pdbx_audit_revision_item.ordinal 
_pdbx_audit_revision_item.revision_ordinal 
_pdbx_audit_revision_item.data_content_type 
_pdbx_audit_revision_item.item 
1 4 'Structure model' '_database_2.pdbx_DOI'                
2 4 'Structure model' '_database_2.pdbx_database_accession' 
3 4 'Structure model' '_struct_conn.pdbx_leaving_atom_flag' 
# 
loop_
_software.name 
_software.version 
_software.date 
_software.type 
_software.contact_author 
_software.contact_author_email 
_software.classification 
_software.location 
_software.language 
_software.citation_id 
_software.pdbx_ordinal 
XSCALE      .     ?               package 'Wolfgang Kabsch' ?                     'data scaling'    
http://www.mpimf-heidelberg.mpg.de/~kabsch/xds/html_doc/xscale_program.html ?   ? 1 
PHENIX      .     ?               package 'Paul D. Adams'   PDAdams@lbl.gov       refinement        http://www.phenix-online.org/ 
C++ ? 2 
PDB_EXTRACT 3.006 'June 11, 2008' package PDB               help@deposit.rcsb.org 'data extraction' 
http://sw-tools.pdb.org/apps/PDB_EXTRACT/                                   C++ ? 3 
RemDAq      .     ?               ?       ?                 ?                     'data collection' ? ?   ? 4 
XDS         .     ?               ?       ?                 ?                     'data reduction'  ? ?   ? 5 
MOLREP      .     ?               ?       ?                 ?                     phasing           ? ?   ? 6 
# 
loop_
_chem_comp_atom.comp_id 
_chem_comp_atom.atom_id 
_chem_comp_atom.type_symbol 
_chem_comp_atom.pdbx_aromatic_flag 
_chem_comp_atom.pdbx_stereo_config 
_chem_comp_atom.pdbx_ordinal 
A   OP3    O N N 1   
A   P      P N N 2   
A   OP1    O N N 3   
A   OP2    O N N 4   
A   "O5'"  O N N 5   
A   "C5'"  C N N 6   
A   "C4'"  C N R 7   
A   "O4'"  O N N 8   
A   "C3'"  C N S 9   
A   "O3'"  O N N 10  
A   "C2'"  C N R 11  
A   "O2'"  O N N 12  
A   "C1'"  C N R 13  
A   N9     N Y N 14  
A   C8     C Y N 15  
A   N7     N Y N 16  
A   C5     C Y N 17  
A   C6     C Y N 18  
A   N6     N N N 19  
A   N1     N Y N 20  
A   C2     C Y N 21  
A   N3     N Y N 22  
A   C4     C Y N 23  
A   HOP3   H N N 24  
A   HOP2   H N N 25  
A   "H5'"  H N N 26  
A   "H5''" H N N 27  
A   "H4'"  H N N 28  
A   "H3'"  H N N 29  
A   "HO3'" H N N 30  
A   "H2'"  H N N 31  
A   "HO2'" H N N 32  
A   "H1'"  H N N 33  
A   H8     H N N 34  
A   H61    H N N 35  
A   H62    H N N 36  
A   H2     H N N 37  
C   OP3    O N N 38  
C   P      P N N 39  
C   OP1    O N N 40  
C   OP2    O N N 41  
C   "O5'"  O N N 42  
C   "C5'"  C N N 43  
C   "C4'"  C N R 44  
C   "O4'"  O N N 45  
C   "C3'"  C N S 46  
C   "O3'"  O N N 47  
C   "C2'"  C N R 48  
C   "O2'"  O N N 49  
C   "C1'"  C N R 50  
C   N1     N N N 51  
C   C2     C N N 52  
C   O2     O N N 53  
C   N3     N N N 54  
C   C4     C N N 55  
C   N4     N N N 56  
C   C5     C N N 57  
C   C6     C N N 58  
C   HOP3   H N N 59  
C   HOP2   H N N 60  
C   "H5'"  H N N 61  
C   "H5''" H N N 62  
C   "H4'"  H N N 63  
C   "H3'"  H N N 64  
C   "HO3'" H N N 65  
C   "H2'"  H N N 66  
C   "HO2'" H N N 67  
C   "H1'"  H N N 68  
C   H41    H N N 69  
C   H42    H N N 70  
C   H5     H N N 71  
C   H6     H N N 72  
G   OP3    O N N 73  
G   P      P N N 74  
G   OP1    O N N 75  
G   OP2    O N N 76  
G   "O5'"  O N N 77  
G   "C5'"  C N N 78  
G   "C4'"  C N R 79  
G   "O4'"  O N N 80  
G   "C3'"  C N S 81  
G   "O3'"  O N N 82  
G   "C2'"  C N R 83  
G   "O2'"  O N N 84  
G   "C1'"  C N R 85  
G   N9     N Y N 86  
G   C8     C Y N 87  
G   N7     N Y N 88  
G   C5     C Y N 89  
G   C6     C N N 90  
G   O6     O N N 91  
G   N1     N N N 92  
G   C2     C N N 93  
G   N2     N N N 94  
G   N3     N N N 95  
G   C4     C Y N 96  
G   HOP3   H N N 97  
G   HOP2   H N N 98  
G   "H5'"  H N N 99  
G   "H5''" H N N 100 
G   "H4'"  H N N 101 
G   "H3'"  H N N 102 
G   "HO3'" H N N 103 
G   "H2'"  H N N 104 
G   "HO2'" H N N 105 
G   "H1'"  H N N 106 
G   H8     H N N 107 
G   H1     H N N 108 
G   H21    H N N 109 
G   H22    H N N 110 
HOH O      O N N 111 
HOH H1     H N N 112 
HOH H2     H N N 113 
OMU N1     N N N 114 
OMU C2     C N N 115 
OMU N3     N N N 116 
OMU C4     C N N 117 
OMU C5     C N N 118 
OMU C6     C N N 119 
OMU O2     O N N 120 
OMU O4     O N N 121 
OMU "C1'"  C N R 122 
OMU "C2'"  C N R 123 
OMU "O2'"  O N N 124 
OMU CM2    C N N 125 
OMU "C3'"  C N R 126 
OMU "C4'"  C N R 127 
OMU "O3'"  O N N 128 
OMU "O4'"  O N N 129 
OMU "C5'"  C N N 130 
OMU "O5'"  O N N 131 
OMU P      P N N 132 
OMU OP1    O N N 133 
OMU OP2    O N N 134 
OMU OP3    O N N 135 
OMU HN3    H N N 136 
OMU H5     H N N 137 
OMU H6     H N N 138 
OMU "H1'"  H N N 139 
OMU "H2'"  H N N 140 
OMU HM21   H N N 141 
OMU HM22   H N N 142 
OMU HM23   H N N 143 
OMU "H3'"  H N N 144 
OMU "H4'"  H N N 145 
OMU "HO3'" H N N 146 
OMU "H5'"  H N N 147 
OMU "H5''" H N N 148 
OMU HOP2   H N N 149 
OMU HOP3   H N N 150 
U   OP3    O N N 151 
U   P      P N N 152 
U   OP1    O N N 153 
U   OP2    O N N 154 
U   "O5'"  O N N 155 
U   "C5'"  C N N 156 
U   "C4'"  C N R 157 
U   "O4'"  O N N 158 
U   "C3'"  C N S 159 
U   "O3'"  O N N 160 
U   "C2'"  C N R 161 
U   "O2'"  O N N 162 
U   "C1'"  C N R 163 
U   N1     N N N 164 
U   C2     C N N 165 
U   O2     O N N 166 
U   N3     N N N 167 
U   C4     C N N 168 
U   O4     O N N 169 
U   C5     C N N 170 
U   C6     C N N 171 
U   HOP3   H N N 172 
U   HOP2   H N N 173 
U   "H5'"  H N N 174 
U   "H5''" H N N 175 
U   "H4'"  H N N 176 
U   "H3'"  H N N 177 
U   "HO3'" H N N 178 
U   "H2'"  H N N 179 
U   "HO2'" H N N 180 
U   "H1'"  H N N 181 
U   H3     H N N 182 
U   H5     H N N 183 
U   H6     H N N 184 
# 
loop_
_chem_comp_bond.comp_id 
_chem_comp_bond.atom_id_1 
_chem_comp_bond.atom_id_2 
_chem_comp_bond.value_order 
_chem_comp_bond.pdbx_aromatic_flag 
_chem_comp_bond.pdbx_stereo_config 
_chem_comp_bond.pdbx_ordinal 
A   OP3   P      sing N N 1   
A   OP3   HOP3   sing N N 2   
A   P     OP1    doub N N 3   
A   P     OP2    sing N N 4   
A   P     "O5'"  sing N N 5   
A   OP2   HOP2   sing N N 6   
A   "O5'" "C5'"  sing N N 7   
A   "C5'" "C4'"  sing N N 8   
A   "C5'" "H5'"  sing N N 9   
A   "C5'" "H5''" sing N N 10  
A   "C4'" "O4'"  sing N N 11  
A   "C4'" "C3'"  sing N N 12  
A   "C4'" "H4'"  sing N N 13  
A   "O4'" "C1'"  sing N N 14  
A   "C3'" "O3'"  sing N N 15  
A   "C3'" "C2'"  sing N N 16  
A   "C3'" "H3'"  sing N N 17  
A   "O3'" "HO3'" sing N N 18  
A   "C2'" "O2'"  sing N N 19  
A   "C2'" "C1'"  sing N N 20  
A   "C2'" "H2'"  sing N N 21  
A   "O2'" "HO2'" sing N N 22  
A   "C1'" N9     sing N N 23  
A   "C1'" "H1'"  sing N N 24  
A   N9    C8     sing Y N 25  
A   N9    C4     sing Y N 26  
A   C8    N7     doub Y N 27  
A   C8    H8     sing N N 28  
A   N7    C5     sing Y N 29  
A   C5    C6     sing Y N 30  
A   C5    C4     doub Y N 31  
A   C6    N6     sing N N 32  
A   C6    N1     doub Y N 33  
A   N6    H61    sing N N 34  
A   N6    H62    sing N N 35  
A   N1    C2     sing Y N 36  
A   C2    N3     doub Y N 37  
A   C2    H2     sing N N 38  
A   N3    C4     sing Y N 39  
C   OP3   P      sing N N 40  
C   OP3   HOP3   sing N N 41  
C   P     OP1    doub N N 42  
C   P     OP2    sing N N 43  
C   P     "O5'"  sing N N 44  
C   OP2   HOP2   sing N N 45  
C   "O5'" "C5'"  sing N N 46  
C   "C5'" "C4'"  sing N N 47  
C   "C5'" "H5'"  sing N N 48  
C   "C5'" "H5''" sing N N 49  
C   "C4'" "O4'"  sing N N 50  
C   "C4'" "C3'"  sing N N 51  
C   "C4'" "H4'"  sing N N 52  
C   "O4'" "C1'"  sing N N 53  
C   "C3'" "O3'"  sing N N 54  
C   "C3'" "C2'"  sing N N 55  
C   "C3'" "H3'"  sing N N 56  
C   "O3'" "HO3'" sing N N 57  
C   "C2'" "O2'"  sing N N 58  
C   "C2'" "C1'"  sing N N 59  
C   "C2'" "H2'"  sing N N 60  
C   "O2'" "HO2'" sing N N 61  
C   "C1'" N1     sing N N 62  
C   "C1'" "H1'"  sing N N 63  
C   N1    C2     sing N N 64  
C   N1    C6     sing N N 65  
C   C2    O2     doub N N 66  
C   C2    N3     sing N N 67  
C   N3    C4     doub N N 68  
C   C4    N4     sing N N 69  
C   C4    C5     sing N N 70  
C   N4    H41    sing N N 71  
C   N4    H42    sing N N 72  
C   C5    C6     doub N N 73  
C   C5    H5     sing N N 74  
C   C6    H6     sing N N 75  
G   OP3   P      sing N N 76  
G   OP3   HOP3   sing N N 77  
G   P     OP1    doub N N 78  
G   P     OP2    sing N N 79  
G   P     "O5'"  sing N N 80  
G   OP2   HOP2   sing N N 81  
G   "O5'" "C5'"  sing N N 82  
G   "C5'" "C4'"  sing N N 83  
G   "C5'" "H5'"  sing N N 84  
G   "C5'" "H5''" sing N N 85  
G   "C4'" "O4'"  sing N N 86  
G   "C4'" "C3'"  sing N N 87  
G   "C4'" "H4'"  sing N N 88  
G   "O4'" "C1'"  sing N N 89  
G   "C3'" "O3'"  sing N N 90  
G   "C3'" "C2'"  sing N N 91  
G   "C3'" "H3'"  sing N N 92  
G   "O3'" "HO3'" sing N N 93  
G   "C2'" "O2'"  sing N N 94  
G   "C2'" "C1'"  sing N N 95  
G   "C2'" "H2'"  sing N N 96  
G   "O2'" "HO2'" sing N N 97  
G   "C1'" N9     sing N N 98  
G   "C1'" "H1'"  sing N N 99  
G   N9    C8     sing Y N 100 
G   N9    C4     sing Y N 101 
G   C8    N7     doub Y N 102 
G   C8    H8     sing N N 103 
G   N7    C5     sing Y N 104 
G   C5    C6     sing N N 105 
G   C5    C4     doub Y N 106 
G   C6    O6     doub N N 107 
G   C6    N1     sing N N 108 
G   N1    C2     sing N N 109 
G   N1    H1     sing N N 110 
G   C2    N2     sing N N 111 
G   C2    N3     doub N N 112 
G   N2    H21    sing N N 113 
G   N2    H22    sing N N 114 
G   N3    C4     sing N N 115 
HOH O     H1     sing N N 116 
HOH O     H2     sing N N 117 
OMU N1    C2     sing N N 118 
OMU N1    C6     sing N N 119 
OMU N1    "C1'"  sing N N 120 
OMU C2    N3     sing N N 121 
OMU C2    O2     doub N N 122 
OMU N3    C4     sing N N 123 
OMU N3    HN3    sing N N 124 
OMU C4    C5     sing N N 125 
OMU C4    O4     doub N N 126 
OMU C5    C6     doub N N 127 
OMU C5    H5     sing N N 128 
OMU C6    H6     sing N N 129 
OMU "C1'" "C2'"  sing N N 130 
OMU "C1'" "O4'"  sing N N 131 
OMU "C1'" "H1'"  sing N N 132 
OMU "C2'" "O2'"  sing N N 133 
OMU "C2'" "C3'"  sing N N 134 
OMU "C2'" "H2'"  sing N N 135 
OMU "O2'" CM2    sing N N 136 
OMU CM2   HM21   sing N N 137 
OMU CM2   HM22   sing N N 138 
OMU CM2   HM23   sing N N 139 
OMU "C3'" "C4'"  sing N N 140 
OMU "C3'" "O3'"  sing N N 141 
OMU "C3'" "H3'"  sing N N 142 
OMU "C4'" "O4'"  sing N N 143 
OMU "C4'" "C5'"  sing N N 144 
OMU "C4'" "H4'"  sing N N 145 
OMU "O3'" "HO3'" sing N N 146 
OMU "C5'" "O5'"  sing N N 147 
OMU "C5'" "H5'"  sing N N 148 
OMU "C5'" "H5''" sing N N 149 
OMU "O5'" P      sing N N 150 
OMU P     OP1    doub N N 151 
OMU P     OP2    sing N N 152 
OMU P     OP3    sing N N 153 
OMU OP2   HOP2   sing N N 154 
OMU OP3   HOP3   sing N N 155 
U   OP3   P      sing N N 156 
U   OP3   HOP3   sing N N 157 
U   P     OP1    doub N N 158 
U   P     OP2    sing N N 159 
U   P     "O5'"  sing N N 160 
U   OP2   HOP2   sing N N 161 
U   "O5'" "C5'"  sing N N 162 
U   "C5'" "C4'"  sing N N 163 
U   "C5'" "H5'"  sing N N 164 
U   "C5'" "H5''" sing N N 165 
U   "C4'" "O4'"  sing N N 166 
U   "C4'" "C3'"  sing N N 167 
U   "C4'" "H4'"  sing N N 168 
U   "O4'" "C1'"  sing N N 169 
U   "C3'" "O3'"  sing N N 170 
U   "C3'" "C2'"  sing N N 171 
U   "C3'" "H3'"  sing N N 172 
U   "O3'" "HO3'" sing N N 173 
U   "C2'" "O2'"  sing N N 174 
U   "C2'" "C1'"  sing N N 175 
U   "C2'" "H2'"  sing N N 176 
U   "O2'" "HO2'" sing N N 177 
U   "C1'" N1     sing N N 178 
U   "C1'" "H1'"  sing N N 179 
U   N1    C2     sing N N 180 
U   N1    C6     sing N N 181 
U   C2    O2     doub N N 182 
U   C2    N3     sing N N 183 
U   N3    C4     sing N N 184 
U   N3    H3     sing N N 185 
U   C4    O4     doub N N 186 
U   C4    C5     sing N N 187 
U   C5    C6     doub N N 188 
U   C5    H5     sing N N 189 
U   C6    H6     sing N N 190 
# 
loop_
_ndb_struct_conf_na.entry_id 
_ndb_struct_conf_na.feature 
3DW5 'double helix'         
3DW5 'a-form double helix'  
3DW5 'mismatched base pair' 
3DW5 'triple helix'         
# 
loop_
_ndb_struct_na_base_pair.model_number 
_ndb_struct_na_base_pair.i_label_asym_id 
_ndb_struct_na_base_pair.i_label_comp_id 
_ndb_struct_na_base_pair.i_label_seq_id 
_ndb_struct_na_base_pair.i_symmetry 
_ndb_struct_na_base_pair.j_label_asym_id 
_ndb_struct_na_base_pair.j_label_comp_id 
_ndb_struct_na_base_pair.j_label_seq_id 
_ndb_struct_na_base_pair.j_symmetry 
_ndb_struct_na_base_pair.shear 
_ndb_struct_na_base_pair.stretch 
_ndb_struct_na_base_pair.stagger 
_ndb_struct_na_base_pair.buckle 
_ndb_struct_na_base_pair.propeller 
_ndb_struct_na_base_pair.opening 
_ndb_struct_na_base_pair.pair_number 
_ndb_struct_na_base_pair.pair_name 
_ndb_struct_na_base_pair.i_auth_asym_id 
_ndb_struct_na_base_pair.i_auth_seq_id 
_ndb_struct_na_base_pair.i_PDB_ins_code 
_ndb_struct_na_base_pair.j_auth_asym_id 
_ndb_struct_na_base_pair.j_auth_seq_id 
_ndb_struct_na_base_pair.j_PDB_ins_code 
_ndb_struct_na_base_pair.hbond_type_28 
_ndb_struct_na_base_pair.hbond_type_12 
1 A G   2  1_555 A U 26 1_555 -2.681 -0.875 0.291  -0.464 -14.611 0.956    1  A_G2648:U2672_A   A 2648 ? A 2672 ? 28 ?  
1 A C   3  1_555 A G 25 1_555 -1.114 0.221  0.577  -3.203 -14.650 4.537    2  A_C2649:G2671_A   A 2649 ? A 2671 ? ?  1  
1 A U   4  1_555 A A 24 1_555 -0.145 -0.065 0.143  6.039  -12.016 -1.302   3  A_U2650:A2670_A   A 2650 ? A 2670 ? 20 1  
1 A C   5  1_555 A G 23 1_555 0.282  -0.133 0.043  5.740  -17.745 2.305    4  A_C2651:G2669_A   A 2651 ? A 2669 ? 19 1  
1 A C   6  1_555 A G 22 1_555 0.320  -0.159 0.060  -3.513 -12.060 -1.890   5  A_C2652:G2668_A   A 2652 ? A 2668 ? 19 1  
1 A U   7  1_555 A C 21 1_555 5.823  -2.179 -0.231 -4.580 -13.247 -12.484  6  A_U2653:C2667_A   A 2653 ? A 2667 ? ?  ?  
1 A OMU 10 1_555 A A 19 1_555 4.164  -1.967 -0.705 6.032  -18.936 -101.659 7  A_OMU2656:A2665_A A 2656 ? A 2665 ? 24 4  
1 A A   11 1_555 A G 18 1_555 -6.818 -4.297 -0.140 -2.603 3.708   -2.796   8  A_A2657:G2664_A   A 2657 ? A 2664 ? 11 10 
1 A C   12 1_555 A G 17 1_555 0.158  -0.116 -0.208 6.575  -1.774  0.948    9  A_C2658:G2663_A   A 2658 ? A 2663 ? 19 1  
1 A G   13 1_555 A A 16 1_555 7.197  -5.251 0.709  18.150 -3.989  -18.708  10 A_G2659:A2662_A   A 2659 ? A 2662 ? ?  ?  
# 
loop_
_ndb_struct_na_base_pair_step.model_number 
_ndb_struct_na_base_pair_step.i_label_asym_id_1 
_ndb_struct_na_base_pair_step.i_label_comp_id_1 
_ndb_struct_na_base_pair_step.i_label_seq_id_1 
_ndb_struct_na_base_pair_step.i_symmetry_1 
_ndb_struct_na_base_pair_step.j_label_asym_id_1 
_ndb_struct_na_base_pair_step.j_label_comp_id_1 
_ndb_struct_na_base_pair_step.j_label_seq_id_1 
_ndb_struct_na_base_pair_step.j_symmetry_1 
_ndb_struct_na_base_pair_step.i_label_asym_id_2 
_ndb_struct_na_base_pair_step.i_label_comp_id_2 
_ndb_struct_na_base_pair_step.i_label_seq_id_2 
_ndb_struct_na_base_pair_step.i_symmetry_2 
_ndb_struct_na_base_pair_step.j_label_asym_id_2 
_ndb_struct_na_base_pair_step.j_label_comp_id_2 
_ndb_struct_na_base_pair_step.j_label_seq_id_2 
_ndb_struct_na_base_pair_step.j_symmetry_2 
_ndb_struct_na_base_pair_step.shift 
_ndb_struct_na_base_pair_step.slide 
_ndb_struct_na_base_pair_step.rise 
_ndb_struct_na_base_pair_step.tilt 
_ndb_struct_na_base_pair_step.roll 
_ndb_struct_na_base_pair_step.twist 
_ndb_struct_na_base_pair_step.x_displacement 
_ndb_struct_na_base_pair_step.y_displacement 
_ndb_struct_na_base_pair_step.helical_rise 
_ndb_struct_na_base_pair_step.inclination 
_ndb_struct_na_base_pair_step.tip 
_ndb_struct_na_base_pair_step.helical_twist 
_ndb_struct_na_base_pair_step.step_number 
_ndb_struct_na_base_pair_step.step_name 
_ndb_struct_na_base_pair_step.i_auth_asym_id_1 
_ndb_struct_na_base_pair_step.i_auth_seq_id_1 
_ndb_struct_na_base_pair_step.i_PDB_ins_code_1 
_ndb_struct_na_base_pair_step.j_auth_asym_id_1 
_ndb_struct_na_base_pair_step.j_auth_seq_id_1 
_ndb_struct_na_base_pair_step.j_PDB_ins_code_1 
_ndb_struct_na_base_pair_step.i_auth_asym_id_2 
_ndb_struct_na_base_pair_step.i_auth_seq_id_2 
_ndb_struct_na_base_pair_step.i_PDB_ins_code_2 
_ndb_struct_na_base_pair_step.j_auth_asym_id_2 
_ndb_struct_na_base_pair_step.j_auth_seq_id_2 
_ndb_struct_na_base_pair_step.j_PDB_ins_code_2 
1 A G   2  1_555 A U 26 1_555 A C   3  1_555 A G 25 1_555 -0.240 -1.275 3.237 -3.784 4.681  42.336  -2.206 -0.039 3.095 6.443  
5.208   42.743  1 AA_G2648C2649:G2671U2672_AA   A 2648 ? A 2672 ? A 2649 ? A 2671 ? 
1 A C   3  1_555 A G 25 1_555 A U   4  1_555 A A 24 1_555 -0.021 -2.176 2.880 1.555  4.684  28.177  -5.283 0.335  2.488 9.528  
-3.162  28.597  2 AA_C2649U2650:A2670G2671_AA   A 2649 ? A 2671 ? A 2650 ? A 2670 ? 
1 A U   4  1_555 A A 24 1_555 A C   5  1_555 A G 23 1_555 0.616  -1.355 3.131 0.629  3.703  36.280  -2.647 -0.903 2.993 5.926  
-1.006  36.468  3 AA_U2650C2651:G2669A2670_AA   A 2650 ? A 2670 ? A 2651 ? A 2669 ? 
1 A C   5  1_555 A G 23 1_555 A C   6  1_555 A G 22 1_555 -0.707 -1.924 3.357 -0.514 8.039  32.382  -4.634 1.151  2.822 14.143 
0.904   33.343  4 AA_C2651C2652:G2668G2669_AA   A 2651 ? A 2669 ? A 2652 ? A 2668 ? 
1 A C   6  1_555 A G 22 1_555 A U   7  1_555 A C 21 1_555 -0.559 -0.992 3.488 7.121  9.164  54.137  -1.627 1.037  3.203 9.940  
-7.725  55.275  5 AA_C2652U2653:C2667G2668_AA   A 2652 ? A 2668 ? A 2653 ? A 2667 ? 
1 A U   7  1_555 A C 21 1_555 A OMU 10 1_555 A A 19 1_555 0.655  -0.956 6.229 5.183  -4.376 31.758  -0.220 0.593  6.326 -7.885 
-9.339  32.456  6 AA_U2653OMU2656:A2665C2667_AA A 2653 ? A 2667 ? A 2656 ? A 2665 ? 
1 A OMU 10 1_555 A A 19 1_555 A A   11 1_555 A G 18 1_555 4.995  -1.289 3.554 -2.034 -1.429 -10.401 9.739  22.786 4.233 7.741  
-11.015 -10.693 7 AA_OMU2656A2657:G2664A2665_AA A 2656 ? A 2665 ? A 2657 ? A 2664 ? 
1 A A   11 1_555 A G 18 1_555 A C   12 1_555 A G 17 1_555 0.135  -1.137 3.167 -1.836 3.083  59.562  -1.291 -0.224 3.105 3.101  
1.847   59.660  8 AA_A2657C2658:G2663G2664_AA   A 2657 ? A 2664 ? A 2658 ? A 2663 ? 
1 A C   12 1_555 A G 17 1_555 A G   13 1_555 A A 16 1_555 -2.706 -1.327 2.969 -7.216 6.937  50.055  -1.994 2.672  3.108 8.106  
8.431   50.982  9 AA_C2658G2659:A2662G2663_AA   A 2658 ? A 2663 ? A 2659 ? A 2662 ? 
# 
_pdbx_entity_nonpoly.entity_id   2 
_pdbx_entity_nonpoly.name        water 
_pdbx_entity_nonpoly.comp_id     HOH 
# 
_pdbx_initial_refinement_model.id               1 
_pdbx_initial_refinement_model.entity_id_list   ? 
_pdbx_initial_refinement_model.type             'experimental model' 
_pdbx_initial_refinement_model.source_name      PDB 
_pdbx_initial_refinement_model.accession_code   1Q9A 
_pdbx_initial_refinement_model.details          ? 
# 
